data_4LTU
# 
_entry.id   4LTU 
# 
_audit_conform.dict_name       mmcif_pdbx.dic 
_audit_conform.dict_version    5.381 
_audit_conform.dict_location   http://mmcif.pdb.org/dictionaries/ascii/mmcif_pdbx.dic 
# 
loop_
_database_2.database_id 
_database_2.database_code 
_database_2.pdbx_database_accession 
_database_2.pdbx_DOI 
PDB   4LTU         pdb_00004ltu 10.2210/pdb4ltu/pdb 
RCSB  RCSB081078   ?            ?                   
WWPDB D_1000081078 ?            ?                   
# 
_pdbx_database_status.status_code                     REL 
_pdbx_database_status.entry_id                        4LTU 
_pdbx_database_status.recvd_initial_deposition_date   2013-07-24 
_pdbx_database_status.deposit_site                    RCSB 
_pdbx_database_status.process_site                    PDBJ 
_pdbx_database_status.methods_development_category    ? 
_pdbx_database_status.status_code_sf                  REL 
_pdbx_database_status.status_code_mr                  ? 
_pdbx_database_status.SG_entry                        ? 
_pdbx_database_status.status_code_cs                  ? 
_pdbx_database_status.pdb_format_compatible           Y 
_pdbx_database_status.status_code_nmr_data            ? 
# 
loop_
_audit_author.name 
_audit_author.pdbx_ordinal 
'Zhou, W.H.'  1 
'Zhang, T.'   2 
'Yang, H.'    3 
'Bell, S.G.'  4 
'Wong, L.-L.' 5 
# 
_citation.id                        primary 
_citation.title                     'Crystal Structure of Ferredoxin from Rhodopseudomonas palustris HaA2' 
_citation.journal_abbrev            'To be Published' 
_citation.journal_volume            ? 
_citation.page_first                ? 
_citation.page_last                 ? 
_citation.year                      ? 
_citation.journal_id_ASTM           ? 
_citation.country                   ? 
_citation.journal_id_ISSN           ? 
_citation.journal_id_CSD            0353 
_citation.book_publisher            ? 
_citation.pdbx_database_id_PubMed   ? 
_citation.pdbx_database_id_DOI      ? 
# 
loop_
_citation_author.citation_id 
_citation_author.name 
_citation_author.ordinal 
_citation_author.identifier_ORCID 
primary 'Zhou, W.H.'  1 ? 
primary 'Zhang, T.'   2 ? 
primary 'Yang, H.'    3 ? 
primary 'Bell, S.G.'  4 ? 
primary 'Wong, L.-L.' 5 ? 
# 
_cell.entry_id           4LTU 
_cell.length_a           30.983 
_cell.length_b           73.145 
_cell.length_c           78.845 
_cell.angle_alpha        90.00 
_cell.angle_beta         90.00 
_cell.angle_gamma        90.00 
_cell.Z_PDB              8 
_cell.pdbx_unique_axis   ? 
_cell.length_a_esd       ? 
_cell.length_b_esd       ? 
_cell.length_c_esd       ? 
_cell.angle_alpha_esd    ? 
_cell.angle_beta_esd     ? 
_cell.angle_gamma_esd    ? 
# 
_symmetry.entry_id                         4LTU 
_symmetry.space_group_name_H-M             'P 21 21 21' 
_symmetry.pdbx_full_space_group_name_H-M   ? 
_symmetry.cell_setting                     ? 
_symmetry.Int_Tables_number                19 
_symmetry.space_group_name_Hall            ? 
# 
loop_
_entity.id 
_entity.type 
_entity.src_method 
_entity.pdbx_description 
_entity.formula_weight 
_entity.pdbx_number_of_molecules 
_entity.pdbx_ec 
_entity.pdbx_mutation 
_entity.pdbx_fragment 
_entity.details 
1 polymer     man Ferredoxin                   11437.896 2  ? ? ? ? 
2 non-polymer syn 'FE2/S2 (INORGANIC) CLUSTER' 175.820   2  ? ? ? ? 
3 water       nat water                        18.015    46 ? ? ? ? 
# 
_entity_poly.entity_id                      1 
_entity_poly.type                           'polypeptide(L)' 
_entity_poly.nstd_linkage                   no 
_entity_poly.nstd_monomer                   no 
_entity_poly.pdbx_seq_one_letter_code       
;MPSITFIHPDGRSEIVDAAIGDSAMFAALNHGIDSIVAECGGNAVCATCHVYVDDLWLAKLPPVDANEDDLLDGTASDRL
PNSRLSCQIKIAPELDGLVLRIPERQT
;
_entity_poly.pdbx_seq_one_letter_code_can   
;MPSITFIHPDGRSEIVDAAIGDSAMFAALNHGIDSIVAECGGNAVCATCHVYVDDLWLAKLPPVDANEDDLLDGTASDRL
PNSRLSCQIKIAPELDGLVLRIPERQT
;
_entity_poly.pdbx_strand_id                 A,B 
_entity_poly.pdbx_target_identifier         ? 
# 
loop_
_entity_poly_seq.entity_id 
_entity_poly_seq.num 
_entity_poly_seq.mon_id 
_entity_poly_seq.hetero 
1 1   MET n 
1 2   PRO n 
1 3   SER n 
1 4   ILE n 
1 5   THR n 
1 6   PHE n 
1 7   ILE n 
1 8   HIS n 
1 9   PRO n 
1 10  ASP n 
1 11  GLY n 
1 12  ARG n 
1 13  SER n 
1 14  GLU n 
1 15  ILE n 
1 16  VAL n 
1 17  ASP n 
1 18  ALA n 
1 19  ALA n 
1 20  ILE n 
1 21  GLY n 
1 22  ASP n 
1 23  SER n 
1 24  ALA n 
1 25  MET n 
1 26  PHE n 
1 27  ALA n 
1 28  ALA n 
1 29  LEU n 
1 30  ASN n 
1 31  HIS n 
1 32  GLY n 
1 33  ILE n 
1 34  ASP n 
1 35  SER n 
1 36  ILE n 
1 37  VAL n 
1 38  ALA n 
1 39  GLU n 
1 40  CYS n 
1 41  GLY n 
1 42  GLY n 
1 43  ASN n 
1 44  ALA n 
1 45  VAL n 
1 46  CYS n 
1 47  ALA n 
1 48  THR n 
1 49  CYS n 
1 50  HIS n 
1 51  VAL n 
1 52  TYR n 
1 53  VAL n 
1 54  ASP n 
1 55  ASP n 
1 56  LEU n 
1 57  TRP n 
1 58  LEU n 
1 59  ALA n 
1 60  LYS n 
1 61  LEU n 
1 62  PRO n 
1 63  PRO n 
1 64  VAL n 
1 65  ASP n 
1 66  ALA n 
1 67  ASN n 
1 68  GLU n 
1 69  ASP n 
1 70  ASP n 
1 71  LEU n 
1 72  LEU n 
1 73  ASP n 
1 74  GLY n 
1 75  THR n 
1 76  ALA n 
1 77  SER n 
1 78  ASP n 
1 79  ARG n 
1 80  LEU n 
1 81  PRO n 
1 82  ASN n 
1 83  SER n 
1 84  ARG n 
1 85  LEU n 
1 86  SER n 
1 87  CYS n 
1 88  GLN n 
1 89  ILE n 
1 90  LYS n 
1 91  ILE n 
1 92  ALA n 
1 93  PRO n 
1 94  GLU n 
1 95  LEU n 
1 96  ASP n 
1 97  GLY n 
1 98  LEU n 
1 99  VAL n 
1 100 LEU n 
1 101 ARG n 
1 102 ILE n 
1 103 PRO n 
1 104 GLU n 
1 105 ARG n 
1 106 GLN n 
1 107 THR n 
# 
_entity_src_gen.entity_id                          1 
_entity_src_gen.pdbx_src_id                        1 
_entity_src_gen.pdbx_alt_source_flag               sample 
_entity_src_gen.pdbx_seq_type                      ? 
_entity_src_gen.pdbx_beg_seq_num                   ? 
_entity_src_gen.pdbx_end_seq_num                   ? 
_entity_src_gen.gene_src_common_name               ? 
_entity_src_gen.gene_src_genus                     ? 
_entity_src_gen.pdbx_gene_src_gene                 RPB_3614 
_entity_src_gen.gene_src_species                   ? 
_entity_src_gen.gene_src_strain                    HaA2 
_entity_src_gen.gene_src_tissue                    ? 
_entity_src_gen.gene_src_tissue_fraction           ? 
_entity_src_gen.gene_src_details                   ? 
_entity_src_gen.pdbx_gene_src_fragment             ? 
_entity_src_gen.pdbx_gene_src_scientific_name      'Rhodopseudomonas palustris' 
_entity_src_gen.pdbx_gene_src_ncbi_taxonomy_id     316058 
_entity_src_gen.pdbx_gene_src_variant              ? 
_entity_src_gen.pdbx_gene_src_cell_line            ? 
_entity_src_gen.pdbx_gene_src_atcc                 ? 
_entity_src_gen.pdbx_gene_src_organ                ? 
_entity_src_gen.pdbx_gene_src_organelle            ? 
_entity_src_gen.pdbx_gene_src_cell                 ? 
_entity_src_gen.pdbx_gene_src_cellular_location    ? 
_entity_src_gen.host_org_common_name               ? 
_entity_src_gen.pdbx_host_org_scientific_name      'Escherichia coli' 
_entity_src_gen.pdbx_host_org_ncbi_taxonomy_id     562 
_entity_src_gen.host_org_genus                     ? 
_entity_src_gen.pdbx_host_org_gene                 ? 
_entity_src_gen.pdbx_host_org_organ                ? 
_entity_src_gen.host_org_species                   ? 
_entity_src_gen.pdbx_host_org_tissue               ? 
_entity_src_gen.pdbx_host_org_tissue_fraction      ? 
_entity_src_gen.pdbx_host_org_strain               'BL21(DE3)' 
_entity_src_gen.pdbx_host_org_variant              ? 
_entity_src_gen.pdbx_host_org_cell_line            ? 
_entity_src_gen.pdbx_host_org_atcc                 ? 
_entity_src_gen.pdbx_host_org_culture_collection   ? 
_entity_src_gen.pdbx_host_org_cell                 ? 
_entity_src_gen.pdbx_host_org_organelle            ? 
_entity_src_gen.pdbx_host_org_cellular_location    ? 
_entity_src_gen.pdbx_host_org_vector_type          PLASMID 
_entity_src_gen.pdbx_host_org_vector               ? 
_entity_src_gen.host_org_details                   ? 
_entity_src_gen.expression_system_id               ? 
_entity_src_gen.plasmid_name                       pET28a 
_entity_src_gen.plasmid_details                    ? 
_entity_src_gen.pdbx_description                   ? 
# 
_struct_ref.id                         1 
_struct_ref.db_name                    UNP 
_struct_ref.db_code                    Q2IU01_RHOP2 
_struct_ref.pdbx_db_accession          Q2IU01 
_struct_ref.entity_id                  1 
_struct_ref.pdbx_seq_one_letter_code   
;MPSITFIHPDGRSEIVDAAIGDSAMFAALNHGIDSIVAECGGNAVCATCHVYVDDLWLAKLPPVDANEDDLLDGTASDRL
PNSRLSCQIKIAPELDGLVLRLPERQT
;
_struct_ref.pdbx_align_begin           1 
_struct_ref.pdbx_db_isoform            ? 
# 
loop_
_struct_ref_seq.align_id 
_struct_ref_seq.ref_id 
_struct_ref_seq.pdbx_PDB_id_code 
_struct_ref_seq.pdbx_strand_id 
_struct_ref_seq.seq_align_beg 
_struct_ref_seq.pdbx_seq_align_beg_ins_code 
_struct_ref_seq.seq_align_end 
_struct_ref_seq.pdbx_seq_align_end_ins_code 
_struct_ref_seq.pdbx_db_accession 
_struct_ref_seq.db_align_beg 
_struct_ref_seq.pdbx_db_align_beg_ins_code 
_struct_ref_seq.db_align_end 
_struct_ref_seq.pdbx_db_align_end_ins_code 
_struct_ref_seq.pdbx_auth_seq_align_beg 
_struct_ref_seq.pdbx_auth_seq_align_end 
1 1 4LTU A 1 ? 107 ? Q2IU01 1 ? 107 ? 0 106 
2 1 4LTU B 1 ? 107 ? Q2IU01 1 ? 107 ? 0 106 
# 
loop_
_struct_ref_seq_dif.align_id 
_struct_ref_seq_dif.pdbx_pdb_id_code 
_struct_ref_seq_dif.mon_id 
_struct_ref_seq_dif.pdbx_pdb_strand_id 
_struct_ref_seq_dif.seq_num 
_struct_ref_seq_dif.pdbx_pdb_ins_code 
_struct_ref_seq_dif.pdbx_seq_db_name 
_struct_ref_seq_dif.pdbx_seq_db_accession_code 
_struct_ref_seq_dif.db_mon_id 
_struct_ref_seq_dif.pdbx_seq_db_seq_num 
_struct_ref_seq_dif.details 
_struct_ref_seq_dif.pdbx_auth_seq_num 
_struct_ref_seq_dif.pdbx_ordinal 
1 4LTU ILE A 102 ? UNP Q2IU01 LEU 102 conflict 101 1 
2 4LTU ILE B 102 ? UNP Q2IU01 LEU 102 conflict 101 2 
# 
loop_
_chem_comp.id 
_chem_comp.type 
_chem_comp.mon_nstd_flag 
_chem_comp.name 
_chem_comp.pdbx_synonyms 
_chem_comp.formula 
_chem_comp.formula_weight 
ALA 'L-peptide linking' y ALANINE                      ? 'C3 H7 N O2'     89.093  
ARG 'L-peptide linking' y ARGININE                     ? 'C6 H15 N4 O2 1' 175.209 
ASN 'L-peptide linking' y ASPARAGINE                   ? 'C4 H8 N2 O3'    132.118 
ASP 'L-peptide linking' y 'ASPARTIC ACID'              ? 'C4 H7 N O4'     133.103 
CYS 'L-peptide linking' y CYSTEINE                     ? 'C3 H7 N O2 S'   121.158 
FES non-polymer         . 'FE2/S2 (INORGANIC) CLUSTER' ? 'Fe2 S2'         175.820 
GLN 'L-peptide linking' y GLUTAMINE                    ? 'C5 H10 N2 O3'   146.144 
GLU 'L-peptide linking' y 'GLUTAMIC ACID'              ? 'C5 H9 N O4'     147.129 
GLY 'peptide linking'   y GLYCINE                      ? 'C2 H5 N O2'     75.067  
HIS 'L-peptide linking' y HISTIDINE                    ? 'C6 H10 N3 O2 1' 156.162 
HOH non-polymer         . WATER                        ? 'H2 O'           18.015  
ILE 'L-peptide linking' y ISOLEUCINE                   ? 'C6 H13 N O2'    131.173 
LEU 'L-peptide linking' y LEUCINE                      ? 'C6 H13 N O2'    131.173 
LYS 'L-peptide linking' y LYSINE                       ? 'C6 H15 N2 O2 1' 147.195 
MET 'L-peptide linking' y METHIONINE                   ? 'C5 H11 N O2 S'  149.211 
PHE 'L-peptide linking' y PHENYLALANINE                ? 'C9 H11 N O2'    165.189 
PRO 'L-peptide linking' y PROLINE                      ? 'C5 H9 N O2'     115.130 
SER 'L-peptide linking' y SERINE                       ? 'C3 H7 N O3'     105.093 
THR 'L-peptide linking' y THREONINE                    ? 'C4 H9 N O3'     119.119 
TRP 'L-peptide linking' y TRYPTOPHAN                   ? 'C11 H12 N2 O2'  204.225 
TYR 'L-peptide linking' y TYROSINE                     ? 'C9 H11 N O3'    181.189 
VAL 'L-peptide linking' y VALINE                       ? 'C5 H11 N O2'    117.146 
# 
_exptl.entry_id          4LTU 
_exptl.method            'X-RAY DIFFRACTION' 
_exptl.crystals_number   1 
# 
_exptl_crystal.id                    1 
_exptl_crystal.density_meas          ? 
_exptl_crystal.density_Matthews      1.95 
_exptl_crystal.density_percent_sol   37.01 
_exptl_crystal.description           ? 
_exptl_crystal.F_000                 ? 
_exptl_crystal.preparation           ? 
# 
_exptl_crystal_grow.crystal_id      1 
_exptl_crystal_grow.method          'VAPOR DIFFUSION, HANGING DROP' 
_exptl_crystal_grow.temp            298 
_exptl_crystal_grow.temp_details    ? 
_exptl_crystal_grow.pH              6.0 
_exptl_crystal_grow.pdbx_details    
'0.01M Cobalt chloride hexahydrate, 0.1M MES pH 6.0, 1.8M Ammonium sulfate, VAPOR DIFFUSION, HANGING DROP, temperature 298K' 
_exptl_crystal_grow.pdbx_pH_range   . 
# 
_diffrn.id                     1 
_diffrn.ambient_temp           100 
_diffrn.ambient_temp_details   ? 
_diffrn.crystal_id             1 
# 
_diffrn_detector.diffrn_id              1 
_diffrn_detector.detector               'IMAGE PLATE' 
_diffrn_detector.type                   'RIGAKU RAXIS HTC' 
_diffrn_detector.pdbx_collection_date   2012-06-17 
_diffrn_detector.details                mirrors 
# 
_diffrn_radiation.diffrn_id                        1 
_diffrn_radiation.wavelength_id                    1 
_diffrn_radiation.pdbx_monochromatic_or_laue_m_l   M 
_diffrn_radiation.monochromator                    ? 
_diffrn_radiation.pdbx_diffrn_protocol             'SINGLE WAVELENGTH' 
_diffrn_radiation.pdbx_scattering_type             x-ray 
# 
_diffrn_radiation_wavelength.id           1 
_diffrn_radiation_wavelength.wavelength   1.5418 
_diffrn_radiation_wavelength.wt           1.0 
# 
_diffrn_source.diffrn_id                   1 
_diffrn_source.source                      'ROTATING ANODE' 
_diffrn_source.type                        'RIGAKU MICROMAX-007' 
_diffrn_source.pdbx_synchrotron_site       ? 
_diffrn_source.pdbx_synchrotron_beamline   ? 
_diffrn_source.pdbx_wavelength             ? 
_diffrn_source.pdbx_wavelength_list        1.5418 
# 
_reflns.entry_id                     4LTU 
_reflns.observed_criterion_sigma_I   1 
_reflns.observed_criterion_sigma_F   1 
_reflns.d_resolution_low             53.62 
_reflns.d_resolution_high            2.30 
_reflns.number_obs                   8261 
_reflns.number_all                   8395 
_reflns.percent_possible_obs         98.4 
_reflns.pdbx_Rmerge_I_obs            0.141 
_reflns.pdbx_Rsym_value              0.120 
_reflns.pdbx_netI_over_sigmaI        7.75 
_reflns.B_iso_Wilson_estimate        22.091 
_reflns.pdbx_redundancy              4.7 
_reflns.R_free_details               ? 
_reflns.limit_h_max                  ? 
_reflns.limit_h_min                  ? 
_reflns.limit_k_max                  ? 
_reflns.limit_k_min                  ? 
_reflns.limit_l_max                  ? 
_reflns.limit_l_min                  ? 
_reflns.observed_criterion_F_max     ? 
_reflns.observed_criterion_F_min     ? 
_reflns.pdbx_chi_squared             ? 
_reflns.pdbx_scaling_rejects         ? 
_reflns.pdbx_ordinal                 1 
_reflns.pdbx_diffrn_id               1 
# 
_reflns_shell.d_res_high                  2.30 
_reflns_shell.d_res_low                   2.38 
_reflns_shell.percent_possible_all        95.0 
_reflns_shell.Rmerge_I_obs                0.412 
_reflns_shell.pdbx_Rsym_value             0.381 
_reflns_shell.meanI_over_sigI_obs         2.42 
_reflns_shell.pdbx_redundancy             4.1 
_reflns_shell.percent_possible_obs        ? 
_reflns_shell.number_unique_all           832 
_reflns_shell.number_measured_all         ? 
_reflns_shell.number_measured_obs         ? 
_reflns_shell.number_unique_obs           ? 
_reflns_shell.pdbx_chi_squared            ? 
_reflns_shell.pdbx_rejects                ? 
_reflns_shell.pdbx_netI_over_sigmaI_obs   ? 
_reflns_shell.number_possible             ? 
_reflns_shell.Rmerge_F_all                ? 
_reflns_shell.Rmerge_F_obs                ? 
_reflns_shell.Rmerge_I_all                ? 
_reflns_shell.meanI_over_sigI_all         ? 
_reflns_shell.pdbx_Rrim_I_all             ? 
_reflns_shell.pdbx_Rpim_I_all             ? 
_reflns_shell.pdbx_ordinal                1 
_reflns_shell.pdbx_diffrn_id              1 
# 
_refine.entry_id                                 4LTU 
_refine.ls_number_reflns_obs                     7754 
_refine.ls_number_reflns_all                     7996 
_refine.pdbx_ls_sigma_I                          0 
_refine.pdbx_ls_sigma_F                          ? 
_refine.pdbx_data_cutoff_high_absF               ? 
_refine.pdbx_data_cutoff_low_absF                ? 
_refine.pdbx_data_cutoff_high_rms_absF           ? 
_refine.ls_d_res_low                             50.00 
_refine.ls_d_res_high                            2.31 
_refine.ls_percent_reflns_obs                    96.97 
_refine.ls_R_factor_obs                          0.23161 
_refine.ls_R_factor_all                          ? 
_refine.ls_R_factor_R_work                       0.22837 
_refine.ls_R_factor_R_free                       0.29775 
_refine.ls_R_factor_R_free_error                 ? 
_refine.ls_R_factor_R_free_error_details         ? 
_refine.ls_percent_reflns_R_free                 4.5 
_refine.ls_number_reflns_R_free                  368 
_refine.ls_number_parameters                     ? 
_refine.ls_number_restraints                     ? 
_refine.occupancy_min                            ? 
_refine.occupancy_max                            ? 
_refine.correlation_coeff_Fo_to_Fc               0.908 
_refine.correlation_coeff_Fo_to_Fc_free          0.841 
_refine.B_iso_mean                               22.091 
_refine.aniso_B[1][1]                            -1.79 
_refine.aniso_B[2][2]                            0.49 
_refine.aniso_B[3][3]                            1.30 
_refine.aniso_B[1][2]                            0.00 
_refine.aniso_B[1][3]                            0.00 
_refine.aniso_B[2][3]                            -0.00 
_refine.solvent_model_details                    MASK 
_refine.solvent_model_param_ksol                 ? 
_refine.solvent_model_param_bsol                 ? 
_refine.pdbx_solvent_vdw_probe_radii             1.40 
_refine.pdbx_solvent_ion_probe_radii             0.80 
_refine.pdbx_solvent_shrinkage_radii             0.80 
_refine.pdbx_ls_cross_valid_method               THROUGHOUT 
_refine.details                                  'HYDROGENS HAVE BEEN ADDED IN THE RIDING POSITIONS' 
_refine.pdbx_starting_model                      1R7S 
_refine.pdbx_method_to_determine_struct          'MOLECULAR REPLACEMENT' 
_refine.pdbx_isotropic_thermal_model             ? 
_refine.pdbx_stereochemistry_target_values       'MAXIMUM LIKELIHOOD' 
_refine.pdbx_stereochem_target_val_spec_case     ? 
_refine.pdbx_R_Free_selection_details            RANDOM 
_refine.pdbx_overall_ESU_R                       0.633 
_refine.pdbx_overall_ESU_R_Free                  0.324 
_refine.overall_SU_ML                            0.252 
_refine.pdbx_overall_phase_error                 ? 
_refine.overall_SU_B                             9.850 
_refine.overall_SU_R_Cruickshank_DPI             ? 
_refine.ls_redundancy_reflns_obs                 ? 
_refine.B_iso_min                                ? 
_refine.B_iso_max                                ? 
_refine.overall_SU_R_free                        ? 
_refine.ls_wR_factor_R_free                      ? 
_refine.ls_wR_factor_R_work                      ? 
_refine.overall_FOM_free_R_set                   ? 
_refine.overall_FOM_work_R_set                   ? 
_refine.pdbx_diffrn_id                           1 
_refine.pdbx_refine_id                           'X-RAY DIFFRACTION' 
_refine.pdbx_TLS_residual_ADP_flag               ? 
_refine.pdbx_overall_SU_R_free_Cruickshank_DPI   ? 
_refine.pdbx_overall_SU_R_Blow_DPI               ? 
_refine.pdbx_overall_SU_R_free_Blow_DPI          ? 
# 
_refine_hist.pdbx_refine_id                   'X-RAY DIFFRACTION' 
_refine_hist.cycle_id                         LAST 
_refine_hist.pdbx_number_atoms_protein        1582 
_refine_hist.pdbx_number_atoms_nucleic_acid   0 
_refine_hist.pdbx_number_atoms_ligand         8 
_refine_hist.number_atoms_solvent             46 
_refine_hist.number_atoms_total               1636 
_refine_hist.d_res_high                       2.31 
_refine_hist.d_res_low                        50.00 
# 
loop_
_refine_ls_restr.type 
_refine_ls_restr.dev_ideal 
_refine_ls_restr.dev_ideal_target 
_refine_ls_restr.weight 
_refine_ls_restr.number 
_refine_ls_restr.pdbx_restraint_function 
_refine_ls_restr.pdbx_refine_id 
r_bond_refined_d       0.014  ? ? ? ? 'X-RAY DIFFRACTION' 
r_angle_refined_deg    1.598  ? ? ? ? 'X-RAY DIFFRACTION' 
r_dihedral_angle_1_deg 6.296  ? ? ? ? 'X-RAY DIFFRACTION' 
r_dihedral_angle_2_deg 38.213 ? ? ? ? 'X-RAY DIFFRACTION' 
r_dihedral_angle_3_deg 17.571 ? ? ? ? 'X-RAY DIFFRACTION' 
r_dihedral_angle_4_deg 22.046 ? ? ? ? 'X-RAY DIFFRACTION' 
r_chiral_restr         0.110  ? ? ? ? 'X-RAY DIFFRACTION' 
r_gen_planes_refined   0.007  ? ? ? ? 'X-RAY DIFFRACTION' 
r_mcbond_it            0.638  ? ? ? ? 'X-RAY DIFFRACTION' 
r_mcangle_it           1.148  ? ? ? ? 'X-RAY DIFFRACTION' 
r_scbond_it            1.982  ? ? ? ? 'X-RAY DIFFRACTION' 
r_scangle_it           3.069  ? ? ? ? 'X-RAY DIFFRACTION' 
# 
_refine_ls_shell.pdbx_refine_id                   'X-RAY DIFFRACTION' 
_refine_ls_shell.pdbx_total_number_of_bins_used   20 
_refine_ls_shell.d_res_high                       2.308 
_refine_ls_shell.d_res_low                        2.368 
_refine_ls_shell.number_reflns_R_work             537 
_refine_ls_shell.R_factor_R_work                  0.248 
_refine_ls_shell.percent_reflns_obs               91.68 
_refine_ls_shell.R_factor_R_free                  0.365 
_refine_ls_shell.R_factor_R_free_error            ? 
_refine_ls_shell.percent_reflns_R_free            ? 
_refine_ls_shell.number_reflns_R_free             25 
_refine_ls_shell.number_reflns_all                ? 
_refine_ls_shell.R_factor_all                     ? 
_refine_ls_shell.number_reflns_obs                ? 
_refine_ls_shell.redundancy_reflns_obs            ? 
# 
_struct.entry_id                  4LTU 
_struct.title                     'Crystal Structure of Ferredoxin from Rhodopseudomonas palustris HaA2' 
_struct.pdbx_model_details        ? 
_struct.pdbx_CASP_flag            ? 
_struct.pdbx_model_type_details   ? 
# 
_struct_keywords.entry_id        4LTU 
_struct_keywords.pdbx_keywords   'ELECTRON TRANSPORT' 
_struct_keywords.text            '2Fe-2S single cluster domain, ELECTRON TRANSPORT' 
# 
loop_
_struct_asym.id 
_struct_asym.pdbx_blank_PDB_chainid_flag 
_struct_asym.pdbx_modified 
_struct_asym.entity_id 
_struct_asym.details 
A N N 1 ? 
B N N 1 ? 
C N N 2 ? 
D N N 2 ? 
E N N 3 ? 
F N N 3 ? 
# 
_struct_biol.id        1 
_struct_biol.details   ? 
# 
loop_
_struct_conf.conf_type_id 
_struct_conf.id 
_struct_conf.pdbx_PDB_helix_id 
_struct_conf.beg_label_comp_id 
_struct_conf.beg_label_asym_id 
_struct_conf.beg_label_seq_id 
_struct_conf.pdbx_beg_PDB_ins_code 
_struct_conf.end_label_comp_id 
_struct_conf.end_label_asym_id 
_struct_conf.end_label_seq_id 
_struct_conf.pdbx_end_PDB_ins_code 
_struct_conf.beg_auth_comp_id 
_struct_conf.beg_auth_asym_id 
_struct_conf.beg_auth_seq_id 
_struct_conf.end_auth_comp_id 
_struct_conf.end_auth_asym_id 
_struct_conf.end_auth_seq_id 
_struct_conf.pdbx_PDB_helix_class 
_struct_conf.details 
_struct_conf.pdbx_PDB_helix_length 
HELX_P HELX_P1 1 SER A 23 ? ASN A 30 ? SER A 22 ASN A 29 1 ? 8 
HELX_P HELX_P2 2 TRP A 57 ? LEU A 61 ? TRP A 56 LEU A 60 5 ? 5 
HELX_P HELX_P3 3 ASP A 65 ? ASP A 73 ? ASP A 64 ASP A 72 1 ? 9 
HELX_P HELX_P4 4 ALA A 92 ? ASP A 96 ? ALA A 91 ASP A 95 5 ? 5 
HELX_P HELX_P5 5 SER B 23 ? HIS B 31 ? SER B 22 HIS B 30 1 ? 9 
HELX_P HELX_P6 6 TRP B 57 ? LEU B 61 ? TRP B 56 LEU B 60 5 ? 5 
HELX_P HELX_P7 7 ASP B 65 ? LEU B 72 ? ASP B 64 LEU B 71 1 ? 8 
HELX_P HELX_P8 8 ASP B 73 ? THR B 75 ? ASP B 72 THR B 74 5 ? 3 
HELX_P HELX_P9 9 ALA B 92 ? ASP B 96 ? ALA B 91 ASP B 95 5 ? 5 
# 
_struct_conf_type.id          HELX_P 
_struct_conf_type.criteria    ? 
_struct_conf_type.reference   ? 
# 
loop_
_struct_conn.id 
_struct_conn.conn_type_id 
_struct_conn.pdbx_leaving_atom_flag 
_struct_conn.pdbx_PDB_id 
_struct_conn.ptnr1_label_asym_id 
_struct_conn.ptnr1_label_comp_id 
_struct_conn.ptnr1_label_seq_id 
_struct_conn.ptnr1_label_atom_id 
_struct_conn.pdbx_ptnr1_label_alt_id 
_struct_conn.pdbx_ptnr1_PDB_ins_code 
_struct_conn.pdbx_ptnr1_standard_comp_id 
_struct_conn.ptnr1_symmetry 
_struct_conn.ptnr2_label_asym_id 
_struct_conn.ptnr2_label_comp_id 
_struct_conn.ptnr2_label_seq_id 
_struct_conn.ptnr2_label_atom_id 
_struct_conn.pdbx_ptnr2_label_alt_id 
_struct_conn.pdbx_ptnr2_PDB_ins_code 
_struct_conn.ptnr1_auth_asym_id 
_struct_conn.ptnr1_auth_comp_id 
_struct_conn.ptnr1_auth_seq_id 
_struct_conn.ptnr2_auth_asym_id 
_struct_conn.ptnr2_auth_comp_id 
_struct_conn.ptnr2_auth_seq_id 
_struct_conn.ptnr2_symmetry 
_struct_conn.pdbx_ptnr3_label_atom_id 
_struct_conn.pdbx_ptnr3_label_seq_id 
_struct_conn.pdbx_ptnr3_label_comp_id 
_struct_conn.pdbx_ptnr3_label_asym_id 
_struct_conn.pdbx_ptnr3_label_alt_id 
_struct_conn.pdbx_ptnr3_PDB_ins_code 
_struct_conn.details 
_struct_conn.pdbx_dist_value 
_struct_conn.pdbx_value_order 
_struct_conn.pdbx_role 
metalc1 metalc ? ? A CYS 40 SG ? ? ? 1_555 C FES . FE1 ? ? A CYS 39 A FES 201 1_555 ? ? ? ? ? ? ? 2.163 ? ? 
metalc2 metalc ? ? A CYS 46 SG ? ? ? 1_555 C FES . FE1 ? ? A CYS 45 A FES 201 1_555 ? ? ? ? ? ? ? 2.247 ? ? 
metalc3 metalc ? ? A CYS 49 SG ? ? ? 1_555 C FES . FE2 ? ? A CYS 48 A FES 201 1_555 ? ? ? ? ? ? ? 2.279 ? ? 
metalc4 metalc ? ? A CYS 87 SG ? ? ? 1_555 C FES . FE2 ? ? A CYS 86 A FES 201 1_555 ? ? ? ? ? ? ? 2.126 ? ? 
metalc5 metalc ? ? B CYS 40 SG ? ? ? 1_555 D FES . FE1 ? ? B CYS 39 B FES 201 1_555 ? ? ? ? ? ? ? 2.258 ? ? 
metalc6 metalc ? ? B CYS 46 SG ? ? ? 1_555 D FES . FE1 ? ? B CYS 45 B FES 201 1_555 ? ? ? ? ? ? ? 2.110 ? ? 
metalc7 metalc ? ? B CYS 49 SG ? ? ? 1_555 D FES . FE2 ? ? B CYS 48 B FES 201 1_555 ? ? ? ? ? ? ? 2.255 ? ? 
metalc8 metalc ? ? B CYS 87 SG ? ? ? 1_555 D FES . FE2 ? ? B CYS 86 B FES 201 1_555 ? ? ? ? ? ? ? 2.250 ? ? 
# 
_struct_conn_type.id          metalc 
_struct_conn_type.criteria    ? 
_struct_conn_type.reference   ? 
# 
loop_
_struct_sheet.id 
_struct_sheet.type 
_struct_sheet.number_strands 
_struct_sheet.details 
A ? 5 ? 
B ? 5 ? 
# 
loop_
_struct_sheet_order.sheet_id 
_struct_sheet_order.range_id_1 
_struct_sheet_order.range_id_2 
_struct_sheet_order.offset 
_struct_sheet_order.sense 
A 1 2 ? anti-parallel 
A 2 3 ? parallel      
A 3 4 ? anti-parallel 
A 4 5 ? anti-parallel 
B 1 2 ? anti-parallel 
B 2 3 ? parallel      
B 3 4 ? anti-parallel 
B 4 5 ? anti-parallel 
# 
loop_
_struct_sheet_range.sheet_id 
_struct_sheet_range.id 
_struct_sheet_range.beg_label_comp_id 
_struct_sheet_range.beg_label_asym_id 
_struct_sheet_range.beg_label_seq_id 
_struct_sheet_range.pdbx_beg_PDB_ins_code 
_struct_sheet_range.end_label_comp_id 
_struct_sheet_range.end_label_asym_id 
_struct_sheet_range.end_label_seq_id 
_struct_sheet_range.pdbx_end_PDB_ins_code 
_struct_sheet_range.beg_auth_comp_id 
_struct_sheet_range.beg_auth_asym_id 
_struct_sheet_range.beg_auth_seq_id 
_struct_sheet_range.end_auth_comp_id 
_struct_sheet_range.end_auth_asym_id 
_struct_sheet_range.end_auth_seq_id 
A 1 SER A 13 ? ASP A 17  ? SER A 12 ASP A 16  
A 2 SER A 3  ? ILE A 7   ? SER A 2  ILE A 6   
A 3 VAL A 99 ? ARG A 101 ? VAL A 98 ARG A 100 
A 4 HIS A 50 ? VAL A 53  ? HIS A 49 VAL A 52  
A 5 SER A 83 ? LEU A 85  ? SER A 82 LEU A 84  
B 1 SER B 13 ? ASP B 17  ? SER B 12 ASP B 16  
B 2 SER B 3  ? ILE B 7   ? SER B 2  ILE B 6   
B 3 VAL B 99 ? ARG B 101 ? VAL B 98 ARG B 100 
B 4 HIS B 50 ? VAL B 53  ? HIS B 49 VAL B 52  
B 5 SER B 83 ? LEU B 85  ? SER B 82 LEU B 84  
# 
loop_
_pdbx_struct_sheet_hbond.sheet_id 
_pdbx_struct_sheet_hbond.range_id_1 
_pdbx_struct_sheet_hbond.range_id_2 
_pdbx_struct_sheet_hbond.range_1_label_atom_id 
_pdbx_struct_sheet_hbond.range_1_label_comp_id 
_pdbx_struct_sheet_hbond.range_1_label_asym_id 
_pdbx_struct_sheet_hbond.range_1_label_seq_id 
_pdbx_struct_sheet_hbond.range_1_PDB_ins_code 
_pdbx_struct_sheet_hbond.range_1_auth_atom_id 
_pdbx_struct_sheet_hbond.range_1_auth_comp_id 
_pdbx_struct_sheet_hbond.range_1_auth_asym_id 
_pdbx_struct_sheet_hbond.range_1_auth_seq_id 
_pdbx_struct_sheet_hbond.range_2_label_atom_id 
_pdbx_struct_sheet_hbond.range_2_label_comp_id 
_pdbx_struct_sheet_hbond.range_2_label_asym_id 
_pdbx_struct_sheet_hbond.range_2_label_seq_id 
_pdbx_struct_sheet_hbond.range_2_PDB_ins_code 
_pdbx_struct_sheet_hbond.range_2_auth_atom_id 
_pdbx_struct_sheet_hbond.range_2_auth_comp_id 
_pdbx_struct_sheet_hbond.range_2_auth_asym_id 
_pdbx_struct_sheet_hbond.range_2_auth_seq_id 
A 1 2 O GLU A 14  ? O GLU A 13  N PHE A 6   ? N PHE A 5  
A 2 3 N THR A 5   ? N THR A 4   O LEU A 100 ? O LEU A 99 
A 3 4 O ARG A 101 ? O ARG A 100 N TYR A 52  ? N TYR A 51 
A 4 5 N VAL A 51  ? N VAL A 50  O ARG A 84  ? O ARG A 83 
B 1 2 O VAL B 16  ? O VAL B 15  N ILE B 4   ? N ILE B 3  
B 2 3 N THR B 5   ? N THR B 4   O LEU B 100 ? O LEU B 99 
B 3 4 O ARG B 101 ? O ARG B 100 N TYR B 52  ? N TYR B 51 
B 4 5 N VAL B 51  ? N VAL B 50  O ARG B 84  ? O ARG B 83 
# 
loop_
_struct_site.id 
_struct_site.pdbx_evidence_code 
_struct_site.pdbx_auth_asym_id 
_struct_site.pdbx_auth_comp_id 
_struct_site.pdbx_auth_seq_id 
_struct_site.pdbx_auth_ins_code 
_struct_site.pdbx_num_residues 
_struct_site.details 
AC1 Software A FES 201 ? 7 'BINDING SITE FOR RESIDUE FES A 201' 
AC2 Software B FES 201 ? 7 'BINDING SITE FOR RESIDUE FES B 201' 
# 
loop_
_struct_site_gen.id 
_struct_site_gen.site_id 
_struct_site_gen.pdbx_num_res 
_struct_site_gen.label_comp_id 
_struct_site_gen.label_asym_id 
_struct_site_gen.label_seq_id 
_struct_site_gen.pdbx_auth_ins_code 
_struct_site_gen.auth_comp_id 
_struct_site_gen.auth_asym_id 
_struct_site_gen.auth_seq_id 
_struct_site_gen.label_atom_id 
_struct_site_gen.label_alt_id 
_struct_site_gen.symmetry 
_struct_site_gen.details 
1  AC1 7 ALA A 38 ? ALA A 37 . ? 1_555 ? 
2  AC1 7 CYS A 40 ? CYS A 39 . ? 1_555 ? 
3  AC1 7 GLY A 42 ? GLY A 41 . ? 1_555 ? 
4  AC1 7 ALA A 44 ? ALA A 43 . ? 1_555 ? 
5  AC1 7 CYS A 46 ? CYS A 45 . ? 1_555 ? 
6  AC1 7 CYS A 49 ? CYS A 48 . ? 1_555 ? 
7  AC1 7 CYS A 87 ? CYS A 86 . ? 1_555 ? 
8  AC2 7 ALA B 38 ? ALA B 37 . ? 1_555 ? 
9  AC2 7 CYS B 40 ? CYS B 39 . ? 1_555 ? 
10 AC2 7 GLY B 42 ? GLY B 41 . ? 1_555 ? 
11 AC2 7 ALA B 44 ? ALA B 43 . ? 1_555 ? 
12 AC2 7 CYS B 46 ? CYS B 45 . ? 1_555 ? 
13 AC2 7 CYS B 49 ? CYS B 48 . ? 1_555 ? 
14 AC2 7 CYS B 87 ? CYS B 86 . ? 1_555 ? 
# 
_atom_sites.entry_id                    4LTU 
_atom_sites.fract_transf_matrix[1][1]   -0.01345575 
_atom_sites.fract_transf_matrix[1][2]   -0.02932933 
_atom_sites.fract_transf_matrix[1][3]   -0.00068795 
_atom_sites.fract_transf_matrix[2][1]   0.00213962 
_atom_sites.fract_transf_matrix[2][2]   -0.00129687 
_atom_sites.fract_transf_matrix[2][3]   0.01344010 
_atom_sites.fract_transf_matrix[3][1]   -0.01135609 
_atom_sites.fract_transf_matrix[3][2]   0.00515588 
_atom_sites.fract_transf_matrix[3][3]   0.00230535 
_atom_sites.fract_transf_vector[1]      -0.166078 
_atom_sites.fract_transf_vector[2]      0.081411 
_atom_sites.fract_transf_vector[3]      0.092248 
# 
loop_
_atom_type.symbol 
C  
FE 
N  
O  
S  
# 
loop_
_atom_site.group_PDB 
_atom_site.id 
_atom_site.type_symbol 
_atom_site.label_atom_id 
_atom_site.label_alt_id 
_atom_site.label_comp_id 
_atom_site.label_asym_id 
_atom_site.label_entity_id 
_atom_site.label_seq_id 
_atom_site.pdbx_PDB_ins_code 
_atom_site.Cartn_x 
_atom_site.Cartn_y 
_atom_site.Cartn_z 
_atom_site.occupancy 
_atom_site.B_iso_or_equiv 
_atom_site.pdbx_formal_charge 
_atom_site.auth_seq_id 
_atom_site.auth_comp_id 
_atom_site.auth_asym_id 
_atom_site.auth_atom_id 
_atom_site.pdbx_PDB_model_num 
ATOM   1    N  N   . PRO A 1 2   ? 11.379  -10.031 -23.130 1.00 26.80 ? 1   PRO A N   1 
ATOM   2    C  CA  . PRO A 1 2   ? 10.518  -10.588 -22.091 1.00 26.04 ? 1   PRO A CA  1 
ATOM   3    C  C   . PRO A 1 2   ? 9.071   -10.103 -22.137 1.00 25.94 ? 1   PRO A C   1 
ATOM   4    O  O   . PRO A 1 2   ? 8.577   -9.621  -23.176 1.00 25.61 ? 1   PRO A O   1 
ATOM   5    C  CB  . PRO A 1 2   ? 11.209  -10.137 -20.800 1.00 26.26 ? 1   PRO A CB  1 
ATOM   6    C  CG  . PRO A 1 2   ? 12.652  -10.158 -21.144 1.00 25.54 ? 1   PRO A CG  1 
ATOM   7    C  CD  . PRO A 1 2   ? 12.729  -9.733  -22.610 1.00 27.01 ? 1   PRO A CD  1 
ATOM   8    N  N   . SER A 1 3   ? 8.395   -10.250 -21.004 1.00 25.28 ? 2   SER A N   1 
ATOM   9    C  CA  . SER A 1 3   ? 6.968   -10.127 -20.943 1.00 25.01 ? 2   SER A CA  1 
ATOM   10   C  C   . SER A 1 3   ? 6.584   -9.668  -19.548 1.00 24.87 ? 2   SER A C   1 
ATOM   11   O  O   . SER A 1 3   ? 7.068   -10.210 -18.541 1.00 24.36 ? 2   SER A O   1 
ATOM   12   C  CB  . SER A 1 3   ? 6.340   -11.497 -21.222 1.00 25.95 ? 2   SER A CB  1 
ATOM   13   O  OG  . SER A 1 3   ? 5.000   -11.376 -21.650 1.00 25.20 ? 2   SER A OG  1 
ATOM   14   N  N   . ILE A 1 4   ? 5.704   -8.669  -19.506 1.00 24.02 ? 3   ILE A N   1 
ATOM   15   C  CA  . ILE A 1 4   ? 5.232   -8.096  -18.269 1.00 23.72 ? 3   ILE A CA  1 
ATOM   16   C  C   . ILE A 1 4   ? 3.752   -8.312  -18.227 1.00 23.11 ? 3   ILE A C   1 
ATOM   17   O  O   . ILE A 1 4   ? 3.057   -8.061  -19.199 1.00 23.99 ? 3   ILE A O   1 
ATOM   18   C  CB  . ILE A 1 4   ? 5.430   -6.551  -18.194 1.00 24.04 ? 3   ILE A CB  1 
ATOM   19   C  CG1 . ILE A 1 4   ? 6.876   -6.136  -18.446 1.00 23.31 ? 3   ILE A CG1 1 
ATOM   20   C  CG2 . ILE A 1 4   ? 4.974   -6.013  -16.834 1.00 24.25 ? 3   ILE A CG2 1 
ATOM   21   C  CD1 . ILE A 1 4   ? 6.975   -4.669  -18.792 1.00 22.80 ? 3   ILE A CD1 1 
ATOM   22   N  N   . THR A 1 5   ? 3.263   -8.731  -17.070 1.00 22.40 ? 4   THR A N   1 
ATOM   23   C  CA  . THR A 1 5   ? 1.823   -8.831  -16.834 1.00 21.17 ? 4   THR A CA  1 
ATOM   24   C  C   . THR A 1 5   ? 1.324   -7.577  -16.105 1.00 20.61 ? 4   THR A C   1 
ATOM   25   O  O   . THR A 1 5   ? 1.836   -7.251  -15.033 1.00 20.24 ? 4   THR A O   1 
ATOM   26   C  CB  . THR A 1 5   ? 1.531   -10.087 -15.996 1.00 20.36 ? 4   THR A CB  1 
ATOM   27   O  OG1 . THR A 1 5   ? 2.306   -11.185 -16.516 1.00 21.89 ? 4   THR A OG1 1 
ATOM   28   C  CG2 . THR A 1 5   ? 0.082   -10.427 -16.026 1.00 18.64 ? 4   THR A CG2 1 
ATOM   29   N  N   . PHE A 1 6   ? 0.345   -6.874  -16.687 1.00 19.83 ? 5   PHE A N   1 
ATOM   30   C  CA  . PHE A 1 6   ? -0.290  -5.730  -16.027 1.00 19.56 ? 5   PHE A CA  1 
ATOM   31   C  C   . PHE A 1 6   ? -1.715  -6.071  -15.570 1.00 20.06 ? 5   PHE A C   1 
ATOM   32   O  O   . PHE A 1 6   ? -2.482  -6.662  -16.342 1.00 19.81 ? 5   PHE A O   1 
ATOM   33   C  CB  . PHE A 1 6   ? -0.368  -4.514  -16.954 1.00 19.52 ? 5   PHE A CB  1 
ATOM   34   C  CG  . PHE A 1 6   ? 0.909   -3.699  -17.039 1.00 19.13 ? 5   PHE A CG  1 
ATOM   35   C  CD1 . PHE A 1 6   ? 1.138   -2.635  -16.159 1.00 18.25 ? 5   PHE A CD1 1 
ATOM   36   C  CD2 . PHE A 1 6   ? 1.852   -3.963  -18.028 1.00 15.61 ? 5   PHE A CD2 1 
ATOM   37   C  CE1 . PHE A 1 6   ? 2.313   -1.857  -16.254 1.00 18.11 ? 5   PHE A CE1 1 
ATOM   38   C  CE2 . PHE A 1 6   ? 3.028   -3.200  -18.129 1.00 16.13 ? 5   PHE A CE2 1 
ATOM   39   C  CZ  . PHE A 1 6   ? 3.260   -2.147  -17.245 1.00 16.61 ? 5   PHE A CZ  1 
ATOM   40   N  N   . ILE A 1 7   ? -2.074  -5.678  -14.343 1.00 19.20 ? 6   ILE A N   1 
ATOM   41   C  CA  . ILE A 1 7   ? -3.440  -5.894  -13.830 1.00 19.54 ? 6   ILE A CA  1 
ATOM   42   C  C   . ILE A 1 7   ? -4.156  -4.585  -13.481 1.00 19.21 ? 6   ILE A C   1 
ATOM   43   O  O   . ILE A 1 7   ? -3.659  -3.786  -12.695 1.00 18.55 ? 6   ILE A O   1 
ATOM   44   C  CB  . ILE A 1 7   ? -3.444  -6.865  -12.627 1.00 19.39 ? 6   ILE A CB  1 
ATOM   45   C  CG1 . ILE A 1 7   ? -3.039  -8.254  -13.100 1.00 18.88 ? 6   ILE A CG1 1 
ATOM   46   C  CG2 . ILE A 1 7   ? -4.815  -6.876  -11.904 1.00 20.31 ? 6   ILE A CG2 1 
ATOM   47   C  CD1 . ILE A 1 7   ? -2.149  -8.957  -12.137 1.00 20.18 ? 6   ILE A CD1 1 
ATOM   48   N  N   . HIS A 1 8   ? -5.314  -4.382  -14.098 1.00 20.06 ? 7   HIS A N   1 
ATOM   49   C  CA  . HIS A 1 8   ? -6.158  -3.200  -13.882 1.00 20.46 ? 7   HIS A CA  1 
ATOM   50   C  C   . HIS A 1 8   ? -6.878  -3.288  -12.552 1.00 21.60 ? 7   HIS A C   1 
ATOM   51   O  O   . HIS A 1 8   ? -7.033  -4.387  -12.002 1.00 23.30 ? 7   HIS A O   1 
ATOM   52   C  CB  . HIS A 1 8   ? -7.145  -3.022  -15.045 1.00 19.35 ? 7   HIS A CB  1 
ATOM   53   C  CG  . HIS A 1 8   ? -6.466  -2.727  -16.351 1.00 18.76 ? 7   HIS A CG  1 
ATOM   54   N  ND1 . HIS A 1 8   ? -5.900  -3.714  -17.130 1.00 17.07 ? 7   HIS A ND1 1 
ATOM   55   C  CD2 . HIS A 1 8   ? -6.208  -1.555  -16.982 1.00 16.13 ? 7   HIS A CD2 1 
ATOM   56   C  CE1 . HIS A 1 8   ? -5.334  -3.163  -18.189 1.00 17.12 ? 7   HIS A CE1 1 
ATOM   57   N  NE2 . HIS A 1 8   ? -5.515  -1.857  -18.130 1.00 17.14 ? 7   HIS A NE2 1 
ATOM   58   N  N   . PRO A 1 9   ? -7.294  -2.140  -12.005 1.00 22.49 ? 8   PRO A N   1 
ATOM   59   C  CA  . PRO A 1 9   ? -8.085  -2.116  -10.773 1.00 23.48 ? 8   PRO A CA  1 
ATOM   60   C  C   . PRO A 1 9   ? -9.172  -3.198  -10.755 1.00 24.56 ? 8   PRO A C   1 
ATOM   61   O  O   . PRO A 1 9   ? -9.421  -3.819  -9.695  1.00 24.73 ? 8   PRO A O   1 
ATOM   62   C  CB  . PRO A 1 9   ? -8.743  -0.721  -10.797 1.00 23.52 ? 8   PRO A CB  1 
ATOM   63   C  CG  . PRO A 1 9   ? -8.215  -0.021  -12.003 1.00 23.01 ? 8   PRO A CG  1 
ATOM   64   C  CD  . PRO A 1 9   ? -7.026  -0.779  -12.506 1.00 22.61 ? 8   PRO A CD  1 
ATOM   65   N  N   . ASP A 1 10  ? -9.797  -3.432  -11.916 1.00 24.48 ? 9   ASP A N   1 
ATOM   66   C  CA  . ASP A 1 10  ? -10.912 -4.387  -12.007 1.00 24.64 ? 9   ASP A CA  1 
ATOM   67   C  C   . ASP A 1 10  ? -10.479 -5.846  -11.949 1.00 24.62 ? 9   ASP A C   1 
ATOM   68   O  O   . ASP A 1 10  ? -11.305 -6.723  -11.702 1.00 25.62 ? 9   ASP A O   1 
ATOM   69   C  CB  . ASP A 1 10  ? -11.829 -4.106  -13.226 1.00 23.91 ? 9   ASP A CB  1 
ATOM   70   C  CG  . ASP A 1 10  ? -11.082 -4.052  -14.558 1.00 24.09 ? 9   ASP A CG  1 
ATOM   71   O  OD1 . ASP A 1 10  ? -11.707 -3.604  -15.536 1.00 27.19 ? 9   ASP A OD1 1 
ATOM   72   O  OD2 . ASP A 1 10  ? -9.905  -4.458  -14.665 1.00 19.66 ? 9   ASP A OD2 1 
ATOM   73   N  N   . GLY A 1 11  ? -9.194  -6.108  -12.187 1.00 24.48 ? 10  GLY A N   1 
ATOM   74   C  CA  . GLY A 1 11  ? -8.617  -7.443  -11.992 1.00 23.64 ? 10  GLY A CA  1 
ATOM   75   C  C   . GLY A 1 11  ? -8.292  -8.110  -13.302 1.00 24.07 ? 10  GLY A C   1 
ATOM   76   O  O   . GLY A 1 11  ? -7.809  -9.244  -13.338 1.00 23.70 ? 10  GLY A O   1 
ATOM   77   N  N   . ARG A 1 12  ? -8.558  -7.407  -14.399 1.00 23.59 ? 11  ARG A N   1 
ATOM   78   C  CA  . ARG A 1 12  ? -8.312  -7.989  -15.689 1.00 23.40 ? 11  ARG A CA  1 
ATOM   79   C  C   . ARG A 1 12  ? -6.850  -7.795  -16.076 1.00 23.23 ? 11  ARG A C   1 
ATOM   80   O  O   . ARG A 1 12  ? -6.179  -6.886  -15.566 1.00 23.03 ? 11  ARG A O   1 
ATOM   81   C  CB  . ARG A 1 12  ? -9.284  -7.454  -16.733 1.00 23.20 ? 11  ARG A CB  1 
ATOM   82   C  CG  . ARG A 1 12  ? -8.955  -6.087  -17.249 1.00 24.07 ? 11  ARG A CG  1 
ATOM   83   C  CD  . ARG A 1 12  ? -10.195 -5.500  -17.905 1.00 22.36 ? 11  ARG A CD  1 
ATOM   84   N  NE  . ARG A 1 12  ? -10.105 -4.046  -17.984 1.00 24.20 ? 11  ARG A NE  1 
ATOM   85   C  CZ  . ARG A 1 12  ? -9.387  -3.402  -18.887 1.00 23.43 ? 11  ARG A CZ  1 
ATOM   86   N  NH1 . ARG A 1 12  ? -8.669  -4.097  -19.768 1.00 23.49 ? 11  ARG A NH1 1 
ATOM   87   N  NH2 . ARG A 1 12  ? -9.381  -2.076  -18.902 1.00 23.18 ? 11  ARG A NH2 1 
ATOM   88   N  N   . SER A 1 13  ? -6.355  -8.668  -16.949 1.00 22.28 ? 12  SER A N   1 
ATOM   89   C  CA  . SER A 1 13  ? -4.946  -8.655  -17.268 1.00 22.56 ? 12  SER A CA  1 
ATOM   90   C  C   . SER A 1 13  ? -4.649  -8.392  -18.728 1.00 23.09 ? 12  SER A C   1 
ATOM   91   O  O   . SER A 1 13  ? -5.518  -8.530  -19.632 1.00 22.69 ? 12  SER A O   1 
ATOM   92   C  CB  . SER A 1 13  ? -4.221  -9.914  -16.770 1.00 22.68 ? 12  SER A CB  1 
ATOM   93   O  OG  . SER A 1 13  ? -4.907  -11.106 -17.123 1.00 23.72 ? 12  SER A OG  1 
ATOM   94   N  N   . GLU A 1 14  ? -3.414  -7.953  -18.920 1.00 22.94 ? 13  GLU A N   1 
ATOM   95   C  CA  . GLU A 1 14  ? -2.849  -7.633  -20.218 1.00 23.75 ? 13  GLU A CA  1 
ATOM   96   C  C   . GLU A 1 14  ? -1.393  -8.078  -20.172 1.00 23.78 ? 13  GLU A C   1 
ATOM   97   O  O   . GLU A 1 14  ? -0.666  -7.740  -19.235 1.00 23.26 ? 13  GLU A O   1 
ATOM   98   C  CB  . GLU A 1 14  ? -2.889  -6.122  -20.465 1.00 22.88 ? 13  GLU A CB  1 
ATOM   99   C  CG  . GLU A 1 14  ? -4.253  -5.594  -20.725 1.00 22.05 ? 13  GLU A CG  1 
ATOM   100  C  CD  . GLU A 1 14  ? -4.252  -4.193  -21.306 1.00 18.36 ? 13  GLU A CD  1 
ATOM   101  O  OE1 . GLU A 1 14  ? -5.092  -3.376  -20.874 1.00 17.53 ? 13  GLU A OE1 1 
ATOM   102  O  OE2 . GLU A 1 14  ? -3.453  -3.909  -22.224 1.00 20.01 ? 13  GLU A OE2 1 
ATOM   103  N  N   . ILE A 1 15  ? -0.976  -8.836  -21.176 1.00 23.95 ? 14  ILE A N   1 
ATOM   104  C  CA  . ILE A 1 15  ? 0.427   -9.161  -21.302 1.00 24.54 ? 14  ILE A CA  1 
ATOM   105  C  C   . ILE A 1 15  ? 1.062   -8.331  -22.390 1.00 24.84 ? 14  ILE A C   1 
ATOM   106  O  O   . ILE A 1 15  ? 0.616   -8.328  -23.544 1.00 24.00 ? 14  ILE A O   1 
ATOM   107  C  CB  . ILE A 1 15  ? 0.674   -10.657 -21.478 1.00 24.99 ? 14  ILE A CB  1 
ATOM   108  C  CG1 . ILE A 1 15  ? 0.268   -11.376 -20.179 1.00 24.82 ? 14  ILE A CG1 1 
ATOM   109  C  CG2 . ILE A 1 15  ? 2.138   -10.911 -21.881 1.00 24.67 ? 14  ILE A CG2 1 
ATOM   110  C  CD1 . ILE A 1 15  ? 1.168   -12.519 -19.787 1.00 28.06 ? 14  ILE A CD1 1 
ATOM   111  N  N   . VAL A 1 16  ? 2.094   -7.589  -21.995 1.00 25.59 ? 15  VAL A N   1 
ATOM   112  C  CA  . VAL A 1 16  ? 2.781   -6.693  -22.930 1.00 25.81 ? 15  VAL A CA  1 
ATOM   113  C  C   . VAL A 1 16  ? 4.192   -7.174  -23.152 1.00 25.69 ? 15  VAL A C   1 
ATOM   114  O  O   . VAL A 1 16  ? 4.903   -7.544  -22.211 1.00 26.47 ? 15  VAL A O   1 
ATOM   115  C  CB  . VAL A 1 16  ? 2.763   -5.194  -22.459 1.00 26.10 ? 15  VAL A CB  1 
ATOM   116  C  CG1 . VAL A 1 16  ? 1.382   -4.798  -21.888 1.00 25.96 ? 15  VAL A CG1 1 
ATOM   117  C  CG2 . VAL A 1 16  ? 3.836   -4.909  -21.450 1.00 25.75 ? 15  VAL A CG2 1 
ATOM   118  N  N   . ASP A 1 17  ? 4.609   -7.170  -24.404 1.00 25.66 ? 16  ASP A N   1 
ATOM   119  C  CA  . ASP A 1 17  ? 6.008   -7.403  -24.714 1.00 25.01 ? 16  ASP A CA  1 
ATOM   120  C  C   . ASP A 1 17  ? 6.870   -6.239  -24.231 1.00 24.66 ? 16  ASP A C   1 
ATOM   121  O  O   . ASP A 1 17  ? 6.422   -5.089  -24.134 1.00 24.02 ? 16  ASP A O   1 
ATOM   122  C  CB  . ASP A 1 17  ? 6.172   -7.618  -26.209 1.00 25.06 ? 16  ASP A CB  1 
ATOM   123  C  CG  . ASP A 1 17  ? 5.222   -8.680  -26.737 1.00 26.14 ? 16  ASP A CG  1 
ATOM   124  O  OD1 . ASP A 1 17  ? 5.708   -9.745  -27.138 1.00 25.93 ? 16  ASP A OD1 1 
ATOM   125  O  OD2 . ASP A 1 17  ? 3.985   -8.458  -26.730 1.00 28.88 ? 16  ASP A OD2 1 
ATOM   126  N  N   . ALA A 1 18  ? 8.108   -6.562  -23.909 1.00 24.25 ? 17  ALA A N   1 
ATOM   127  C  CA  . ALA A 1 18  ? 9.067   -5.584  -23.515 1.00 24.84 ? 17  ALA A CA  1 
ATOM   128  C  C   . ALA A 1 18  ? 10.425  -6.148  -23.866 1.00 25.22 ? 17  ALA A C   1 
ATOM   129  O  O   . ALA A 1 18  ? 10.690  -7.331  -23.667 1.00 25.76 ? 17  ALA A O   1 
ATOM   130  C  CB  . ALA A 1 18  ? 8.965   -5.297  -22.017 1.00 24.59 ? 17  ALA A CB  1 
ATOM   131  N  N   . ALA A 1 19  ? 11.278  -5.304  -24.419 1.00 24.99 ? 18  ALA A N   1 
ATOM   132  C  CA  . ALA A 1 19  ? 12.639  -5.715  -24.693 1.00 24.39 ? 18  ALA A CA  1 
ATOM   133  C  C   . ALA A 1 19  ? 13.386  -5.515  -23.389 1.00 24.41 ? 18  ALA A C   1 
ATOM   134  O  O   . ALA A 1 19  ? 12.880  -4.853  -22.479 1.00 24.80 ? 18  ALA A O   1 
ATOM   135  C  CB  . ALA A 1 19  ? 13.225  -4.842  -25.802 1.00 24.40 ? 18  ALA A CB  1 
ATOM   136  N  N   . ILE A 1 20  ? 14.576  -6.097  -23.291 1.00 23.82 ? 19  ILE A N   1 
ATOM   137  C  CA  . ILE A 1 20  ? 15.461  -5.849  -22.197 1.00 23.76 ? 19  ILE A CA  1 
ATOM   138  C  C   . ILE A 1 20  ? 15.844  -4.362  -22.286 1.00 23.55 ? 19  ILE A C   1 
ATOM   139  O  O   . ILE A 1 20  ? 16.161  -3.859  -23.373 1.00 22.55 ? 19  ILE A O   1 
ATOM   140  C  CB  . ILE A 1 20  ? 16.705  -6.758  -22.292 1.00 24.30 ? 19  ILE A CB  1 
ATOM   141  C  CG1 . ILE A 1 20  ? 16.274  -8.225  -22.404 1.00 25.65 ? 19  ILE A CG1 1 
ATOM   142  C  CG2 . ILE A 1 20  ? 17.604  -6.579  -21.072 1.00 24.77 ? 19  ILE A CG2 1 
ATOM   143  C  CD1 . ILE A 1 20  ? 17.423  -9.219  -22.621 1.00 26.84 ? 19  ILE A CD1 1 
ATOM   144  N  N   . GLY A 1 21  ? 15.744  -3.659  -21.155 1.00 23.03 ? 20  GLY A N   1 
ATOM   145  C  CA  . GLY A 1 21  ? 16.090  -2.239  -21.098 1.00 22.21 ? 20  GLY A CA  1 
ATOM   146  C  C   . GLY A 1 21  ? 14.928  -1.259  -21.142 1.00 21.79 ? 20  GLY A C   1 
ATOM   147  O  O   . GLY A 1 21  ? 15.052  -0.138  -20.642 1.00 21.82 ? 20  GLY A O   1 
ATOM   148  N  N   . ASP A 1 22  ? 13.817  -1.645  -21.773 1.00 21.31 ? 21  ASP A N   1 
ATOM   149  C  CA  . ASP A 1 22  ? 12.618  -0.823  -21.697 1.00 20.24 ? 21  ASP A CA  1 
ATOM   150  C  C   . ASP A 1 22  ? 12.238  -0.688  -20.237 1.00 19.97 ? 21  ASP A C   1 
ATOM   151  O  O   . ASP A 1 22  ? 12.359  -1.638  -19.451 1.00 19.81 ? 21  ASP A O   1 
ATOM   152  C  CB  . ASP A 1 22  ? 11.423  -1.424  -22.450 1.00 20.71 ? 21  ASP A CB  1 
ATOM   153  C  CG  . ASP A 1 22  ? 11.696  -1.669  -23.932 1.00 19.43 ? 21  ASP A CG  1 
ATOM   154  O  OD1 . ASP A 1 22  ? 12.690  -1.178  -24.476 1.00 22.17 ? 21  ASP A OD1 1 
ATOM   155  O  OD2 . ASP A 1 22  ? 10.894  -2.368  -24.564 1.00 19.97 ? 21  ASP A OD2 1 
ATOM   156  N  N   . SER A 1 23  ? 11.814  0.515   -19.865 1.00 19.36 ? 22  SER A N   1 
ATOM   157  C  CA  . SER A 1 23  ? 11.118  0.678   -18.622 1.00 18.55 ? 22  SER A CA  1 
ATOM   158  C  C   . SER A 1 23  ? 9.736   0.015   -18.789 1.00 17.83 ? 22  SER A C   1 
ATOM   159  O  O   . SER A 1 23  ? 9.289   -0.221  -19.911 1.00 17.59 ? 22  SER A O   1 
ATOM   160  C  CB  . SER A 1 23  ? 11.006  2.154   -18.291 1.00 17.90 ? 22  SER A CB  1 
ATOM   161  O  OG  . SER A 1 23  ? 10.086  2.759   -19.166 1.00 19.06 ? 22  SER A OG  1 
ATOM   162  N  N   . ALA A 1 24  ? 9.082   -0.266  -17.667 1.00 17.32 ? 23  ALA A N   1 
ATOM   163  C  CA  . ALA A 1 24  ? 7.730   -0.830  -17.618 1.00 16.78 ? 23  ALA A CA  1 
ATOM   164  C  C   . ALA A 1 24  ? 6.705   0.140   -18.181 1.00 16.82 ? 23  ALA A C   1 
ATOM   165  O  O   . ALA A 1 24  ? 5.680   -0.271  -18.727 1.00 17.76 ? 23  ALA A O   1 
ATOM   166  C  CB  . ALA A 1 24  ? 7.367   -1.223  -16.166 1.00 15.82 ? 23  ALA A CB  1 
ATOM   167  N  N   . MET A 1 25  ? 6.986   1.423   -18.039 1.00 16.22 ? 24  MET A N   1 
ATOM   168  C  CA  . MET A 1 25  ? 6.130   2.479   -18.543 1.00 16.19 ? 24  MET A CA  1 
ATOM   169  C  C   . MET A 1 25  ? 6.165   2.510   -20.085 1.00 16.12 ? 24  MET A C   1 
ATOM   170  O  O   . MET A 1 25  ? 5.120   2.606   -20.761 1.00 14.99 ? 24  MET A O   1 
ATOM   171  C  CB  . MET A 1 25  ? 6.574   3.835   -17.967 1.00 14.99 ? 24  MET A CB  1 
ATOM   172  C  CG  . MET A 1 25  ? 5.737   5.019   -18.484 1.00 16.60 ? 24  MET A CG  1 
ATOM   173  S  SD  . MET A 1 25  ? 6.740   6.505   -18.670 1.00 20.09 ? 24  MET A SD  1 
ATOM   174  C  CE  . MET A 1 25  ? 7.833   5.991   -19.985 1.00 16.32 ? 24  MET A CE  1 
ATOM   175  N  N   . PHE A 1 26  ? 7.378   2.447   -20.618 1.00 16.08 ? 25  PHE A N   1 
ATOM   176  C  CA  . PHE A 1 26  ? 7.587   2.464   -22.035 1.00 17.78 ? 25  PHE A CA  1 
ATOM   177  C  C   . PHE A 1 26  ? 6.813   1.269   -22.615 1.00 18.84 ? 25  PHE A C   1 
ATOM   178  O  O   . PHE A 1 26  ? 5.965   1.432   -23.505 1.00 19.75 ? 25  PHE A O   1 
ATOM   179  C  CB  . PHE A 1 26  ? 9.092   2.384   -22.335 1.00 17.44 ? 25  PHE A CB  1 
ATOM   180  C  CG  . PHE A 1 26  ? 9.415   2.272   -23.802 1.00 19.27 ? 25  PHE A CG  1 
ATOM   181  C  CD1 . PHE A 1 26  ? 9.685   3.417   -24.562 1.00 20.18 ? 25  PHE A CD1 1 
ATOM   182  C  CD2 . PHE A 1 26  ? 9.448   1.016   -24.430 1.00 17.46 ? 25  PHE A CD2 1 
ATOM   183  C  CE1 . PHE A 1 26  ? 9.978   3.319   -25.922 1.00 20.33 ? 25  PHE A CE1 1 
ATOM   184  C  CE2 . PHE A 1 26  ? 9.738   0.905   -25.776 1.00 19.76 ? 25  PHE A CE2 1 
ATOM   185  C  CZ  . PHE A 1 26  ? 10.004  2.064   -26.534 1.00 20.55 ? 25  PHE A CZ  1 
ATOM   186  N  N   . ALA A 1 27  ? 7.093   0.087   -22.074 1.00 18.86 ? 26  ALA A N   1 
ATOM   187  C  CA  . ALA A 1 27  ? 6.399   -1.133  -22.452 1.00 19.62 ? 26  ALA A CA  1 
ATOM   188  C  C   . ALA A 1 27  ? 4.880   -0.979  -22.432 1.00 19.05 ? 26  ALA A C   1 
ATOM   189  O  O   . ALA A 1 27  ? 4.227   -1.323  -23.393 1.00 19.65 ? 26  ALA A O   1 
ATOM   190  C  CB  . ALA A 1 27  ? 6.842   -2.309  -21.551 1.00 18.55 ? 26  ALA A CB  1 
ATOM   191  N  N   . ALA A 1 28  ? 4.332   -0.480  -21.331 1.00 18.94 ? 27  ALA A N   1 
ATOM   192  C  CA  . ALA A 1 28  ? 2.902   -0.152  -21.237 1.00 18.21 ? 27  ALA A CA  1 
ATOM   193  C  C   . ALA A 1 28  ? 2.371   0.730   -22.389 1.00 18.47 ? 27  ALA A C   1 
ATOM   194  O  O   . ALA A 1 28  ? 1.394   0.381   -23.077 1.00 18.27 ? 27  ALA A O   1 
ATOM   195  C  CB  . ALA A 1 28  ? 2.624   0.525   -19.914 1.00 17.19 ? 27  ALA A CB  1 
ATOM   196  N  N   . LEU A 1 29  ? 3.029   1.868   -22.594 1.00 18.48 ? 28  LEU A N   1 
ATOM   197  C  CA  . LEU A 1 29  ? 2.520   2.919   -23.478 1.00 18.37 ? 28  LEU A CA  1 
ATOM   198  C  C   . LEU A 1 29  ? 2.583   2.524   -24.932 1.00 18.55 ? 28  LEU A C   1 
ATOM   199  O  O   . LEU A 1 29  ? 1.818   3.011   -25.747 1.00 18.22 ? 28  LEU A O   1 
ATOM   200  C  CB  . LEU A 1 29  ? 3.313   4.206   -23.263 1.00 18.81 ? 28  LEU A CB  1 
ATOM   201  C  CG  . LEU A 1 29  ? 3.132   4.811   -21.875 1.00 18.56 ? 28  LEU A CG  1 
ATOM   202  C  CD1 . LEU A 1 29  ? 4.087   5.982   -21.764 1.00 17.90 ? 28  LEU A CD1 1 
ATOM   203  C  CD2 . LEU A 1 29  ? 1.685   5.256   -21.717 1.00 20.42 ? 28  LEU A CD2 1 
ATOM   204  N  N   . ASN A 1 30  ? 3.511   1.622   -25.232 1.00 18.78 ? 29  ASN A N   1 
ATOM   205  C  CA  . ASN A 1 30  ? 3.770   1.176   -26.581 1.00 18.77 ? 29  ASN A CA  1 
ATOM   206  C  C   . ASN A 1 30  ? 2.969   -0.087  -26.966 1.00 19.64 ? 29  ASN A C   1 
ATOM   207  O  O   . ASN A 1 30  ? 3.057   -0.595  -28.091 1.00 20.03 ? 29  ASN A O   1 
ATOM   208  C  CB  . ASN A 1 30  ? 5.283   1.039   -26.746 1.00 17.95 ? 29  ASN A CB  1 
ATOM   209  C  CG  . ASN A 1 30  ? 5.938   2.394   -27.036 1.00 18.16 ? 29  ASN A CG  1 
ATOM   210  O  OD1 . ASN A 1 30  ? 5.737   2.947   -28.107 1.00 18.59 ? 29  ASN A OD1 1 
ATOM   211  N  ND2 . ASN A 1 30  ? 6.662   2.953   -26.071 1.00 16.21 ? 29  ASN A ND2 1 
ATOM   212  N  N   . HIS A 1 31  ? 2.168   -0.573  -26.017 1.00 19.46 ? 30  HIS A N   1 
ATOM   213  C  CA  . HIS A 1 31  ? 1.310   -1.708  -26.264 1.00 19.19 ? 30  HIS A CA  1 
ATOM   214  C  C   . HIS A 1 31  ? -0.025  -1.459  -25.590 1.00 19.77 ? 30  HIS A C   1 
ATOM   215  O  O   . HIS A 1 31  ? -0.489  -2.313  -24.858 1.00 20.06 ? 30  HIS A O   1 
ATOM   216  C  CB  . HIS A 1 31  ? 1.925   -3.016  -25.708 1.00 19.00 ? 30  HIS A CB  1 
ATOM   217  C  CG  . HIS A 1 31  ? 3.305   -3.309  -26.186 1.00 16.81 ? 30  HIS A CG  1 
ATOM   218  N  ND1 . HIS A 1 31  ? 4.424   -2.729  -25.624 1.00 15.80 ? 30  HIS A ND1 1 
ATOM   219  C  CD2 . HIS A 1 31  ? 3.757   -4.130  -27.168 1.00 14.57 ? 30  HIS A CD2 1 
ATOM   220  C  CE1 . HIS A 1 31  ? 5.509   -3.189  -26.232 1.00 14.34 ? 30  HIS A CE1 1 
ATOM   221  N  NE2 . HIS A 1 31  ? 5.132   -4.036  -27.173 1.00 13.43 ? 30  HIS A NE2 1 
ATOM   222  N  N   . GLY A 1 32  ? -0.605  -0.275  -25.790 1.00 20.53 ? 31  GLY A N   1 
ATOM   223  C  CA  . GLY A 1 32  ? -2.006  -0.004  -25.462 1.00 21.78 ? 31  GLY A CA  1 
ATOM   224  C  C   . GLY A 1 32  ? -2.544  0.269   -24.062 1.00 22.43 ? 31  GLY A C   1 
ATOM   225  O  O   . GLY A 1 32  ? -3.772  0.380   -23.898 1.00 22.09 ? 31  GLY A O   1 
ATOM   226  N  N   . ILE A 1 33  ? -1.664  0.386   -23.068 1.00 23.44 ? 32  ILE A N   1 
ATOM   227  C  CA  . ILE A 1 33  ? -2.069  0.639   -21.662 1.00 24.26 ? 32  ILE A CA  1 
ATOM   228  C  C   . ILE A 1 33  ? -2.120  2.136   -21.299 1.00 25.43 ? 32  ILE A C   1 
ATOM   229  O  O   . ILE A 1 33  ? -1.189  2.694   -20.689 1.00 26.11 ? 32  ILE A O   1 
ATOM   230  C  CB  . ILE A 1 33  ? -1.242  -0.236  -20.653 1.00 24.33 ? 32  ILE A CB  1 
ATOM   231  C  CG1 . ILE A 1 33  ? -1.822  -1.659  -20.623 1.00 23.96 ? 32  ILE A CG1 1 
ATOM   232  C  CG2 . ILE A 1 33  ? -1.285  0.314   -19.230 1.00 25.48 ? 32  ILE A CG2 1 
ATOM   233  C  CD1 . ILE A 1 33  ? -0.840  -2.746  -20.326 1.00 23.11 ? 32  ILE A CD1 1 
ATOM   234  N  N   . ASP A 1 34  ? -3.251  2.750   -21.653 1.00 25.51 ? 33  ASP A N   1 
ATOM   235  C  CA  . ASP A 1 34  ? -3.512  4.190   -21.521 1.00 25.97 ? 33  ASP A CA  1 
ATOM   236  C  C   . ASP A 1 34  ? -3.536  4.764   -20.103 1.00 25.65 ? 33  ASP A C   1 
ATOM   237  O  O   . ASP A 1 34  ? -3.174  5.932   -19.891 1.00 25.92 ? 33  ASP A O   1 
ATOM   238  C  CB  . ASP A 1 34  ? -4.832  4.546   -22.249 1.00 26.64 ? 33  ASP A CB  1 
ATOM   239  C  CG  . ASP A 1 34  ? -4.676  4.585   -23.778 1.00 28.72 ? 33  ASP A CG  1 
ATOM   240  O  OD1 . ASP A 1 34  ? -3.561  4.870   -24.265 1.00 29.81 ? 33  ASP A OD1 1 
ATOM   241  O  OD2 . ASP A 1 34  ? -5.674  4.340   -24.497 1.00 34.51 ? 33  ASP A OD2 1 
ATOM   242  N  N   . SER A 1 35  ? -3.955  3.960   -19.131 1.00 24.75 ? 34  SER A N   1 
ATOM   243  C  CA  . SER A 1 35  ? -4.108  4.445   -17.755 1.00 23.44 ? 34  SER A CA  1 
ATOM   244  C  C   . SER A 1 35  ? -2.859  5.084   -17.121 1.00 23.13 ? 34  SER A C   1 
ATOM   245  O  O   . SER A 1 35  ? -2.981  5.914   -16.194 1.00 22.77 ? 34  SER A O   1 
ATOM   246  C  CB  . SER A 1 35  ? -4.588  3.310   -16.864 1.00 24.05 ? 34  SER A CB  1 
ATOM   247  O  OG  . SER A 1 35  ? -3.756  2.183   -17.032 1.00 21.90 ? 34  SER A OG  1 
ATOM   248  N  N   . ILE A 1 36  ? -1.676  4.659   -17.573 1.00 21.55 ? 35  ILE A N   1 
ATOM   249  C  CA  . ILE A 1 36  ? -0.406  5.166   -17.060 1.00 20.31 ? 35  ILE A CA  1 
ATOM   250  C  C   . ILE A 1 36  ? -0.145  6.525   -17.681 1.00 20.21 ? 35  ILE A C   1 
ATOM   251  O  O   . ILE A 1 36  ? 0.247   6.623   -18.843 1.00 20.49 ? 35  ILE A O   1 
ATOM   252  C  CB  . ILE A 1 36  ? 0.756   4.203   -17.371 1.00 20.70 ? 35  ILE A CB  1 
ATOM   253  C  CG1 . ILE A 1 36  ? 0.710   3.005   -16.408 1.00 19.45 ? 35  ILE A CG1 1 
ATOM   254  C  CG2 . ILE A 1 36  ? 2.134   4.963   -17.365 1.00 19.80 ? 35  ILE A CG2 1 
ATOM   255  C  CD1 . ILE A 1 36  ? 1.787   1.925   -16.670 1.00 20.42 ? 35  ILE A CD1 1 
ATOM   256  N  N   . VAL A 1 37  ? -0.393  7.581   -16.915 1.00 19.72 ? 36  VAL A N   1 
ATOM   257  C  CA  . VAL A 1 37  ? -0.381  8.915   -17.490 1.00 19.33 ? 36  VAL A CA  1 
ATOM   258  C  C   . VAL A 1 37  ? 1.044   9.433   -17.747 1.00 19.23 ? 36  VAL A C   1 
ATOM   259  O  O   . VAL A 1 37  ? 1.321   10.025  -18.822 1.00 19.02 ? 36  VAL A O   1 
ATOM   260  C  CB  . VAL A 1 37  ? -1.291  9.897   -16.693 1.00 19.25 ? 36  VAL A CB  1 
ATOM   261  C  CG1 . VAL A 1 37  ? -1.253  11.282  -17.302 1.00 18.79 ? 36  VAL A CG1 1 
ATOM   262  C  CG2 . VAL A 1 37  ? -2.739  9.377   -16.711 1.00 19.48 ? 36  VAL A CG2 1 
ATOM   263  N  N   . ALA A 1 38  ? 1.945   9.205   -16.790 1.00 18.17 ? 37  ALA A N   1 
ATOM   264  C  CA  . ALA A 1 38  ? 3.353   9.540   -16.992 1.00 18.42 ? 37  ALA A CA  1 
ATOM   265  C  C   . ALA A 1 38  ? 3.582   10.967  -17.539 1.00 18.69 ? 37  ALA A C   1 
ATOM   266  O  O   . ALA A 1 38  ? 4.137   11.148  -18.622 1.00 18.25 ? 37  ALA A O   1 
ATOM   267  C  CB  . ALA A 1 38  ? 3.986   8.501   -17.917 1.00 17.77 ? 37  ALA A CB  1 
ATOM   268  N  N   . GLU A 1 39  ? 3.186   11.977  -16.771 1.00 20.18 ? 38  GLU A N   1 
ATOM   269  C  CA  . GLU A 1 39  ? 3.218   13.391  -17.236 1.00 21.03 ? 38  GLU A CA  1 
ATOM   270  C  C   . GLU A 1 39  ? 4.591   13.790  -17.785 1.00 20.68 ? 38  GLU A C   1 
ATOM   271  O  O   . GLU A 1 39  ? 4.681   14.458  -18.840 1.00 21.55 ? 38  GLU A O   1 
ATOM   272  C  CB  . GLU A 1 39  ? 2.770   14.346  -16.111 1.00 21.33 ? 38  GLU A CB  1 
ATOM   273  C  CG  . GLU A 1 39  ? 2.803   15.891  -16.424 1.00 25.78 ? 38  GLU A CG  1 
ATOM   274  C  CD  . GLU A 1 39  ? 4.202   16.534  -16.222 1.00 30.96 ? 38  GLU A CD  1 
ATOM   275  O  OE1 . GLU A 1 39  ? 4.831   16.298  -15.156 1.00 31.08 ? 38  GLU A OE1 1 
ATOM   276  O  OE2 . GLU A 1 39  ? 4.676   17.265  -17.142 1.00 30.92 ? 38  GLU A OE2 1 
ATOM   277  N  N   . CYS A 1 40  ? 5.646   13.354  -17.088 1.00 19.55 ? 39  CYS A N   1 
ATOM   278  C  CA  . CYS A 1 40  ? 7.023   13.803  -17.361 1.00 18.06 ? 39  CYS A CA  1 
ATOM   279  C  C   . CYS A 1 40  ? 7.764   12.973  -18.394 1.00 17.95 ? 39  CYS A C   1 
ATOM   280  O  O   . CYS A 1 40  ? 8.872   13.318  -18.809 1.00 18.86 ? 39  CYS A O   1 
ATOM   281  C  CB  . CYS A 1 40  ? 7.817   13.886  -16.064 1.00 17.27 ? 39  CYS A CB  1 
ATOM   282  S  SG  . CYS A 1 40  ? 8.537   12.358  -15.458 1.00 15.03 ? 39  CYS A SG  1 
ATOM   283  N  N   . GLY A 1 41  ? 7.164   11.870  -18.805 1.00 17.75 ? 40  GLY A N   1 
ATOM   284  C  CA  . GLY A 1 41  ? 7.655   11.144  -19.968 1.00 16.99 ? 40  GLY A CA  1 
ATOM   285  C  C   . GLY A 1 41  ? 8.814   10.223  -19.701 1.00 16.77 ? 40  GLY A C   1 
ATOM   286  O  O   . GLY A 1 41  ? 9.628   9.994   -20.601 1.00 15.95 ? 40  GLY A O   1 
ATOM   287  N  N   . GLY A 1 42  ? 8.846   9.651   -18.497 1.00 17.28 ? 41  GLY A N   1 
ATOM   288  C  CA  . GLY A 1 42  ? 9.943   8.769   -18.047 1.00 18.63 ? 41  GLY A CA  1 
ATOM   289  C  C   . GLY A 1 42  ? 11.164  9.484   -17.495 1.00 19.66 ? 41  GLY A C   1 
ATOM   290  O  O   . GLY A 1 42  ? 12.276  8.950   -17.532 1.00 20.37 ? 41  GLY A O   1 
ATOM   291  N  N   . ASN A 1 43  ? 10.961  10.691  -16.974 1.00 20.24 ? 42  ASN A N   1 
ATOM   292  C  CA  . ASN A 1 43  ? 12.065  11.548  -16.584 1.00 20.99 ? 42  ASN A CA  1 
ATOM   293  C  C   . ASN A 1 43  ? 12.197  11.737  -15.051 1.00 21.07 ? 42  ASN A C   1 
ATOM   294  O  O   . ASN A 1 43  ? 12.842  12.676  -14.568 1.00 21.17 ? 42  ASN A O   1 
ATOM   295  C  CB  . ASN A 1 43  ? 11.993  12.882  -17.359 1.00 21.40 ? 42  ASN A CB  1 
ATOM   296  C  CG  . ASN A 1 43  ? 12.302  12.706  -18.868 1.00 22.97 ? 42  ASN A CG  1 
ATOM   297  O  OD1 . ASN A 1 43  ? 13.461  12.522  -19.265 1.00 23.27 ? 42  ASN A OD1 1 
ATOM   298  N  ND2 . ASN A 1 43  ? 11.266  12.772  -19.700 1.00 23.17 ? 42  ASN A ND2 1 
ATOM   299  N  N   . ALA A 1 44  ? 11.607  10.803  -14.304 1.00 20.67 ? 43  ALA A N   1 
ATOM   300  C  CA  . ALA A 1 44  ? 11.733  10.720  -12.845 1.00 20.29 ? 43  ALA A CA  1 
ATOM   301  C  C   . ALA A 1 44  ? 11.528  12.033  -12.086 1.00 19.55 ? 43  ALA A C   1 
ATOM   302  O  O   . ALA A 1 44  ? 12.355  12.402  -11.257 1.00 19.48 ? 43  ALA A O   1 
ATOM   303  C  CB  . ALA A 1 44  ? 13.080  10.058  -12.459 1.00 21.23 ? 43  ALA A CB  1 
ATOM   304  N  N   . VAL A 1 45  ? 10.420  12.719  -12.378 1.00 19.35 ? 44  VAL A N   1 
ATOM   305  C  CA  . VAL A 1 45  ? 10.086  14.017  -11.771 1.00 18.89 ? 44  VAL A CA  1 
ATOM   306  C  C   . VAL A 1 45  ? 8.589   14.190  -11.545 1.00 19.01 ? 44  VAL A C   1 
ATOM   307  O  O   . VAL A 1 45  ? 8.136   15.288  -11.260 1.00 18.88 ? 44  VAL A O   1 
ATOM   308  C  CB  . VAL A 1 45  ? 10.619  15.272  -12.575 1.00 19.18 ? 44  VAL A CB  1 
ATOM   309  C  CG1 . VAL A 1 45  ? 12.093  15.504  -12.322 1.00 20.48 ? 44  VAL A CG1 1 
ATOM   310  C  CG2 . VAL A 1 45  ? 10.313  15.206  -14.105 1.00 17.15 ? 44  VAL A CG2 1 
ATOM   311  N  N   . CYS A 1 46  ? 7.820   13.116  -11.698 1.00 19.29 ? 45  CYS A N   1 
ATOM   312  C  CA  . CYS A 1 46  ? 6.387   13.146  -11.402 1.00 19.33 ? 45  CYS A CA  1 
ATOM   313  C  C   . CYS A 1 46  ? 5.961   11.882  -10.630 1.00 19.29 ? 45  CYS A C   1 
ATOM   314  O  O   . CYS A 1 46  ? 6.766   10.995  -10.371 1.00 19.47 ? 45  CYS A O   1 
ATOM   315  C  CB  . CYS A 1 46  ? 5.567   13.336  -12.687 1.00 18.41 ? 45  CYS A CB  1 
ATOM   316  S  SG  . CYS A 1 46  ? 5.379   11.871  -13.715 1.00 19.26 ? 45  CYS A SG  1 
ATOM   317  N  N   . ALA A 1 47  ? 4.704   11.796  -10.236 1.00 18.99 ? 46  ALA A N   1 
ATOM   318  C  CA  . ALA A 1 47  ? 4.282   10.587  -9.538  1.00 18.59 ? 46  ALA A CA  1 
ATOM   319  C  C   . ALA A 1 47  ? 3.182   9.839   -10.283 1.00 18.25 ? 46  ALA A C   1 
ATOM   320  O  O   . ALA A 1 47  ? 2.447   9.082   -9.660  1.00 18.81 ? 46  ALA A O   1 
ATOM   321  C  CB  . ALA A 1 47  ? 3.876   10.924  -8.096  1.00 18.28 ? 46  ALA A CB  1 
ATOM   322  N  N   . THR A 1 48  ? 3.116   10.013  -11.616 1.00 17.59 ? 47  THR A N   1 
ATOM   323  C  CA  . THR A 1 48  ? 1.949   9.621   -12.411 1.00 16.72 ? 47  THR A CA  1 
ATOM   324  C  C   . THR A 1 48  ? 2.145   8.398   -13.318 1.00 16.57 ? 47  THR A C   1 
ATOM   325  O  O   . THR A 1 48  ? 1.307   8.133   -14.201 1.00 16.12 ? 47  THR A O   1 
ATOM   326  C  CB  . THR A 1 48  ? 1.386   10.815  -13.298 1.00 17.04 ? 47  THR A CB  1 
ATOM   327  O  OG1 . THR A 1 48  ? 2.281   11.091  -14.380 1.00 15.27 ? 47  THR A OG1 1 
ATOM   328  C  CG2 . THR A 1 48  ? 1.140   12.124  -12.472 1.00 16.80 ? 47  THR A CG2 1 
ATOM   329  N  N   . CYS A 1 49  ? 3.259   7.683   -13.126 1.00 16.19 ? 48  CYS A N   1 
ATOM   330  C  CA  . CYS A 1 49  ? 3.472   6.352   -13.703 1.00 14.76 ? 48  CYS A CA  1 
ATOM   331  C  C   . CYS A 1 49  ? 3.459   5.268   -12.601 1.00 14.41 ? 48  CYS A C   1 
ATOM   332  O  O   . CYS A 1 49  ? 4.097   4.219   -12.763 1.00 14.34 ? 48  CYS A O   1 
ATOM   333  C  CB  . CYS A 1 49  ? 4.826   6.294   -14.420 1.00 15.21 ? 48  CYS A CB  1 
ATOM   334  S  SG  . CYS A 1 49  ? 6.268   6.484   -13.328 1.00 14.81 ? 48  CYS A SG  1 
ATOM   335  N  N   . HIS A 1 50  ? 2.768   5.555   -11.495 1.00 13.45 ? 49  HIS A N   1 
ATOM   336  C  CA  . HIS A 1 50  ? 2.669   4.720   -10.277 1.00 13.94 ? 49  HIS A CA  1 
ATOM   337  C  C   . HIS A 1 50  ? 2.271   3.279   -10.597 1.00 14.05 ? 49  HIS A C   1 
ATOM   338  O  O   . HIS A 1 50  ? 1.401   3.062   -11.424 1.00 13.88 ? 49  HIS A O   1 
ATOM   339  C  CB  . HIS A 1 50  ? 1.572   5.357   -9.381  1.00 13.33 ? 49  HIS A CB  1 
ATOM   340  C  CG  . HIS A 1 50  ? 1.459   4.792   -7.997  1.00 13.12 ? 49  HIS A CG  1 
ATOM   341  N  ND1 . HIS A 1 50  ? 2.440   4.017   -7.404  1.00 14.85 ? 49  HIS A ND1 1 
ATOM   342  C  CD2 . HIS A 1 50  ? 0.501   4.974   -7.051  1.00 10.92 ? 49  HIS A CD2 1 
ATOM   343  C  CE1 . HIS A 1 50  ? 2.086   3.733   -6.159  1.00 12.87 ? 49  HIS A CE1 1 
ATOM   344  N  NE2 . HIS A 1 50  ? 0.924   4.321   -5.918  1.00 15.45 ? 49  HIS A NE2 1 
ATOM   345  N  N   . VAL A 1 51  ? 2.922   2.300   -9.979  1.00 14.82 ? 50  VAL A N   1 
ATOM   346  C  CA  . VAL A 1 51  ? 2.423   0.920   -10.028 1.00 15.32 ? 50  VAL A CA  1 
ATOM   347  C  C   . VAL A 1 51  ? 2.639   0.218   -8.699  1.00 16.40 ? 50  VAL A C   1 
ATOM   348  O  O   . VAL A 1 51  ? 3.479   0.631   -7.910  1.00 17.03 ? 50  VAL A O   1 
ATOM   349  C  CB  . VAL A 1 51  ? 3.083   0.056   -11.133 1.00 15.62 ? 50  VAL A CB  1 
ATOM   350  C  CG1 . VAL A 1 51  ? 2.610   0.454   -12.536 1.00 15.45 ? 50  VAL A CG1 1 
ATOM   351  C  CG2 . VAL A 1 51  ? 4.600   0.054   -11.017 1.00 14.56 ? 50  VAL A CG2 1 
ATOM   352  N  N   . TYR A 1 52  ? 1.883   -0.854  -8.457  1.00 17.80 ? 51  TYR A N   1 
ATOM   353  C  CA  . TYR A 1 52  ? 2.196   -1.796  -7.368  1.00 18.41 ? 51  TYR A CA  1 
ATOM   354  C  C   . TYR A 1 52  ? 2.811   -3.074  -7.932  1.00 19.26 ? 51  TYR A C   1 
ATOM   355  O  O   . TYR A 1 52  ? 2.208   -3.788  -8.728  1.00 19.58 ? 51  TYR A O   1 
ATOM   356  C  CB  . TYR A 1 52  ? 0.972   -2.130  -6.509  1.00 17.67 ? 51  TYR A CB  1 
ATOM   357  C  CG  . TYR A 1 52  ? -0.042  -0.994  -6.247  1.00 18.46 ? 51  TYR A CG  1 
ATOM   358  C  CD1 . TYR A 1 52  ? 0.336   0.192   -5.618  1.00 17.12 ? 51  TYR A CD1 1 
ATOM   359  C  CD2 . TYR A 1 52  ? -1.392  -1.160  -6.572  1.00 18.74 ? 51  TYR A CD2 1 
ATOM   360  C  CE1 . TYR A 1 52  ? -0.592  1.221   -5.361  1.00 16.11 ? 51  TYR A CE1 1 
ATOM   361  C  CE2 . TYR A 1 52  ? -2.337  -0.152  -6.311  1.00 19.02 ? 51  TYR A CE2 1 
ATOM   362  C  CZ  . TYR A 1 52  ? -1.924  1.035   -5.698  1.00 20.52 ? 51  TYR A CZ  1 
ATOM   363  O  OH  . TYR A 1 52  ? -2.861  2.027   -5.445  1.00 19.75 ? 51  TYR A OH  1 
ATOM   364  N  N   . VAL A 1 53  ? 4.043   -3.342  -7.536  1.00 21.14 ? 52  VAL A N   1 
ATOM   365  C  CA  . VAL A 1 53  ? 4.708   -4.568  -7.896  1.00 22.67 ? 52  VAL A CA  1 
ATOM   366  C  C   . VAL A 1 53  ? 4.068   -5.716  -7.093  1.00 24.73 ? 52  VAL A C   1 
ATOM   367  O  O   . VAL A 1 53  ? 3.680   -5.537  -5.914  1.00 24.54 ? 52  VAL A O   1 
ATOM   368  C  CB  . VAL A 1 53  ? 6.193   -4.464  -7.586  1.00 22.78 ? 52  VAL A CB  1 
ATOM   369  C  CG1 . VAL A 1 53  ? 6.921   -5.696  -8.062  1.00 21.08 ? 52  VAL A CG1 1 
ATOM   370  C  CG2 . VAL A 1 53  ? 6.772   -3.201  -8.261  1.00 22.90 ? 52  VAL A CG2 1 
ATOM   371  N  N   . ASP A 1 54  ? 3.915   -6.871  -7.736  1.00 25.79 ? 53  ASP A N   1 
ATOM   372  C  CA  . ASP A 1 54  ? 3.386   -8.022  -7.035  1.00 27.84 ? 53  ASP A CA  1 
ATOM   373  C  C   . ASP A 1 54  ? 4.281   -8.384  -5.858  1.00 27.95 ? 53  ASP A C   1 
ATOM   374  O  O   . ASP A 1 54  ? 5.513   -8.470  -5.997  1.00 27.50 ? 53  ASP A O   1 
ATOM   375  C  CB  . ASP A 1 54  ? 3.234   -9.232  -7.956  1.00 28.21 ? 53  ASP A CB  1 
ATOM   376  C  CG  . ASP A 1 54  ? 2.206   -10.210 -7.433  1.00 31.56 ? 53  ASP A CG  1 
ATOM   377  O  OD1 . ASP A 1 54  ? 1.124   -9.741  -7.003  1.00 31.40 ? 53  ASP A OD1 1 
ATOM   378  O  OD2 . ASP A 1 54  ? 2.475   -11.439 -7.442  1.00 36.44 ? 53  ASP A OD2 1 
ATOM   379  N  N   . ASP A 1 55  ? 3.630   -8.595  -4.712  1.00 28.49 ? 54  ASP A N   1 
ATOM   380  C  CA  . ASP A 1 55  ? 4.256   -9.041  -3.462  1.00 28.69 ? 54  ASP A CA  1 
ATOM   381  C  C   . ASP A 1 55  ? 5.470   -9.965  -3.651  1.00 28.42 ? 54  ASP A C   1 
ATOM   382  O  O   . ASP A 1 55  ? 6.480   -9.809  -2.975  1.00 29.36 ? 54  ASP A O   1 
ATOM   383  C  CB  . ASP A 1 55  ? 3.186   -9.715  -2.578  1.00 29.08 ? 54  ASP A CB  1 
ATOM   384  C  CG  . ASP A 1 55  ? 3.721   -10.113 -1.190  1.00 31.29 ? 54  ASP A CG  1 
ATOM   385  O  OD1 . ASP A 1 55  ? 4.566   -9.361  -0.629  1.00 30.95 ? 54  ASP A OD1 1 
ATOM   386  O  OD2 . ASP A 1 55  ? 3.286   -11.178 -0.669  1.00 31.38 ? 54  ASP A OD2 1 
ATOM   387  N  N   . LEU A 1 56  ? 5.365   -10.906 -4.586  1.00 27.84 ? 55  LEU A N   1 
ATOM   388  C  CA  . LEU A 1 56  ? 6.403   -11.891 -4.842  1.00 27.22 ? 55  LEU A CA  1 
ATOM   389  C  C   . LEU A 1 56  ? 7.528   -11.442 -5.762  1.00 26.78 ? 55  LEU A C   1 
ATOM   390  O  O   . LEU A 1 56  ? 8.597   -12.070 -5.776  1.00 27.36 ? 55  LEU A O   1 
ATOM   391  C  CB  . LEU A 1 56  ? 5.781   -13.205 -5.357  1.00 27.70 ? 55  LEU A CB  1 
ATOM   392  C  CG  . LEU A 1 56  ? 4.692   -13.829 -4.474  1.00 27.79 ? 55  LEU A CG  1 
ATOM   393  C  CD1 . LEU A 1 56  ? 3.838   -14.761 -5.307  1.00 27.79 ? 55  LEU A CD1 1 
ATOM   394  C  CD2 . LEU A 1 56  ? 5.230   -14.541 -3.180  1.00 26.06 ? 55  LEU A CD2 1 
ATOM   395  N  N   . TRP A 1 57  ? 7.308   -10.364 -6.522  1.00 25.83 ? 56  TRP A N   1 
ATOM   396  C  CA  . TRP A 1 57  ? 8.320   -9.859  -7.477  1.00 24.06 ? 56  TRP A CA  1 
ATOM   397  C  C   . TRP A 1 57  ? 9.133   -8.673  -6.938  1.00 24.03 ? 56  TRP A C   1 
ATOM   398  O  O   . TRP A 1 57  ? 10.193  -8.365  -7.474  1.00 24.37 ? 56  TRP A O   1 
ATOM   399  C  CB  . TRP A 1 57  ? 7.691   -9.485  -8.842  1.00 23.26 ? 56  TRP A CB  1 
ATOM   400  C  CG  . TRP A 1 57  ? 7.314   -10.652 -9.723  1.00 20.96 ? 56  TRP A CG  1 
ATOM   401  C  CD1 . TRP A 1 57  ? 6.102   -11.272 -9.778  1.00 19.00 ? 56  TRP A CD1 1 
ATOM   402  C  CD2 . TRP A 1 57  ? 8.153   -11.332 -10.670 1.00 18.83 ? 56  TRP A CD2 1 
ATOM   403  N  NE1 . TRP A 1 57  ? 6.133   -12.306 -10.697 1.00 17.36 ? 56  TRP A NE1 1 
ATOM   404  C  CE2 . TRP A 1 57  ? 7.381   -12.362 -11.256 1.00 18.40 ? 56  TRP A CE2 1 
ATOM   405  C  CE3 . TRP A 1 57  ? 9.490   -11.183 -11.067 1.00 20.47 ? 56  TRP A CE3 1 
ATOM   406  C  CZ2 . TRP A 1 57  ? 7.895   -13.231 -12.239 1.00 17.72 ? 56  TRP A CZ2 1 
ATOM   407  C  CZ3 . TRP A 1 57  ? 10.002  -12.053 -12.042 1.00 18.26 ? 56  TRP A CZ3 1 
ATOM   408  C  CH2 . TRP A 1 57  ? 9.200   -13.057 -12.618 1.00 16.97 ? 56  TRP A CH2 1 
ATOM   409  N  N   . LEU A 1 58  ? 8.642   -7.991  -5.905  1.00 24.15 ? 57  LEU A N   1 
ATOM   410  C  CA  . LEU A 1 58  ? 9.384   -6.861  -5.343  1.00 24.04 ? 57  LEU A CA  1 
ATOM   411  C  C   . LEU A 1 58  ? 10.863  -7.196  -5.131  1.00 24.19 ? 57  LEU A C   1 
ATOM   412  O  O   . LEU A 1 58  ? 11.733  -6.450  -5.583  1.00 24.20 ? 57  LEU A O   1 
ATOM   413  C  CB  . LEU A 1 58  ? 8.758   -6.353  -4.049  1.00 23.46 ? 57  LEU A CB  1 
ATOM   414  C  CG  . LEU A 1 58  ? 9.126   -4.888  -3.707  1.00 24.41 ? 57  LEU A CG  1 
ATOM   415  C  CD1 . LEU A 1 58  ? 8.570   -3.892  -4.696  1.00 22.13 ? 57  LEU A CD1 1 
ATOM   416  C  CD2 . LEU A 1 58  ? 8.717   -4.476  -2.260  1.00 24.62 ? 57  LEU A CD2 1 
ATOM   417  N  N   . ALA A 1 59  ? 11.137  -8.319  -4.467  1.00 24.24 ? 58  ALA A N   1 
ATOM   418  C  CA  . ALA A 1 59  ? 12.516  -8.714  -4.107  1.00 24.95 ? 58  ALA A CA  1 
ATOM   419  C  C   . ALA A 1 59  ? 13.495  -8.770  -5.287  1.00 24.80 ? 58  ALA A C   1 
ATOM   420  O  O   . ALA A 1 59  ? 14.683  -8.570  -5.090  1.00 25.00 ? 58  ALA A O   1 
ATOM   421  C  CB  . ALA A 1 59  ? 12.531  -10.072 -3.336  1.00 24.39 ? 58  ALA A CB  1 
ATOM   422  N  N   . LYS A 1 60  ? 12.987  -9.043  -6.491  1.00 24.51 ? 59  LYS A N   1 
ATOM   423  C  CA  . LYS A 1 60  ? 13.819  -9.216  -7.697  1.00 24.62 ? 59  LYS A CA  1 
ATOM   424  C  C   . LYS A 1 60  ? 14.241  -7.909  -8.382  1.00 24.29 ? 59  LYS A C   1 
ATOM   425  O  O   . LYS A 1 60  ? 15.035  -7.909  -9.333  1.00 23.91 ? 59  LYS A O   1 
ATOM   426  C  CB  . LYS A 1 60  ? 13.118  -10.162 -8.688  1.00 25.47 ? 59  LYS A CB  1 
ATOM   427  C  CG  . LYS A 1 60  ? 13.256  -11.652 -8.302  1.00 26.58 ? 59  LYS A CG  1 
ATOM   428  C  CD  . LYS A 1 60  ? 12.495  -12.605 -9.237  1.00 30.46 ? 59  LYS A CD  1 
ATOM   429  C  CE  . LYS A 1 60  ? 12.481  -14.039 -8.662  1.00 31.39 ? 59  LYS A CE  1 
ATOM   430  N  NZ  . LYS A 1 60  ? 11.292  -14.861 -9.085  1.00 34.44 ? 59  LYS A NZ  1 
ATOM   431  N  N   . LEU A 1 61  ? 13.713  -6.795  -7.879  1.00 23.65 ? 60  LEU A N   1 
ATOM   432  C  CA  . LEU A 1 61  ? 14.027  -5.489  -8.412  1.00 22.97 ? 60  LEU A CA  1 
ATOM   433  C  C   . LEU A 1 61  ? 15.143  -4.788  -7.629  1.00 23.28 ? 60  LEU A C   1 
ATOM   434  O  O   . LEU A 1 61  ? 15.226  -4.905  -6.396  1.00 23.12 ? 60  LEU A O   1 
ATOM   435  C  CB  . LEU A 1 61  ? 12.781  -4.609  -8.401  1.00 22.82 ? 60  LEU A CB  1 
ATOM   436  C  CG  . LEU A 1 61  ? 11.601  -5.107  -9.239  1.00 20.71 ? 60  LEU A CG  1 
ATOM   437  C  CD1 . LEU A 1 61  ? 10.417  -4.189  -9.053  1.00 18.53 ? 60  LEU A CD1 1 
ATOM   438  C  CD2 . LEU A 1 61  ? 12.015  -5.190  -10.680 1.00 20.17 ? 60  LEU A CD2 1 
ATOM   439  N  N   . PRO A 1 62  ? 15.987  -4.022  -8.341  1.00 23.22 ? 61  PRO A N   1 
ATOM   440  C  CA  . PRO A 1 62  ? 16.864  -3.093  -7.630  1.00 23.01 ? 61  PRO A CA  1 
ATOM   441  C  C   . PRO A 1 62  ? 16.033  -2.197  -6.686  1.00 23.27 ? 61  PRO A C   1 
ATOM   442  O  O   . PRO A 1 62  ? 14.852  -1.949  -6.958  1.00 23.38 ? 61  PRO A O   1 
ATOM   443  C  CB  . PRO A 1 62  ? 17.489  -2.277  -8.754  1.00 22.64 ? 61  PRO A CB  1 
ATOM   444  C  CG  . PRO A 1 62  ? 17.473  -3.214  -9.965  1.00 23.79 ? 61  PRO A CG  1 
ATOM   445  C  CD  . PRO A 1 62  ? 16.130  -3.924  -9.808  1.00 23.33 ? 61  PRO A CD  1 
ATOM   446  N  N   . PRO A 1 63  ? 16.630  -1.715  -5.578  1.00 23.23 ? 62  PRO A N   1 
ATOM   447  C  CA  . PRO A 1 63  ? 15.865  -0.944  -4.602  1.00 23.04 ? 62  PRO A CA  1 
ATOM   448  C  C   . PRO A 1 63  ? 15.426  0.435   -5.127  1.00 22.62 ? 62  PRO A C   1 
ATOM   449  O  O   . PRO A 1 63  ? 16.013  0.971   -6.057  1.00 22.65 ? 62  PRO A O   1 
ATOM   450  C  CB  . PRO A 1 63  ? 16.846  -0.791  -3.414  1.00 22.20 ? 62  PRO A CB  1 
ATOM   451  C  CG  . PRO A 1 63  ? 17.937  -1.764  -3.675  1.00 23.47 ? 62  PRO A CG  1 
ATOM   452  C  CD  . PRO A 1 63  ? 18.034  -1.867  -5.161  1.00 23.89 ? 62  PRO A CD  1 
ATOM   453  N  N   . VAL A 1 64  ? 14.361  0.959   -4.552  1.00 22.52 ? 63  VAL A N   1 
ATOM   454  C  CA  . VAL A 1 64  ? 13.955  2.351   -4.752  1.00 22.79 ? 63  VAL A CA  1 
ATOM   455  C  C   . VAL A 1 64  ? 15.083  3.282   -4.294  1.00 22.19 ? 63  VAL A C   1 
ATOM   456  O  O   . VAL A 1 64  ? 15.673  3.052   -3.236  1.00 22.39 ? 63  VAL A O   1 
ATOM   457  C  CB  . VAL A 1 64  ? 12.712  2.647   -3.893  1.00 23.07 ? 63  VAL A CB  1 
ATOM   458  C  CG1 . VAL A 1 64  ? 12.270  4.061   -4.061  1.00 25.55 ? 63  VAL A CG1 1 
ATOM   459  C  CG2 . VAL A 1 64  ? 11.556  1.680   -4.245  1.00 22.94 ? 63  VAL A CG2 1 
ATOM   460  N  N   . ASP A 1 65  ? 15.404  4.323   -5.063  1.00 21.30 ? 64  ASP A N   1 
ATOM   461  C  CA  . ASP A 1 65  ? 16.375  5.279   -4.541  1.00 20.67 ? 64  ASP A CA  1 
ATOM   462  C  C   . ASP A 1 65  ? 15.735  6.407   -3.764  1.00 21.05 ? 64  ASP A C   1 
ATOM   463  O  O   . ASP A 1 65  ? 14.518  6.412   -3.520  1.00 21.40 ? 64  ASP A O   1 
ATOM   464  C  CB  . ASP A 1 65  ? 17.373  5.786   -5.589  1.00 20.22 ? 64  ASP A CB  1 
ATOM   465  C  CG  . ASP A 1 65  ? 16.725  6.377   -6.810  1.00 19.42 ? 64  ASP A CG  1 
ATOM   466  O  OD1 . ASP A 1 65  ? 15.570  6.895   -6.771  1.00 20.74 ? 64  ASP A OD1 1 
ATOM   467  O  OD2 . ASP A 1 65  ? 17.422  6.370   -7.825  1.00 14.59 ? 64  ASP A OD2 1 
ATOM   468  N  N   . ALA A 1 66  ? 16.567  7.345   -3.342  1.00 21.39 ? 65  ALA A N   1 
ATOM   469  C  CA  . ALA A 1 66  ? 16.114  8.443   -2.510  1.00 20.89 ? 65  ALA A CA  1 
ATOM   470  C  C   . ALA A 1 66  ? 15.117  9.322   -3.267  1.00 20.56 ? 65  ALA A C   1 
ATOM   471  O  O   . ALA A 1 66  ? 14.074  9.714   -2.714  1.00 20.09 ? 65  ALA A O   1 
ATOM   472  C  CB  . ALA A 1 66  ? 17.285  9.243   -2.040  1.00 20.69 ? 65  ALA A CB  1 
ATOM   473  N  N   . ASN A 1 67  ? 15.439  9.612   -4.525  1.00 20.40 ? 66  ASN A N   1 
ATOM   474  C  CA  . ASN A 1 67  ? 14.561  10.395  -5.412  1.00 20.41 ? 66  ASN A CA  1 
ATOM   475  C  C   . ASN A 1 67  ? 13.189  9.732   -5.668  1.00 19.87 ? 66  ASN A C   1 
ATOM   476  O  O   . ASN A 1 67  ? 12.139  10.324  -5.394  1.00 19.59 ? 66  ASN A O   1 
ATOM   477  C  CB  . ASN A 1 67  ? 15.282  10.702  -6.735  1.00 20.89 ? 66  ASN A CB  1 
ATOM   478  C  CG  . ASN A 1 67  ? 14.397  11.443  -7.723  1.00 21.95 ? 66  ASN A CG  1 
ATOM   479  O  OD1 . ASN A 1 67  ? 13.763  12.434  -7.372  1.00 25.29 ? 66  ASN A OD1 1 
ATOM   480  N  ND2 . ASN A 1 67  ? 14.364  10.976  -8.967  1.00 21.69 ? 66  ASN A ND2 1 
ATOM   481  N  N   . GLU A 1 68  ? 13.189  8.493   -6.154  1.00 19.66 ? 67  GLU A N   1 
ATOM   482  C  CA  . GLU A 1 68  ? 11.925  7.777   -6.348  1.00 19.26 ? 67  GLU A CA  1 
ATOM   483  C  C   . GLU A 1 68  ? 11.129  7.700   -5.060  1.00 19.47 ? 67  GLU A C   1 
ATOM   484  O  O   . GLU A 1 68  ? 9.886   7.802   -5.101  1.00 20.22 ? 67  GLU A O   1 
ATOM   485  C  CB  . GLU A 1 68  ? 12.148  6.363   -6.856  1.00 19.64 ? 67  GLU A CB  1 
ATOM   486  C  CG  . GLU A 1 68  ? 10.836  5.578   -7.051  1.00 17.96 ? 67  GLU A CG  1 
ATOM   487  C  CD  . GLU A 1 68  ? 11.044  4.255   -7.753  1.00 17.50 ? 67  GLU A CD  1 
ATOM   488  O  OE1 . GLU A 1 68  ? 12.162  3.999   -8.253  1.00 18.30 ? 67  GLU A OE1 1 
ATOM   489  O  OE2 . GLU A 1 68  ? 10.099  3.456   -7.783  1.00 17.18 ? 67  GLU A OE2 1 
ATOM   490  N  N   . ASP A 1 69  ? 11.817  7.504   -3.934  1.00 18.44 ? 68  ASP A N   1 
ATOM   491  C  CA  . ASP A 1 69  ? 11.129  7.430   -2.627  1.00 19.35 ? 68  ASP A CA  1 
ATOM   492  C  C   . ASP A 1 69  ? 10.384  8.704   -2.241  1.00 19.39 ? 68  ASP A C   1 
ATOM   493  O  O   . ASP A 1 69  ? 9.265   8.653   -1.730  1.00 19.39 ? 68  ASP A O   1 
ATOM   494  C  CB  . ASP A 1 69  ? 12.085  7.061   -1.499  1.00 18.74 ? 68  ASP A CB  1 
ATOM   495  C  CG  . ASP A 1 69  ? 11.384  6.900   -0.175  1.00 20.50 ? 68  ASP A CG  1 
ATOM   496  O  OD1 . ASP A 1 69  ? 10.597  5.912   -0.040  1.00 19.54 ? 68  ASP A OD1 1 
ATOM   497  O  OD2 . ASP A 1 69  ? 11.630  7.753   0.737   1.00 20.62 ? 68  ASP A OD2 1 
ATOM   498  N  N   . ASP A 1 70  ? 10.993  9.859   -2.469  1.00 20.20 ? 69  ASP A N   1 
ATOM   499  C  CA  . ASP A 1 70  ? 10.260  11.099  -2.195  1.00 20.53 ? 69  ASP A CA  1 
ATOM   500  C  C   . ASP A 1 70  ? 9.189   11.395  -3.241  1.00 20.07 ? 69  ASP A C   1 
ATOM   501  O  O   . ASP A 1 70  ? 8.114   11.893  -2.904  1.00 20.47 ? 69  ASP A O   1 
ATOM   502  C  CB  . ASP A 1 70  ? 11.176  12.288  -2.019  1.00 20.82 ? 69  ASP A CB  1 
ATOM   503  C  CG  . ASP A 1 70  ? 10.417  13.529  -1.593  1.00 23.39 ? 69  ASP A CG  1 
ATOM   504  O  OD1 . ASP A 1 70  ? 9.901   13.558  -0.438  1.00 25.11 ? 69  ASP A OD1 1 
ATOM   505  O  OD2 . ASP A 1 70  ? 10.322  14.461  -2.429  1.00 25.43 ? 69  ASP A OD2 1 
ATOM   506  N  N   . LEU A 1 71  ? 9.468   11.093  -4.506  1.00 19.34 ? 70  LEU A N   1 
ATOM   507  C  CA  . LEU A 1 71  ? 8.400   11.149  -5.512  1.00 18.99 ? 70  LEU A CA  1 
ATOM   508  C  C   . LEU A 1 71  ? 7.181   10.320  -5.094  1.00 18.41 ? 70  LEU A C   1 
ATOM   509  O  O   . LEU A 1 71  ? 6.041   10.752  -5.228  1.00 18.28 ? 70  LEU A O   1 
ATOM   510  C  CB  . LEU A 1 71  ? 8.911   10.707  -6.891  1.00 17.95 ? 70  LEU A CB  1 
ATOM   511  C  CG  . LEU A 1 71  ? 9.739   11.790  -7.600  1.00 18.43 ? 70  LEU A CG  1 
ATOM   512  C  CD1 . LEU A 1 71  ? 10.350  11.233  -8.870  1.00 15.47 ? 70  LEU A CD1 1 
ATOM   513  C  CD2 . LEU A 1 71  ? 8.895   13.093  -7.856  1.00 16.36 ? 70  LEU A CD2 1 
ATOM   514  N  N   . LEU A 1 72  ? 7.424   9.140   -4.557  1.00 18.51 ? 71  LEU A N   1 
ATOM   515  C  CA  . LEU A 1 72  ? 6.318   8.240   -4.254  1.00 19.48 ? 71  LEU A CA  1 
ATOM   516  C  C   . LEU A 1 72  ? 5.333   8.719   -3.187  1.00 20.69 ? 71  LEU A C   1 
ATOM   517  O  O   . LEU A 1 72  ? 4.173   8.282   -3.194  1.00 21.15 ? 71  LEU A O   1 
ATOM   518  C  CB  . LEU A 1 72  ? 6.819   6.832   -3.939  1.00 19.43 ? 71  LEU A CB  1 
ATOM   519  C  CG  . LEU A 1 72  ? 7.270   6.072   -5.184  1.00 17.79 ? 71  LEU A CG  1 
ATOM   520  C  CD1 . LEU A 1 72  ? 7.965   4.780   -4.774  1.00 14.41 ? 71  LEU A CD1 1 
ATOM   521  C  CD2 . LEU A 1 72  ? 6.077   5.835   -6.160  1.00 16.34 ? 71  LEU A CD2 1 
ATOM   522  N  N   . ASP A 1 73  ? 5.732   9.619   -2.291  1.00 21.17 ? 72  ASP A N   1 
ATOM   523  C  CA  . ASP A 1 73  ? 4.712   10.067  -1.358  1.00 22.50 ? 72  ASP A CA  1 
ATOM   524  C  C   . ASP A 1 73  ? 3.846   11.247  -1.803  1.00 22.73 ? 72  ASP A C   1 
ATOM   525  O  O   . ASP A 1 73  ? 3.028   11.745  -1.028  1.00 21.85 ? 72  ASP A O   1 
ATOM   526  C  CB  . ASP A 1 73  ? 5.188   10.142  0.115   1.00 23.61 ? 72  ASP A CB  1 
ATOM   527  C  CG  . ASP A 1 73  ? 6.436   10.922  0.287   1.00 23.74 ? 72  ASP A CG  1 
ATOM   528  O  OD1 . ASP A 1 73  ? 6.505   12.010  -0.304  1.00 27.03 ? 72  ASP A OD1 1 
ATOM   529  O  OD2 . ASP A 1 73  ? 7.348   10.444  1.001   1.00 23.01 ? 72  ASP A OD2 1 
ATOM   530  N  N   . GLY A 1 74  ? 3.996   11.616  -3.083  1.00 22.26 ? 73  GLY A N   1 
ATOM   531  C  CA  . GLY A 1 74  ? 3.140   12.584  -3.741  1.00 22.81 ? 73  GLY A CA  1 
ATOM   532  C  C   . GLY A 1 74  ? 2.207   11.962  -4.774  1.00 23.25 ? 73  GLY A C   1 
ATOM   533  O  O   . GLY A 1 74  ? 1.649   12.673  -5.626  1.00 23.20 ? 73  GLY A O   1 
ATOM   534  N  N   . THR A 1 75  ? 2.035   10.638  -4.707  1.00 22.73 ? 74  THR A N   1 
ATOM   535  C  CA  . THR A 1 75  ? 1.179   9.922   -5.654  1.00 22.61 ? 74  THR A CA  1 
ATOM   536  C  C   . THR A 1 75  ? -0.293  10.344  -5.512  1.00 22.31 ? 74  THR A C   1 
ATOM   537  O  O   . THR A 1 75  ? -0.670  10.881  -4.481  1.00 22.07 ? 74  THR A O   1 
ATOM   538  C  CB  . THR A 1 75  ? 1.324   8.392   -5.497  1.00 22.68 ? 74  THR A CB  1 
ATOM   539  O  OG1 . THR A 1 75  ? 1.243   8.041   -4.110  1.00 22.35 ? 74  THR A OG1 1 
ATOM   540  C  CG2 . THR A 1 75  ? 2.662   7.921   -6.057  1.00 21.91 ? 74  THR A CG2 1 
ATOM   541  N  N   . ALA A 1 76  ? -1.111  10.114  -6.543  1.00 21.64 ? 75  ALA A N   1 
ATOM   542  C  CA  . ALA A 1 76  ? -2.533  10.463  -6.477  1.00 21.35 ? 75  ALA A CA  1 
ATOM   543  C  C   . ALA A 1 76  ? -3.327  9.464   -5.605  1.00 21.42 ? 75  ALA A C   1 
ATOM   544  O  O   . ALA A 1 76  ? -4.194  9.879   -4.782  1.00 21.18 ? 75  ALA A O   1 
ATOM   545  C  CB  . ALA A 1 76  ? -3.126  10.575  -7.879  1.00 21.53 ? 75  ALA A CB  1 
ATOM   546  N  N   . SER A 1 77  ? -3.028  8.175   -5.825  1.00 20.95 ? 76  SER A N   1 
ATOM   547  C  CA  . SER A 1 77  ? -3.420  7.035   -4.984  1.00 21.37 ? 76  SER A CA  1 
ATOM   548  C  C   . SER A 1 77  ? -2.288  6.744   -4.023  1.00 20.91 ? 76  SER A C   1 
ATOM   549  O  O   . SER A 1 77  ? -1.166  6.467   -4.469  1.00 21.22 ? 76  SER A O   1 
ATOM   550  C  CB  . SER A 1 77  ? -3.626  5.765   -5.830  1.00 21.25 ? 76  SER A CB  1 
ATOM   551  O  OG  . SER A 1 77  ? -4.898  5.712   -6.458  1.00 23.15 ? 76  SER A OG  1 
ATOM   552  N  N   . ASP A 1 78  ? -2.586  6.753   -2.727  1.00 20.50 ? 77  ASP A N   1 
ATOM   553  C  CA  . ASP A 1 78  ? -1.572  6.639   -1.665  1.00 20.71 ? 77  ASP A CA  1 
ATOM   554  C  C   . ASP A 1 78  ? -0.622  5.423   -1.789  1.00 20.61 ? 77  ASP A C   1 
ATOM   555  O  O   . ASP A 1 78  ? -1.050  4.287   -2.115  1.00 20.39 ? 77  ASP A O   1 
ATOM   556  C  CB  . ASP A 1 78  ? -2.230  6.739   -0.267  1.00 20.94 ? 77  ASP A CB  1 
ATOM   557  C  CG  . ASP A 1 78  ? -2.649  8.172   0.084   1.00 22.98 ? 77  ASP A CG  1 
ATOM   558  O  OD1 . ASP A 1 78  ? -3.637  8.369   0.838   1.00 26.47 ? 77  ASP A OD1 1 
ATOM   559  O  OD2 . ASP A 1 78  ? -1.984  9.123   -0.389  1.00 24.01 ? 77  ASP A OD2 1 
ATOM   560  N  N   . ARG A 1 79  ? 0.666   5.676   -1.550  1.00 19.72 ? 78  ARG A N   1 
ATOM   561  C  CA  . ARG A 1 79  ? 1.699   4.660   -1.752  1.00 18.45 ? 78  ARG A CA  1 
ATOM   562  C  C   . ARG A 1 79  ? 1.484   3.448   -0.838  1.00 18.35 ? 78  ARG A C   1 
ATOM   563  O  O   . ARG A 1 79  ? 0.957   3.560   0.256   1.00 18.37 ? 78  ARG A O   1 
ATOM   564  C  CB  . ARG A 1 79  ? 3.103   5.240   -1.584  1.00 17.92 ? 78  ARG A CB  1 
ATOM   565  C  CG  . ARG A 1 79  ? 3.519   5.617   -0.144  1.00 16.74 ? 78  ARG A CG  1 
ATOM   566  C  CD  . ARG A 1 79  ? 4.832   6.414   -0.126  1.00 16.27 ? 78  ARG A CD  1 
ATOM   567  N  NE  . ARG A 1 79  ? 6.019   5.579   -0.397  1.00 18.74 ? 78  ARG A NE  1 
ATOM   568  C  CZ  . ARG A 1 79  ? 7.266   6.039   -0.577  1.00 18.55 ? 78  ARG A CZ  1 
ATOM   569  N  NH1 . ARG A 1 79  ? 7.514   7.338   -0.529  1.00 16.44 ? 78  ARG A NH1 1 
ATOM   570  N  NH2 . ARG A 1 79  ? 8.286   5.191   -0.807  1.00 19.24 ? 78  ARG A NH2 1 
ATOM   571  N  N   . LEU A 1 80  ? 1.868   2.289   -1.332  1.00 17.91 ? 79  LEU A N   1 
ATOM   572  C  CA  . LEU A 1 80  ? 1.787   1.063   -0.588  1.00 17.58 ? 79  LEU A CA  1 
ATOM   573  C  C   . LEU A 1 80  ? 3.246   0.618   -0.476  1.00 17.45 ? 79  LEU A C   1 
ATOM   574  O  O   . LEU A 1 80  ? 4.073   1.079   -1.237  1.00 17.01 ? 79  LEU A O   1 
ATOM   575  C  CB  . LEU A 1 80  ? 0.989   0.045   -1.412  1.00 17.68 ? 79  LEU A CB  1 
ATOM   576  C  CG  . LEU A 1 80  ? -0.441  0.297   -1.876  1.00 17.92 ? 79  LEU A CG  1 
ATOM   577  C  CD1 . LEU A 1 80  ? -0.972  -0.900  -2.683  1.00 18.00 ? 79  LEU A CD1 1 
ATOM   578  C  CD2 . LEU A 1 80  ? -1.392  0.663   -0.672  1.00 19.60 ? 79  LEU A CD2 1 
ATOM   579  N  N   . PRO A 1 81  ? 3.566   -0.285  0.456   1.00 18.01 ? 80  PRO A N   1 
ATOM   580  C  CA  . PRO A 1 81  ? 4.913   -0.896  0.518   1.00 18.23 ? 80  PRO A CA  1 
ATOM   581  C  C   . PRO A 1 81  ? 5.503   -1.234  -0.858  1.00 18.67 ? 80  PRO A C   1 
ATOM   582  O  O   . PRO A 1 81  ? 6.660   -0.916  -1.152  1.00 19.25 ? 80  PRO A O   1 
ATOM   583  C  CB  . PRO A 1 81  ? 4.648   -2.196  1.269   1.00 17.63 ? 80  PRO A CB  1 
ATOM   584  C  CG  . PRO A 1 81  ? 3.572   -1.856  2.185   1.00 16.38 ? 80  PRO A CG  1 
ATOM   585  C  CD  . PRO A 1 81  ? 2.680   -0.857  1.488   1.00 17.97 ? 80  PRO A CD  1 
ATOM   586  N  N   . ASN A 1 82  ? 4.696   -1.877  -1.691  1.00 19.02 ? 81  ASN A N   1 
ATOM   587  C  CA  . ASN A 1 82  ? 5.145   -2.365  -2.992  1.00 19.11 ? 81  ASN A CA  1 
ATOM   588  C  C   . ASN A 1 82  ? 5.062   -1.336  -4.126  1.00 18.37 ? 81  ASN A C   1 
ATOM   589  O  O   . ASN A 1 82  ? 5.344   -1.651  -5.275  1.00 18.94 ? 81  ASN A O   1 
ATOM   590  C  CB  . ASN A 1 82  ? 4.343   -3.602  -3.354  1.00 19.08 ? 81  ASN A CB  1 
ATOM   591  C  CG  . ASN A 1 82  ? 4.775   -4.832  -2.568  1.00 22.02 ? 81  ASN A CG  1 
ATOM   592  O  OD1 . ASN A 1 82  ? 5.389   -4.736  -1.486  1.00 24.37 ? 81  ASN A OD1 1 
ATOM   593  N  ND2 . ASN A 1 82  ? 4.444   -6.001  -3.101  1.00 23.35 ? 81  ASN A ND2 1 
ATOM   594  N  N   . SER A 1 83  ? 4.674   -0.114  -3.795  1.00 17.41 ? 82  SER A N   1 
ATOM   595  C  CA  . SER A 1 83  ? 4.638   0.981   -4.771  1.00 16.98 ? 82  SER A CA  1 
ATOM   596  C  C   . SER A 1 83  ? 5.986   1.214   -5.487  1.00 16.33 ? 82  SER A C   1 
ATOM   597  O  O   . SER A 1 83  ? 7.047   1.151   -4.879  1.00 16.49 ? 82  SER A O   1 
ATOM   598  C  CB  . SER A 1 83  ? 4.144   2.261   -4.080  1.00 17.37 ? 82  SER A CB  1 
ATOM   599  O  OG  . SER A 1 83  ? 2.734   2.225   -3.876  1.00 15.21 ? 82  SER A OG  1 
ATOM   600  N  N   . ARG A 1 84  ? 5.932   1.430   -6.796  1.00 15.77 ? 83  ARG A N   1 
ATOM   601  C  CA  . ARG A 1 84  ? 7.108   1.787   -7.594  1.00 14.96 ? 83  ARG A CA  1 
ATOM   602  C  C   . ARG A 1 84  ? 6.689   2.790   -8.684  1.00 14.04 ? 83  ARG A C   1 
ATOM   603  O  O   . ARG A 1 84  ? 5.512   2.886   -9.034  1.00 13.51 ? 83  ARG A O   1 
ATOM   604  C  CB  . ARG A 1 84  ? 7.742   0.560   -8.280  1.00 15.32 ? 83  ARG A CB  1 
ATOM   605  C  CG  . ARG A 1 84  ? 8.562   -0.435  -7.423  1.00 16.79 ? 83  ARG A CG  1 
ATOM   606  C  CD  . ARG A 1 84  ? 9.785   0.174   -6.775  1.00 15.40 ? 83  ARG A CD  1 
ATOM   607  N  NE  . ARG A 1 84  ? 10.537  0.889   -7.789  1.00 18.40 ? 83  ARG A NE  1 
ATOM   608  C  CZ  . ARG A 1 84  ? 11.689  0.493   -8.322  1.00 17.99 ? 83  ARG A CZ  1 
ATOM   609  N  NH1 . ARG A 1 84  ? 12.303  -0.619  -7.915  1.00 17.02 ? 83  ARG A NH1 1 
ATOM   610  N  NH2 . ARG A 1 84  ? 12.234  1.242   -9.265  1.00 18.48 ? 83  ARG A NH2 1 
ATOM   611  N  N   . LEU A 1 85  ? 7.665   3.527   -9.203  1.00 13.67 ? 84  LEU A N   1 
ATOM   612  C  CA  . LEU A 1 85  ? 7.507   4.334   -10.411 1.00 13.68 ? 84  LEU A CA  1 
ATOM   613  C  C   . LEU A 1 85  ? 7.944   3.460   -11.555 1.00 13.89 ? 84  LEU A C   1 
ATOM   614  O  O   . LEU A 1 85  ? 9.106   3.085   -11.637 1.00 13.14 ? 84  LEU A O   1 
ATOM   615  C  CB  . LEU A 1 85  ? 8.392   5.584   -10.363 1.00 13.87 ? 84  LEU A CB  1 
ATOM   616  C  CG  . LEU A 1 85  ? 7.944   6.661   -9.375  1.00 12.31 ? 84  LEU A CG  1 
ATOM   617  C  CD1 . LEU A 1 85  ? 8.960   7.753   -9.349  1.00 9.69  ? 84  LEU A CD1 1 
ATOM   618  C  CD2 . LEU A 1 85  ? 6.578   7.185   -9.819  1.00 8.41  ? 84  LEU A CD2 1 
ATOM   619  N  N   . SER A 1 86  ? 6.983   3.128   -12.408 1.00 13.92 ? 85  SER A N   1 
ATOM   620  C  CA  . SER A 1 86  ? 7.164   2.199   -13.499 1.00 14.23 ? 85  SER A CA  1 
ATOM   621  C  C   . SER A 1 86  ? 8.176   2.626   -14.551 1.00 14.11 ? 85  SER A C   1 
ATOM   622  O  O   . SER A 1 86  ? 8.703   1.775   -15.258 1.00 14.05 ? 85  SER A O   1 
ATOM   623  C  CB  . SER A 1 86  ? 5.824   1.903   -14.170 1.00 14.35 ? 85  SER A CB  1 
ATOM   624  O  OG  . SER A 1 86  ? 5.353   3.053   -14.836 1.00 15.48 ? 85  SER A OG  1 
ATOM   625  N  N   . CYS A 1 87  ? 8.454   3.917   -14.674 1.00 14.74 ? 86  CYS A N   1 
ATOM   626  C  CA  . CYS A 1 87  ? 9.507   4.362   -15.605 1.00 15.01 ? 86  CYS A CA  1 
ATOM   627  C  C   . CYS A 1 87  ? 10.908  4.079   -15.010 1.00 15.84 ? 86  CYS A C   1 
ATOM   628  O  O   . CYS A 1 87  ? 11.902  4.055   -15.734 1.00 15.29 ? 86  CYS A O   1 
ATOM   629  C  CB  . CYS A 1 87  ? 9.338   5.846   -15.970 1.00 15.19 ? 86  CYS A CB  1 
ATOM   630  S  SG  . CYS A 1 87  ? 9.552   7.020   -14.583 1.00 12.40 ? 86  CYS A SG  1 
ATOM   631  N  N   . GLN A 1 88  ? 10.966  3.856   -13.695 1.00 15.79 ? 87  GLN A N   1 
ATOM   632  C  CA  . GLN A 1 88  ? 12.218  3.487   -13.028 1.00 16.96 ? 87  GLN A CA  1 
ATOM   633  C  C   . GLN A 1 88  ? 12.425  1.950   -12.884 1.00 17.52 ? 87  GLN A C   1 
ATOM   634  O  O   . GLN A 1 88  ? 13.374  1.508   -12.240 1.00 17.89 ? 87  GLN A O   1 
ATOM   635  C  CB  . GLN A 1 88  ? 12.321  4.170   -11.652 1.00 17.06 ? 87  GLN A CB  1 
ATOM   636  C  CG  . GLN A 1 88  ? 12.101  5.668   -11.668 1.00 17.26 ? 87  GLN A CG  1 
ATOM   637  C  CD  . GLN A 1 88  ? 13.049  6.383   -12.571 1.00 17.86 ? 87  GLN A CD  1 
ATOM   638  O  OE1 . GLN A 1 88  ? 14.246  6.436   -12.293 1.00 21.36 ? 87  GLN A OE1 1 
ATOM   639  N  NE2 . GLN A 1 88  ? 12.537  6.919   -13.686 1.00 16.77 ? 87  GLN A NE2 1 
ATOM   640  N  N   . ILE A 1 89  ? 11.543  1.148   -13.474 1.00 17.69 ? 88  ILE A N   1 
ATOM   641  C  CA  . ILE A 1 89  ? 11.755  -0.295  -13.522 1.00 18.02 ? 88  ILE A CA  1 
ATOM   642  C  C   . ILE A 1 89  ? 12.307  -0.697  -14.905 1.00 19.64 ? 88  ILE A C   1 
ATOM   643  O  O   . ILE A 1 89  ? 11.634  -0.534  -15.934 1.00 19.49 ? 88  ILE A O   1 
ATOM   644  C  CB  . ILE A 1 89  ? 10.455  -1.067  -13.219 1.00 17.39 ? 88  ILE A CB  1 
ATOM   645  C  CG1 . ILE A 1 89  ? 10.038  -0.862  -11.747 1.00 16.59 ? 88  ILE A CG1 1 
ATOM   646  C  CG2 . ILE A 1 89  ? 10.628  -2.535  -13.549 1.00 15.83 ? 88  ILE A CG2 1 
ATOM   647  C  CD1 . ILE A 1 89  ? 8.570   -1.167  -11.424 1.00 12.44 ? 88  ILE A CD1 1 
ATOM   648  N  N   . LYS A 1 90  ? 13.533  -1.205  -14.906 1.00 20.69 ? 89  LYS A N   1 
ATOM   649  C  CA  . LYS A 1 90  ? 14.193  -1.650  -16.106 1.00 23.14 ? 89  LYS A CA  1 
ATOM   650  C  C   . LYS A 1 90  ? 14.041  -3.166  -16.219 1.00 24.32 ? 89  LYS A C   1 
ATOM   651  O  O   . LYS A 1 90  ? 14.280  -3.910  -15.250 1.00 24.32 ? 89  LYS A O   1 
ATOM   652  C  CB  . LYS A 1 90  ? 15.675  -1.224  -16.097 1.00 23.58 ? 89  LYS A CB  1 
ATOM   653  C  CG  . LYS A 1 90  ? 15.908  0.314   -16.269 1.00 24.34 ? 89  LYS A CG  1 
ATOM   654  C  CD  . LYS A 1 90  ? 17.100  0.809   -15.396 1.00 28.73 ? 89  LYS A CD  1 
ATOM   655  C  CE  . LYS A 1 90  ? 17.867  2.023   -15.997 1.00 30.99 ? 89  LYS A CE  1 
ATOM   656  N  NZ  . LYS A 1 90  ? 19.090  2.396   -15.189 1.00 31.97 ? 89  LYS A NZ  1 
ATOM   657  N  N   . ILE A 1 91  ? 13.621  -3.611  -17.402 1.00 25.55 ? 90  ILE A N   1 
ATOM   658  C  CA  . ILE A 1 91  ? 13.391  -5.025  -17.662 1.00 26.27 ? 90  ILE A CA  1 
ATOM   659  C  C   . ILE A 1 91  ? 14.671  -5.766  -18.039 1.00 26.59 ? 90  ILE A C   1 
ATOM   660  O  O   . ILE A 1 91  ? 15.519  -5.251  -18.778 1.00 26.35 ? 90  ILE A O   1 
ATOM   661  C  CB  . ILE A 1 91  ? 12.229  -5.236  -18.646 1.00 26.67 ? 90  ILE A CB  1 
ATOM   662  C  CG1 . ILE A 1 91  ? 10.934  -4.967  -17.893 1.00 27.05 ? 90  ILE A CG1 1 
ATOM   663  C  CG2 . ILE A 1 91  ? 12.181  -6.698  -19.174 1.00 26.86 ? 90  ILE A CG2 1 
ATOM   664  C  CD1 . ILE A 1 91  ? 10.086  -3.935  -18.539 1.00 30.59 ? 90  ILE A CD1 1 
ATOM   665  N  N   . ALA A 1 92  ? 14.800  -6.957  -17.459 1.00 27.21 ? 91  ALA A N   1 
ATOM   666  C  CA  . ALA A 1 92  ? 15.943  -7.848  -17.649 1.00 27.88 ? 91  ALA A CA  1 
ATOM   667  C  C   . ALA A 1 92  ? 15.400  -9.278  -17.707 1.00 28.20 ? 91  ALA A C   1 
ATOM   668  O  O   . ALA A 1 92  ? 14.257  -9.524  -17.305 1.00 28.76 ? 91  ALA A O   1 
ATOM   669  C  CB  . ALA A 1 92  ? 16.934  -7.698  -16.485 1.00 28.23 ? 91  ALA A CB  1 
ATOM   670  N  N   . PRO A 1 93  ? 16.206  -10.227 -18.216 1.00 28.52 ? 92  PRO A N   1 
ATOM   671  C  CA  . PRO A 1 93  ? 15.696  -11.596 -18.392 1.00 28.36 ? 92  PRO A CA  1 
ATOM   672  C  C   . PRO A 1 93  ? 14.950  -12.099 -17.154 1.00 28.28 ? 92  PRO A C   1 
ATOM   673  O  O   . PRO A 1 93  ? 13.853  -12.664 -17.265 1.00 28.48 ? 92  PRO A O   1 
ATOM   674  C  CB  . PRO A 1 93  ? 16.979  -12.425 -18.604 1.00 28.66 ? 92  PRO A CB  1 
ATOM   675  C  CG  . PRO A 1 93  ? 17.981  -11.437 -19.122 1.00 28.53 ? 92  PRO A CG  1 
ATOM   676  C  CD  . PRO A 1 93  ? 17.649  -10.119 -18.519 1.00 27.78 ? 92  PRO A CD  1 
ATOM   677  N  N   . GLU A 1 94  ? 15.546  -11.856 -15.987 1.00 28.23 ? 93  GLU A N   1 
ATOM   678  C  CA  . GLU A 1 94  ? 15.048  -12.300 -14.697 1.00 28.16 ? 93  GLU A CA  1 
ATOM   679  C  C   . GLU A 1 94  ? 13.678  -11.720 -14.347 1.00 27.68 ? 93  GLU A C   1 
ATOM   680  O  O   . GLU A 1 94  ? 13.001  -12.232 -13.443 1.00 27.18 ? 93  GLU A O   1 
ATOM   681  C  CB  . GLU A 1 94  ? 16.046  -11.940 -13.595 1.00 28.74 ? 93  GLU A CB  1 
ATOM   682  C  CG  . GLU A 1 94  ? 17.526  -11.931 -14.033 1.00 32.60 ? 93  GLU A CG  1 
ATOM   683  C  CD  . GLU A 1 94  ? 18.037  -10.539 -14.448 1.00 36.39 ? 93  GLU A CD  1 
ATOM   684  O  OE1 . GLU A 1 94  ? 17.560  -9.528  -13.883 1.00 38.22 ? 93  GLU A OE1 1 
ATOM   685  O  OE2 . GLU A 1 94  ? 18.937  -10.460 -15.316 1.00 38.45 ? 93  GLU A OE2 1 
ATOM   686  N  N   . LEU A 1 95  ? 13.265  -10.661 -15.043 1.00 26.84 ? 94  LEU A N   1 
ATOM   687  C  CA  . LEU A 1 95  ? 11.938  -10.092 -14.786 1.00 26.47 ? 94  LEU A CA  1 
ATOM   688  C  C   . LEU A 1 95  ? 10.893  -10.537 -15.809 1.00 26.15 ? 94  LEU A C   1 
ATOM   689  O  O   . LEU A 1 95  ? 9.770   -10.013 -15.838 1.00 25.85 ? 94  LEU A O   1 
ATOM   690  C  CB  . LEU A 1 95  ? 11.987  -8.565  -14.623 1.00 26.43 ? 94  LEU A CB  1 
ATOM   691  C  CG  . LEU A 1 95  ? 13.050  -8.037  -13.650 1.00 25.75 ? 94  LEU A CG  1 
ATOM   692  C  CD1 . LEU A 1 95  ? 13.093  -6.541  -13.687 1.00 24.86 ? 94  LEU A CD1 1 
ATOM   693  C  CD2 . LEU A 1 95  ? 12.802  -8.530  -12.235 1.00 26.26 ? 94  LEU A CD2 1 
ATOM   694  N  N   . ASP A 1 96  ? 11.268  -11.504 -16.646 1.00 25.50 ? 95  ASP A N   1 
ATOM   695  C  CA  . ASP A 1 96  ? 10.335  -12.073 -17.609 1.00 25.51 ? 95  ASP A CA  1 
ATOM   696  C  C   . ASP A 1 96  ? 9.309   -12.731 -16.724 1.00 24.77 ? 95  ASP A C   1 
ATOM   697  O  O   . ASP A 1 96  ? 9.662   -13.604 -15.909 1.00 25.55 ? 95  ASP A O   1 
ATOM   698  C  CB  . ASP A 1 96  ? 11.048  -13.089 -18.518 1.00 25.75 ? 95  ASP A CB  1 
ATOM   699  C  CG  . ASP A 1 96  ? 10.138  -13.703 -19.598 1.00 27.56 ? 95  ASP A CG  1 
ATOM   700  O  OD1 . ASP A 1 96  ? 8.944   -13.364 -19.728 1.00 29.03 ? 95  ASP A OD1 1 
ATOM   701  O  OD2 . ASP A 1 96  ? 10.653  -14.553 -20.350 1.00 31.11 ? 95  ASP A OD2 1 
ATOM   702  N  N   . GLY A 1 97  ? 8.067   -12.273 -16.833 1.00 23.65 ? 96  GLY A N   1 
ATOM   703  C  CA  . GLY A 1 97  ? 6.984   -12.699 -15.934 1.00 23.16 ? 96  GLY A CA  1 
ATOM   704  C  C   . GLY A 1 97  ? 6.541   -11.679 -14.886 1.00 22.60 ? 96  GLY A C   1 
ATOM   705  O  O   . GLY A 1 97  ? 5.552   -11.909 -14.168 1.00 22.87 ? 96  GLY A O   1 
ATOM   706  N  N   . LEU A 1 98  ? 7.249   -10.546 -14.800 1.00 21.21 ? 97  LEU A N   1 
ATOM   707  C  CA  . LEU A 1 98  ? 6.937   -9.500  -13.809 1.00 19.53 ? 97  LEU A CA  1 
ATOM   708  C  C   . LEU A 1 98  ? 5.476   -9.068  -13.827 1.00 19.18 ? 97  LEU A C   1 
ATOM   709  O  O   . LEU A 1 98  ? 4.889   -8.814  -14.896 1.00 18.63 ? 97  LEU A O   1 
ATOM   710  C  CB  . LEU A 1 98  ? 7.837   -8.273  -14.014 1.00 19.39 ? 97  LEU A CB  1 
ATOM   711  C  CG  . LEU A 1 98  ? 7.708   -7.107  -13.024 1.00 18.32 ? 97  LEU A CG  1 
ATOM   712  C  CD1 . LEU A 1 98  ? 8.248   -7.453  -11.639 1.00 15.42 ? 97  LEU A CD1 1 
ATOM   713  C  CD2 . LEU A 1 98  ? 8.389   -5.875  -13.588 1.00 15.62 ? 97  LEU A CD2 1 
ATOM   714  N  N   . VAL A 1 99  ? 4.890   -8.963  -12.633 1.00 18.75 ? 98  VAL A N   1 
ATOM   715  C  CA  . VAL A 1 99  ? 3.482   -8.647  -12.529 1.00 17.51 ? 98  VAL A CA  1 
ATOM   716  C  C   . VAL A 1 99  ? 3.341   -7.268  -11.914 1.00 17.34 ? 98  VAL A C   1 
ATOM   717  O  O   . VAL A 1 99  ? 3.897   -6.995  -10.852 1.00 16.75 ? 98  VAL A O   1 
ATOM   718  C  CB  . VAL A 1 99  ? 2.730   -9.700  -11.684 1.00 18.15 ? 98  VAL A CB  1 
ATOM   719  C  CG1 . VAL A 1 99  ? 1.227   -9.296  -11.449 1.00 17.70 ? 98  VAL A CG1 1 
ATOM   720  C  CG2 . VAL A 1 99  ? 2.836   -11.060 -12.314 1.00 17.66 ? 98  VAL A CG2 1 
ATOM   721  N  N   . LEU A 1 100 ? 2.621   -6.388  -12.588 1.00 16.69 ? 99  LEU A N   1 
ATOM   722  C  CA  . LEU A 1 100 ? 2.384   -5.066  -12.021 1.00 17.99 ? 99  LEU A CA  1 
ATOM   723  C  C   . LEU A 1 100 ? 0.899   -4.755  -12.002 1.00 18.61 ? 99  LEU A C   1 
ATOM   724  O  O   . LEU A 1 100 ? 0.193   -5.039  -12.956 1.00 18.79 ? 99  LEU A O   1 
ATOM   725  C  CB  . LEU A 1 100 ? 3.141   -3.978  -12.789 1.00 17.00 ? 99  LEU A CB  1 
ATOM   726  C  CG  . LEU A 1 100 ? 4.624   -4.134  -13.111 1.00 16.14 ? 99  LEU A CG  1 
ATOM   727  C  CD1 . LEU A 1 100 ? 4.999   -3.024  -14.128 1.00 15.20 ? 99  LEU A CD1 1 
ATOM   728  C  CD2 . LEU A 1 100 ? 5.479   -4.090  -11.846 1.00 11.77 ? 99  LEU A CD2 1 
ATOM   729  N  N   . ARG A 1 101 ? 0.434   -4.203  -10.896 1.00 19.90 ? 100 ARG A N   1 
ATOM   730  C  CA  . ARG A 1 101 ? -0.941  -3.761  -10.799 1.00 21.38 ? 100 ARG A CA  1 
ATOM   731  C  C   . ARG A 1 101 ? -0.931  -2.250  -10.779 1.00 22.02 ? 100 ARG A C   1 
ATOM   732  O  O   . ARG A 1 101 ? -0.048  -1.621  -10.172 1.00 22.08 ? 100 ARG A O   1 
ATOM   733  C  CB  . ARG A 1 101 ? -1.623  -4.370  -9.570  1.00 21.94 ? 100 ARG A CB  1 
ATOM   734  C  CG  . ARG A 1 101 ? -1.539  -5.930  -9.610  1.00 26.45 ? 100 ARG A CG  1 
ATOM   735  C  CD  . ARG A 1 101 ? -2.464  -6.635  -8.627  1.00 32.24 ? 100 ARG A CD  1 
ATOM   736  N  NE  . ARG A 1 101 ? -1.734  -7.027  -7.432  1.00 36.92 ? 100 ARG A NE  1 
ATOM   737  C  CZ  . ARG A 1 101 ? -1.598  -8.276  -7.012  1.00 38.86 ? 100 ARG A CZ  1 
ATOM   738  N  NH1 . ARG A 1 101 ? -2.184  -9.276  -7.678  1.00 39.17 ? 100 ARG A NH1 1 
ATOM   739  N  NH2 . ARG A 1 101 ? -0.899  -8.516  -5.908  1.00 38.81 ? 100 ARG A NH2 1 
ATOM   740  N  N   . ILE A 1 102 ? -1.923  -1.682  -11.451 1.00 22.67 ? 101 ILE A N   1 
ATOM   741  C  CA  . ILE A 1 102 ? -2.032  -0.266  -11.669 1.00 23.37 ? 101 ILE A CA  1 
ATOM   742  C  C   . ILE A 1 102 ? -3.106  0.325   -10.751 1.00 23.52 ? 101 ILE A C   1 
ATOM   743  O  O   . ILE A 1 102 ? -4.147  -0.300  -10.521 1.00 23.31 ? 101 ILE A O   1 
ATOM   744  C  CB  . ILE A 1 102 ? -2.270  0.082   -13.166 1.00 23.70 ? 101 ILE A CB  1 
ATOM   745  C  CG1 . ILE A 1 102 ? -3.181  -0.912  -13.851 1.00 24.48 ? 101 ILE A CG1 1 
ATOM   746  C  CG2 . ILE A 1 102 ? -0.934  0.096   -13.963 1.00 24.19 ? 101 ILE A CG2 1 
ATOM   747  C  CD1 . ILE A 1 102 ? -3.172  -0.765  -15.401 1.00 25.09 ? 101 ILE A CD1 1 
ATOM   748  N  N   . PRO A 1 103 ? -2.831  1.527   -10.199 1.00 23.37 ? 102 PRO A N   1 
ATOM   749  C  CA  . PRO A 1 103 ? -3.675  2.129   -9.210  1.00 23.79 ? 102 PRO A CA  1 
ATOM   750  C  C   . PRO A 1 103 ? -4.949  2.690   -9.804  1.00 24.29 ? 102 PRO A C   1 
ATOM   751  O  O   . PRO A 1 103 ? -5.032  2.929   -11.003 1.00 24.11 ? 102 PRO A O   1 
ATOM   752  C  CB  . PRO A 1 103 ? -2.801  3.263   -8.678  1.00 24.07 ? 102 PRO A CB  1 
ATOM   753  C  CG  . PRO A 1 103 ? -2.026  3.673   -9.816  1.00 23.30 ? 102 PRO A CG  1 
ATOM   754  C  CD  . PRO A 1 103 ? -1.656  2.368   -10.461 1.00 23.36 ? 102 PRO A CD  1 
ATOM   755  N  N   . GLU A 1 104 ? -5.934  2.885   -8.938  1.00 25.81 ? 103 GLU A N   1 
ATOM   756  C  CA  . GLU A 1 104 ? -7.223  3.483   -9.293  1.00 26.91 ? 103 GLU A CA  1 
ATOM   757  C  C   . GLU A 1 104 ? -7.066  4.798   -10.087 1.00 26.67 ? 103 GLU A C   1 
ATOM   758  O  O   . GLU A 1 104 ? -7.860  5.100   -10.978 1.00 26.36 ? 103 GLU A O   1 
ATOM   759  C  CB  . GLU A 1 104 ? -8.014  3.698   -8.011  1.00 26.91 ? 103 GLU A CB  1 
ATOM   760  C  CG  . GLU A 1 104 ? -9.460  4.090   -8.192  1.00 29.61 ? 103 GLU A CG  1 
ATOM   761  C  CD  . GLU A 1 104 ? -10.100 4.502   -6.870  1.00 33.62 ? 103 GLU A CD  1 
ATOM   762  O  OE1 . GLU A 1 104 ? -11.041 3.790   -6.429  1.00 33.91 ? 103 GLU A OE1 1 
ATOM   763  O  OE2 . GLU A 1 104 ? -9.647  5.524   -6.275  1.00 32.22 ? 103 GLU A OE2 1 
ATOM   764  N  N   . ARG A 1 105 ? -6.044  5.574   -9.755  1.00 27.26 ? 104 ARG A N   1 
ATOM   765  C  CA  . ARG A 1 105 ? -5.704  6.764   -10.548 1.00 28.21 ? 104 ARG A CA  1 
ATOM   766  C  C   . ARG A 1 105 ? -4.234  7.171   -10.448 1.00 27.87 ? 104 ARG A C   1 
ATOM   767  O  O   . ARG A 1 105 ? -3.540  6.812   -9.521  1.00 27.83 ? 104 ARG A O   1 
ATOM   768  C  CB  . ARG A 1 105 ? -6.590  7.956   -10.164 1.00 28.60 ? 104 ARG A CB  1 
ATOM   769  C  CG  . ARG A 1 105 ? -6.513  8.301   -8.724  1.00 29.71 ? 104 ARG A CG  1 
ATOM   770  C  CD  . ARG A 1 105 ? -6.878  9.734   -8.537  1.00 34.40 ? 104 ARG A CD  1 
ATOM   771  N  NE  . ARG A 1 105 ? -8.266  9.917   -8.146  1.00 34.99 ? 104 ARG A NE  1 
ATOM   772  C  CZ  . ARG A 1 105 ? -8.656  10.864  -7.295  1.00 37.87 ? 104 ARG A CZ  1 
ATOM   773  N  NH1 . ARG A 1 105 ? -7.747  11.681  -6.748  1.00 37.11 ? 104 ARG A NH1 1 
ATOM   774  N  NH2 . ARG A 1 105 ? -9.944  10.990  -6.974  1.00 36.41 ? 104 ARG A NH2 1 
ATOM   775  N  N   . GLN A 1 106 ? -3.802  7.957   -11.421 1.00 28.55 ? 105 GLN A N   1 
ATOM   776  C  CA  . GLN A 1 106 ? -2.446  8.458   -11.533 1.00 28.65 ? 105 GLN A CA  1 
ATOM   777  C  C   . GLN A 1 106 ? -2.473  9.963   -11.326 1.00 29.31 ? 105 GLN A C   1 
ATOM   778  O  O   . GLN A 1 106 ? -1.512  10.547  -10.870 1.00 29.24 ? 105 GLN A O   1 
ATOM   779  C  CB  . GLN A 1 106 ? -1.920  8.152   -12.936 1.00 28.45 ? 105 GLN A CB  1 
ATOM   780  C  CG  . GLN A 1 106 ? -1.909  6.678   -13.283 1.00 26.90 ? 105 GLN A CG  1 
ATOM   781  C  CD  . GLN A 1 106 ? -0.665  5.947   -12.767 1.00 25.76 ? 105 GLN A CD  1 
ATOM   782  O  OE1 . GLN A 1 106 ? 0.114   6.485   -11.966 1.00 26.05 ? 105 GLN A OE1 1 
ATOM   783  N  NE2 . GLN A 1 106 ? -0.480  4.720   -13.226 1.00 22.65 ? 105 GLN A NE2 1 
ATOM   784  N  N   . THR A 1 107 ? -3.597  10.579  -11.662 1.00 30.76 ? 106 THR A N   1 
ATOM   785  C  CA  . THR A 1 107 ? -3.818  11.997  -11.442 1.00 32.64 ? 106 THR A CA  1 
ATOM   786  C  C   . THR A 1 107 ? -5.193  12.173  -10.760 1.00 33.32 ? 106 THR A C   1 
ATOM   787  O  O   . THR A 1 107 ? -5.362  12.902  -9.771  1.00 34.14 ? 106 THR A O   1 
ATOM   788  C  CB  . THR A 1 107 ? -3.695  12.771  -12.793 1.00 33.07 ? 106 THR A CB  1 
ATOM   789  O  OG1 . THR A 1 107 ? -3.039  14.029  -12.588 1.00 35.93 ? 106 THR A OG1 1 
ATOM   790  C  CG2 . THR A 1 107 ? -5.057  13.001  -13.442 1.00 33.15 ? 106 THR A CG2 1 
ATOM   791  O  OXT . THR A 1 107 ? -6.194  11.550  -11.151 1.00 33.88 ? 106 THR A OXT 1 
ATOM   792  N  N   . PRO B 1 2   ? -10.811 -5.001  -0.955  1.00 27.70 ? 1   PRO B N   1 
ATOM   793  C  CA  . PRO B 1 2   ? -10.545 -6.083  -0.029  1.00 27.36 ? 1   PRO B CA  1 
ATOM   794  C  C   . PRO B 1 2   ? -11.480 -6.180  1.178   1.00 27.34 ? 1   PRO B C   1 
ATOM   795  O  O   . PRO B 1 2   ? -12.585 -5.608  1.188   1.00 27.79 ? 1   PRO B O   1 
ATOM   796  C  CB  . PRO B 1 2   ? -9.118  -5.770  0.393   1.00 27.36 ? 1   PRO B CB  1 
ATOM   797  C  CG  . PRO B 1 2   ? -8.479  -5.347  -0.931  1.00 27.31 ? 1   PRO B CG  1 
ATOM   798  C  CD  . PRO B 1 2   ? -9.619  -4.755  -1.790  1.00 27.35 ? 1   PRO B CD  1 
ATOM   799  N  N   . SER B 1 3   ? -11.035 -6.909  2.196   1.00 26.31 ? 2   SER B N   1 
ATOM   800  C  CA  . SER B 1 3   ? -11.816 -7.040  3.409   1.00 25.53 ? 2   SER B CA  1 
ATOM   801  C  C   . SER B 1 3   ? -10.936 -6.967  4.654   1.00 24.35 ? 2   SER B C   1 
ATOM   802  O  O   . SER B 1 3   ? -9.885  -7.604  4.714   1.00 24.05 ? 2   SER B O   1 
ATOM   803  C  CB  . SER B 1 3   ? -12.588 -8.357  3.394   1.00 25.46 ? 2   SER B CB  1 
ATOM   804  O  OG  . SER B 1 3   ? -13.186 -8.556  4.654   1.00 27.13 ? 2   SER B OG  1 
ATOM   805  N  N   . ILE B 1 4   ? -11.371 -6.193  5.647   1.00 22.90 ? 3   ILE B N   1 
ATOM   806  C  CA  . ILE B 1 4   ? -10.720 -6.228  6.956   1.00 21.40 ? 3   ILE B CA  1 
ATOM   807  C  C   . ILE B 1 4   ? -11.701 -6.667  7.988   1.00 20.25 ? 3   ILE B C   1 
ATOM   808  O  O   . ILE B 1 4   ? -12.875 -6.240  7.999   1.00 19.99 ? 3   ILE B O   1 
ATOM   809  C  CB  . ILE B 1 4   ? -10.184 -4.845  7.446   1.00 21.18 ? 3   ILE B CB  1 
ATOM   810  C  CG1 . ILE B 1 4   ? -9.448  -4.094  6.339   1.00 21.81 ? 3   ILE B CG1 1 
ATOM   811  C  CG2 . ILE B 1 4   ? -9.286  -5.017  8.673   1.00 20.07 ? 3   ILE B CG2 1 
ATOM   812  C  CD1 . ILE B 1 4   ? -8.946  -2.732  6.778   1.00 22.27 ? 3   ILE B CD1 1 
ATOM   813  N  N   . THR B 1 5   ? -11.183 -7.470  8.905   1.00 19.34 ? 4   THR B N   1 
ATOM   814  C  CA  . THR B 1 5   ? -11.938 -7.928  10.053  1.00 17.60 ? 4   THR B CA  1 
ATOM   815  C  C   . THR B 1 5   ? -11.494 -7.217  11.327  1.00 16.85 ? 4   THR B C   1 
ATOM   816  O  O   . THR B 1 5   ? -10.347 -7.285  11.723  1.00 16.66 ? 4   THR B O   1 
ATOM   817  C  CB  . THR B 1 5   ? -11.800 -9.425  10.138  1.00 17.36 ? 4   THR B CB  1 
ATOM   818  O  OG1 . THR B 1 5   ? -12.208 -9.950  8.872   1.00 15.17 ? 4   THR B OG1 1 
ATOM   819  C  CG2 . THR B 1 5   ? -12.667 -10.024 11.303  1.00 18.03 ? 4   THR B CG2 1 
ATOM   820  N  N   . PHE B 1 6   ? -12.422 -6.508  11.954  1.00 17.00 ? 5   PHE B N   1 
ATOM   821  C  CA  . PHE B 1 6   ? -12.149 -5.862  13.226  1.00 16.44 ? 5   PHE B CA  1 
ATOM   822  C  C   . PHE B 1 6   ? -12.762 -6.660  14.358  1.00 17.09 ? 5   PHE B C   1 
ATOM   823  O  O   . PHE B 1 6   ? -13.896 -7.178  14.234  1.00 16.62 ? 5   PHE B O   1 
ATOM   824  C  CB  . PHE B 1 6   ? -12.675 -4.439  13.248  1.00 16.67 ? 5   PHE B CB  1 
ATOM   825  C  CG  . PHE B 1 6   ? -11.904 -3.508  12.382  1.00 17.79 ? 5   PHE B CG  1 
ATOM   826  C  CD1 . PHE B 1 6   ? -10.823 -2.795  12.891  1.00 18.71 ? 5   PHE B CD1 1 
ATOM   827  C  CD2 . PHE B 1 6   ? -12.248 -3.349  11.038  1.00 18.40 ? 5   PHE B CD2 1 
ATOM   828  C  CE1 . PHE B 1 6   ? -10.087 -1.923  12.057  1.00 19.52 ? 5   PHE B CE1 1 
ATOM   829  C  CE2 . PHE B 1 6   ? -11.528 -2.485  10.202  1.00 20.32 ? 5   PHE B CE2 1 
ATOM   830  C  CZ  . PHE B 1 6   ? -10.441 -1.777  10.709  1.00 17.78 ? 5   PHE B CZ  1 
ATOM   831  N  N   . ILE B 1 7   ? -12.000 -6.761  15.451  1.00 16.42 ? 6   ILE B N   1 
ATOM   832  C  CA  . ILE B 1 7   ? -12.464 -7.447  16.653  1.00 17.26 ? 6   ILE B CA  1 
ATOM   833  C  C   . ILE B 1 7   ? -12.434 -6.503  17.857  1.00 18.15 ? 6   ILE B C   1 
ATOM   834  O  O   . ILE B 1 7   ? -11.387 -5.953  18.221  1.00 17.69 ? 6   ILE B O   1 
ATOM   835  C  CB  . ILE B 1 7   ? -11.702 -8.766  16.909  1.00 15.88 ? 6   ILE B CB  1 
ATOM   836  C  CG1 . ILE B 1 7   ? -12.093 -9.796  15.853  1.00 17.24 ? 6   ILE B CG1 1 
ATOM   837  C  CG2 . ILE B 1 7   ? -12.051 -9.320  18.235  1.00 15.19 ? 6   ILE B CG2 1 
ATOM   838  C  CD1 . ILE B 1 7   ? -10.945 -10.620 15.317  1.00 17.10 ? 6   ILE B CD1 1 
ATOM   839  N  N   . HIS B 1 8   ? -13.605 -6.340  18.459  1.00 19.47 ? 7   HIS B N   1 
ATOM   840  C  CA  . HIS B 1 8   ? -13.798 -5.423  19.556  1.00 21.48 ? 7   HIS B CA  1 
ATOM   841  C  C   . HIS B 1 8   ? -13.294 -6.092  20.820  1.00 22.90 ? 7   HIS B C   1 
ATOM   842  O  O   . HIS B 1 8   ? -13.122 -7.326  20.846  1.00 22.55 ? 7   HIS B O   1 
ATOM   843  C  CB  . HIS B 1 8   ? -15.289 -5.046  19.672  1.00 21.19 ? 7   HIS B CB  1 
ATOM   844  C  CG  . HIS B 1 8   ? -15.794 -4.241  18.519  1.00 20.75 ? 7   HIS B CG  1 
ATOM   845  N  ND1 . HIS B 1 8   ? -15.999 -4.780  17.267  1.00 21.97 ? 7   HIS B ND1 1 
ATOM   846  C  CD2 . HIS B 1 8   ? -16.134 -2.933  18.426  1.00 23.34 ? 7   HIS B CD2 1 
ATOM   847  C  CE1 . HIS B 1 8   ? -16.430 -3.837  16.447  1.00 22.40 ? 7   HIS B CE1 1 
ATOM   848  N  NE2 . HIS B 1 8   ? -16.526 -2.705  17.126  1.00 21.82 ? 7   HIS B NE2 1 
ATOM   849  N  N   . PRO B 1 9   ? -13.025 -5.297  21.873  1.00 24.23 ? 8   PRO B N   1 
ATOM   850  C  CA  . PRO B 1 9   ? -12.592 -5.958  23.102  1.00 25.69 ? 8   PRO B CA  1 
ATOM   851  C  C   . PRO B 1 9   ? -13.635 -6.960  23.662  1.00 27.07 ? 8   PRO B C   1 
ATOM   852  O  O   . PRO B 1 9   ? -13.277 -7.835  24.463  1.00 27.20 ? 8   PRO B O   1 
ATOM   853  C  CB  . PRO B 1 9   ? -12.386 -4.790  24.075  1.00 25.90 ? 8   PRO B CB  1 
ATOM   854  C  CG  . PRO B 1 9   ? -12.060 -3.646  23.221  1.00 25.20 ? 8   PRO B CG  1 
ATOM   855  C  CD  . PRO B 1 9   ? -12.806 -3.842  21.920  1.00 24.30 ? 8   PRO B CD  1 
ATOM   856  N  N   . ASP B 1 10  ? -14.895 -6.847  23.232  1.00 27.84 ? 9   ASP B N   1 
ATOM   857  C  CA  . ASP B 1 10  ? -15.951 -7.716  23.747  1.00 29.21 ? 9   ASP B CA  1 
ATOM   858  C  C   . ASP B 1 10  ? -16.083 -9.043  23.021  1.00 29.76 ? 9   ASP B C   1 
ATOM   859  O  O   . ASP B 1 10  ? -17.078 -9.750  23.212  1.00 30.87 ? 9   ASP B O   1 
ATOM   860  C  CB  . ASP B 1 10  ? -17.307 -6.993  23.822  1.00 29.32 ? 9   ASP B CB  1 
ATOM   861  C  CG  . ASP B 1 10  ? -17.900 -6.661  22.456  1.00 30.30 ? 9   ASP B CG  1 
ATOM   862  O  OD1 . ASP B 1 10  ? -19.093 -6.280  22.428  1.00 33.20 ? 9   ASP B OD1 1 
ATOM   863  O  OD2 . ASP B 1 10  ? -17.211 -6.769  21.420  1.00 29.90 ? 9   ASP B OD2 1 
ATOM   864  N  N   . GLY B 1 11  ? -15.083 -9.370  22.200  1.00 29.72 ? 10  GLY B N   1 
ATOM   865  C  CA  . GLY B 1 11  ? -15.079 -10.582 21.375  1.00 29.10 ? 10  GLY B CA  1 
ATOM   866  C  C   . GLY B 1 11  ? -15.761 -10.423 20.017  1.00 28.86 ? 10  GLY B C   1 
ATOM   867  O  O   . GLY B 1 11  ? -15.355 -11.048 19.026  1.00 28.09 ? 10  GLY B O   1 
ATOM   868  N  N   . ARG B 1 12  ? -16.794 -9.585  19.965  1.00 28.57 ? 11  ARG B N   1 
ATOM   869  C  CA  . ARG B 1 12  ? -17.601 -9.437  18.749  1.00 28.20 ? 11  ARG B CA  1 
ATOM   870  C  C   . ARG B 1 12  ? -16.758 -8.964  17.552  1.00 27.54 ? 11  ARG B C   1 
ATOM   871  O  O   . ARG B 1 12  ? -15.737 -8.273  17.717  1.00 27.21 ? 11  ARG B O   1 
ATOM   872  C  CB  . ARG B 1 12  ? -18.877 -8.598  19.003  1.00 28.42 ? 11  ARG B CB  1 
ATOM   873  C  CG  . ARG B 1 12  ? -18.864 -7.156  18.505  1.00 30.11 ? 11  ARG B CG  1 
ATOM   874  C  CD  . ARG B 1 12  ? -20.007 -6.332  19.157  1.00 34.30 ? 11  ARG B CD  1 
ATOM   875  N  NE  . ARG B 1 12  ? -20.095 -4.974  18.606  1.00 35.23 ? 11  ARG B NE  1 
ATOM   876  C  CZ  . ARG B 1 12  ? -19.640 -3.874  19.210  1.00 36.20 ? 11  ARG B CZ  1 
ATOM   877  N  NH1 . ARG B 1 12  ? -19.069 -3.944  20.410  1.00 34.51 ? 11  ARG B NH1 1 
ATOM   878  N  NH2 . ARG B 1 12  ? -19.764 -2.693  18.607  1.00 36.78 ? 11  ARG B NH2 1 
ATOM   879  N  N   . SER B 1 13  ? -17.160 -9.392  16.359  1.00 26.54 ? 12  SER B N   1 
ATOM   880  C  CA  . SER B 1 13  ? -16.374 -9.143  15.170  1.00 26.56 ? 12  SER B CA  1 
ATOM   881  C  C   . SER B 1 13  ? -17.236 -8.616  14.057  1.00 26.64 ? 12  SER B C   1 
ATOM   882  O  O   . SER B 1 13  ? -18.460 -8.787  14.052  1.00 26.97 ? 12  SER B O   1 
ATOM   883  C  CB  . SER B 1 13  ? -15.605 -10.390 14.715  1.00 26.48 ? 12  SER B CB  1 
ATOM   884  O  OG  . SER B 1 13  ? -16.475 -11.455 14.369  1.00 28.10 ? 12  SER B OG  1 
ATOM   885  N  N   . GLU B 1 14  ? -16.564 -7.982  13.103  1.00 26.17 ? 13  GLU B N   1 
ATOM   886  C  CA  . GLU B 1 14  ? -17.194 -7.228  12.059  1.00 25.93 ? 13  GLU B CA  1 
ATOM   887  C  C   . GLU B 1 14  ? -16.257 -7.284  10.863  1.00 25.27 ? 13  GLU B C   1 
ATOM   888  O  O   . GLU B 1 14  ? -15.040 -7.314  11.027  1.00 24.16 ? 13  GLU B O   1 
ATOM   889  C  CB  . GLU B 1 14  ? -17.352 -5.775  12.522  1.00 26.34 ? 13  GLU B CB  1 
ATOM   890  C  CG  . GLU B 1 14  ? -18.716 -5.174  12.282  1.00 27.47 ? 13  GLU B CG  1 
ATOM   891  C  CD  . GLU B 1 14  ? -18.848 -3.804  12.934  1.00 29.94 ? 13  GLU B CD  1 
ATOM   892  O  OE1 . GLU B 1 14  ? -18.491 -3.665  14.143  1.00 28.37 ? 13  GLU B OE1 1 
ATOM   893  O  OE2 . GLU B 1 14  ? -19.297 -2.867  12.229  1.00 28.98 ? 13  GLU B OE2 1 
ATOM   894  N  N   . ILE B 1 15  ? -16.833 -7.319  9.668   1.00 25.42 ? 14  ILE B N   1 
ATOM   895  C  CA  . ILE B 1 15  ? -16.068 -7.335  8.442   1.00 26.00 ? 14  ILE B CA  1 
ATOM   896  C  C   . ILE B 1 15  ? -16.426 -6.078  7.666   1.00 26.52 ? 14  ILE B C   1 
ATOM   897  O  O   . ILE B 1 15  ? -17.596 -5.754  7.517   1.00 27.19 ? 14  ILE B O   1 
ATOM   898  C  CB  . ILE B 1 15  ? -16.400 -8.563  7.571   1.00 26.27 ? 14  ILE B CB  1 
ATOM   899  C  CG1 . ILE B 1 15  ? -16.066 -9.877  8.291   1.00 26.77 ? 14  ILE B CG1 1 
ATOM   900  C  CG2 . ILE B 1 15  ? -15.672 -8.477  6.202   1.00 26.34 ? 14  ILE B CG2 1 
ATOM   901  C  CD1 . ILE B 1 15  ? -16.298 -11.140 7.404   1.00 25.33 ? 14  ILE B CD1 1 
ATOM   902  N  N   . VAL B 1 16  ? -15.422 -5.364  7.174   1.00 27.16 ? 15  VAL B N   1 
ATOM   903  C  CA  . VAL B 1 16  ? -15.680 -4.133  6.428   1.00 27.40 ? 15  VAL B CA  1 
ATOM   904  C  C   . VAL B 1 16  ? -14.900 -4.114  5.125   1.00 28.25 ? 15  VAL B C   1 
ATOM   905  O  O   . VAL B 1 16  ? -13.780 -4.617  5.045   1.00 28.49 ? 15  VAL B O   1 
ATOM   906  C  CB  . VAL B 1 16  ? -15.406 -2.848  7.290   1.00 27.27 ? 15  VAL B CB  1 
ATOM   907  C  CG1 . VAL B 1 16  ? -15.778 -3.086  8.764   1.00 27.24 ? 15  VAL B CG1 1 
ATOM   908  C  CG2 . VAL B 1 16  ? -13.964 -2.429  7.202   1.00 26.45 ? 15  VAL B CG2 1 
ATOM   909  N  N   . ASP B 1 17  ? -15.501 -3.522  4.102   1.00 29.40 ? 16  ASP B N   1 
ATOM   910  C  CA  . ASP B 1 17  ? -14.863 -3.440  2.809   1.00 30.63 ? 16  ASP B CA  1 
ATOM   911  C  C   . ASP B 1 17  ? -13.904 -2.265  2.777   1.00 30.60 ? 16  ASP B C   1 
ATOM   912  O  O   . ASP B 1 17  ? -14.276 -1.132  3.130   1.00 31.66 ? 16  ASP B O   1 
ATOM   913  C  CB  . ASP B 1 17  ? -15.895 -3.322  1.688   1.00 31.06 ? 16  ASP B CB  1 
ATOM   914  C  CG  . ASP B 1 17  ? -15.276 -2.858  0.376   1.00 34.33 ? 16  ASP B CG  1 
ATOM   915  O  OD1 . ASP B 1 17  ? -14.643 -3.698  -0.335  1.00 36.79 ? 16  ASP B OD1 1 
ATOM   916  O  OD2 . ASP B 1 17  ? -15.434 -1.650  0.062   1.00 35.89 ? 16  ASP B OD2 1 
ATOM   917  N  N   . ALA B 1 18  ? -12.672 -2.553  2.367   1.00 30.05 ? 17  ALA B N   1 
ATOM   918  C  CA  . ALA B 1 18  ? -11.622 -1.554  2.237   1.00 29.51 ? 17  ALA B CA  1 
ATOM   919  C  C   . ALA B 1 18  ? -11.218 -1.418  0.782   1.00 28.95 ? 17  ALA B C   1 
ATOM   920  O  O   . ALA B 1 18  ? -11.008 -2.417  0.091   1.00 29.10 ? 17  ALA B O   1 
ATOM   921  C  CB  . ALA B 1 18  ? -10.420 -1.938  3.075   1.00 29.46 ? 17  ALA B CB  1 
ATOM   922  N  N   . ALA B 1 19  ? -11.145 -0.177  0.315   1.00 28.81 ? 18  ALA B N   1 
ATOM   923  C  CA  . ALA B 1 19  ? -10.593 0.112   -1.000  1.00 28.58 ? 18  ALA B CA  1 
ATOM   924  C  C   . ALA B 1 19  ? -9.080  0.138   -0.873  1.00 28.82 ? 18  ALA B C   1 
ATOM   925  O  O   . ALA B 1 19  ? -8.527  0.639   0.129   1.00 28.42 ? 18  ALA B O   1 
ATOM   926  C  CB  . ALA B 1 19  ? -11.101 1.443   -1.529  1.00 28.73 ? 18  ALA B CB  1 
ATOM   927  N  N   . ILE B 1 20  ? -8.419  -0.423  -1.885  1.00 28.39 ? 19  ILE B N   1 
ATOM   928  C  CA  . ILE B 1 20  ? -6.975  -0.446  -1.966  1.00 28.03 ? 19  ILE B CA  1 
ATOM   929  C  C   . ILE B 1 20  ? -6.421  0.970   -1.804  1.00 28.50 ? 19  ILE B C   1 
ATOM   930  O  O   . ILE B 1 20  ? -6.974  1.934   -2.353  1.00 28.48 ? 19  ILE B O   1 
ATOM   931  C  CB  . ILE B 1 20  ? -6.512  -1.098  -3.286  1.00 28.18 ? 19  ILE B CB  1 
ATOM   932  C  CG1 . ILE B 1 20  ? -6.615  -2.630  -3.180  1.00 28.09 ? 19  ILE B CG1 1 
ATOM   933  C  CG2 . ILE B 1 20  ? -5.088  -0.659  -3.655  1.00 26.63 ? 19  ILE B CG2 1 
ATOM   934  C  CD1 . ILE B 1 20  ? -6.994  -3.322  -4.475  1.00 27.87 ? 19  ILE B CD1 1 
ATOM   935  N  N   . GLY B 1 21  ? -5.345  1.078   -1.029  1.00 28.42 ? 20  GLY B N   1 
ATOM   936  C  CA  . GLY B 1 21  ? -4.727  2.359   -0.686  1.00 28.52 ? 20  GLY B CA  1 
ATOM   937  C  C   . GLY B 1 21  ? -5.348  3.110   0.489   1.00 28.50 ? 20  GLY B C   1 
ATOM   938  O  O   . GLY B 1 21  ? -4.738  4.063   0.998   1.00 28.15 ? 20  GLY B O   1 
ATOM   939  N  N   . ASP B 1 22  ? -6.564  2.723   0.903   1.00 28.22 ? 21  ASP B N   1 
ATOM   940  C  CA  . ASP B 1 22  ? -7.193  3.319   2.100   1.00 27.94 ? 21  ASP B CA  1 
ATOM   941  C  C   . ASP B 1 22  ? -6.405  2.887   3.329   1.00 26.89 ? 21  ASP B C   1 
ATOM   942  O  O   . ASP B 1 22  ? -5.670  1.902   3.251   1.00 27.08 ? 21  ASP B O   1 
ATOM   943  C  CB  . ASP B 1 22  ? -8.647  2.861   2.264   1.00 28.16 ? 21  ASP B CB  1 
ATOM   944  C  CG  . ASP B 1 22  ? -9.644  3.708   1.465   1.00 30.55 ? 21  ASP B CG  1 
ATOM   945  O  OD1 . ASP B 1 22  ? -9.274  4.785   0.924   1.00 27.77 ? 21  ASP B OD1 1 
ATOM   946  O  OD2 . ASP B 1 22  ? -10.826 3.283   1.402   1.00 33.46 ? 21  ASP B OD2 1 
ATOM   947  N  N   . SER B 1 23  ? -6.537  3.603   4.445   1.00 25.30 ? 22  SER B N   1 
ATOM   948  C  CA  . SER B 1 23  ? -5.964  3.110   5.699   1.00 24.19 ? 22  SER B CA  1 
ATOM   949  C  C   . SER B 1 23  ? -6.921  2.128   6.387   1.00 24.17 ? 22  SER B C   1 
ATOM   950  O  O   . SER B 1 23  ? -8.128  2.106   6.115   1.00 23.50 ? 22  SER B O   1 
ATOM   951  C  CB  . SER B 1 23  ? -5.565  4.249   6.647   1.00 23.49 ? 22  SER B CB  1 
ATOM   952  O  OG  . SER B 1 23  ? -6.633  5.141   6.892   1.00 22.65 ? 22  SER B OG  1 
ATOM   953  N  N   . ALA B 1 24  ? -6.370  1.307   7.272   1.00 24.11 ? 23  ALA B N   1 
ATOM   954  C  CA  . ALA B 1 24  ? -7.181  0.471   8.121   1.00 24.47 ? 23  ALA B CA  1 
ATOM   955  C  C   . ALA B 1 24  ? -8.141  1.363   8.874   1.00 24.71 ? 23  ALA B C   1 
ATOM   956  O  O   . ALA B 1 24  ? -9.304  1.005   9.066   1.00 25.50 ? 23  ALA B O   1 
ATOM   957  C  CB  . ALA B 1 24  ? -6.307  -0.332  9.102   1.00 24.59 ? 23  ALA B CB  1 
ATOM   958  N  N   . MET B 1 25  ? -7.653  2.531   9.292   1.00 24.62 ? 24  MET B N   1 
ATOM   959  C  CA  . MET B 1 25  ? -8.429  3.443   10.129  1.00 24.23 ? 24  MET B CA  1 
ATOM   960  C  C   . MET B 1 25  ? -9.584  4.053   9.346   1.00 24.24 ? 24  MET B C   1 
ATOM   961  O  O   . MET B 1 25  ? -10.739 4.048   9.799   1.00 24.39 ? 24  MET B O   1 
ATOM   962  C  CB  . MET B 1 25  ? -7.526  4.538   10.654  1.00 24.10 ? 24  MET B CB  1 
ATOM   963  C  CG  . MET B 1 25  ? -8.173  5.458   11.654  1.00 24.57 ? 24  MET B CG  1 
ATOM   964  S  SD  . MET B 1 25  ? -7.584  7.132   11.320  1.00 30.21 ? 24  MET B SD  1 
ATOM   965  C  CE  . MET B 1 25  ? -8.476  7.453   9.797   1.00 22.91 ? 24  MET B CE  1 
ATOM   966  N  N   . PHE B 1 26  ? -9.287  4.568   8.165   1.00 24.24 ? 25  PHE B N   1 
ATOM   967  C  CA  . PHE B 1 26  ? -10.345 5.127   7.369   1.00 25.01 ? 25  PHE B CA  1 
ATOM   968  C  C   . PHE B 1 26  ? -11.448 4.086   7.131   1.00 24.65 ? 25  PHE B C   1 
ATOM   969  O  O   . PHE B 1 26  ? -12.623 4.376   7.359   1.00 24.77 ? 25  PHE B O   1 
ATOM   970  C  CB  . PHE B 1 26  ? -9.817  5.682   6.050   1.00 25.77 ? 25  PHE B CB  1 
ATOM   971  C  CG  . PHE B 1 26  ? -10.903 6.209   5.151   1.00 27.74 ? 25  PHE B CG  1 
ATOM   972  C  CD1 . PHE B 1 26  ? -11.578 7.384   5.472   1.00 28.58 ? 25  PHE B CD1 1 
ATOM   973  C  CD2 . PHE B 1 26  ? -11.263 5.515   3.990   1.00 29.23 ? 25  PHE B CD2 1 
ATOM   974  C  CE1 . PHE B 1 26  ? -12.604 7.868   4.649   1.00 29.49 ? 25  PHE B CE1 1 
ATOM   975  C  CE2 . PHE B 1 26  ? -12.276 5.995   3.156   1.00 29.30 ? 25  PHE B CE2 1 
ATOM   976  C  CZ  . PHE B 1 26  ? -12.956 7.174   3.493   1.00 29.18 ? 25  PHE B CZ  1 
ATOM   977  N  N   . ALA B 1 27  ? -11.075 2.875   6.711   1.00 24.05 ? 26  ALA B N   1 
ATOM   978  C  CA  . ALA B 1 27  ? -12.076 1.845   6.400   1.00 23.79 ? 26  ALA B CA  1 
ATOM   979  C  C   . ALA B 1 27  ? -12.959 1.460   7.606   1.00 23.86 ? 26  ALA B C   1 
ATOM   980  O  O   . ALA B 1 27  ? -14.136 1.163   7.415   1.00 23.71 ? 26  ALA B O   1 
ATOM   981  C  CB  . ALA B 1 27  ? -11.438 0.619   5.771   1.00 23.61 ? 26  ALA B CB  1 
ATOM   982  N  N   . ALA B 1 28  ? -12.407 1.495   8.829   1.00 23.37 ? 27  ALA B N   1 
ATOM   983  C  CA  . ALA B 1 28  ? -13.210 1.279   10.052  1.00 23.37 ? 27  ALA B CA  1 
ATOM   984  C  C   . ALA B 1 28  ? -14.189 2.419   10.318  1.00 23.98 ? 27  ALA B C   1 
ATOM   985  O  O   . ALA B 1 28  ? -15.388 2.192   10.471  1.00 23.95 ? 27  ALA B O   1 
ATOM   986  C  CB  . ALA B 1 28  ? -12.329 1.083   11.261  1.00 22.71 ? 27  ALA B CB  1 
ATOM   987  N  N   . LEU B 1 29  ? -13.642 3.634   10.409  1.00 24.17 ? 28  LEU B N   1 
ATOM   988  C  CA  . LEU B 1 29  ? -14.394 4.869   10.563  1.00 24.38 ? 28  LEU B CA  1 
ATOM   989  C  C   . LEU B 1 29  ? -15.501 5.003   9.513   1.00 24.85 ? 28  LEU B C   1 
ATOM   990  O  O   . LEU B 1 29  ? -16.646 5.316   9.853   1.00 24.82 ? 28  LEU B O   1 
ATOM   991  C  CB  . LEU B 1 29  ? -13.432 6.082   10.510  1.00 24.59 ? 28  LEU B CB  1 
ATOM   992  C  CG  . LEU B 1 29  ? -12.736 6.533   11.813  1.00 25.05 ? 28  LEU B CG  1 
ATOM   993  C  CD1 . LEU B 1 29  ? -12.372 5.413   12.744  1.00 24.58 ? 28  LEU B CD1 1 
ATOM   994  C  CD2 . LEU B 1 29  ? -11.492 7.347   11.527  1.00 26.88 ? 28  LEU B CD2 1 
ATOM   995  N  N   . ASN B 1 30  ? -15.162 4.739   8.254   1.00 25.05 ? 29  ASN B N   1 
ATOM   996  C  CA  . ASN B 1 30  ? -16.139 4.720   7.158   1.00 25.68 ? 29  ASN B CA  1 
ATOM   997  C  C   . ASN B 1 30  ? -17.226 3.670   7.356   1.00 26.25 ? 29  ASN B C   1 
ATOM   998  O  O   . ASN B 1 30  ? -18.330 3.789   6.818   1.00 26.76 ? 29  ASN B O   1 
ATOM   999  C  CB  . ASN B 1 30  ? -15.419 4.476   5.831   1.00 25.82 ? 29  ASN B CB  1 
ATOM   1000 C  CG  . ASN B 1 30  ? -16.337 4.579   4.640   1.00 26.78 ? 29  ASN B CG  1 
ATOM   1001 O  OD1 . ASN B 1 30  ? -17.188 5.462   4.576   1.00 29.19 ? 29  ASN B OD1 1 
ATOM   1002 N  ND2 . ASN B 1 30  ? -16.162 3.683   3.674   1.00 26.09 ? 29  ASN B ND2 1 
ATOM   1003 N  N   . HIS B 1 31  ? -16.931 2.646   8.149   1.00 27.02 ? 30  HIS B N   1 
ATOM   1004 C  CA  . HIS B 1 31  ? -17.926 1.616   8.385   1.00 27.51 ? 30  HIS B CA  1 
ATOM   1005 C  C   . HIS B 1 31  ? -18.511 1.583   9.786   1.00 27.49 ? 30  HIS B C   1 
ATOM   1006 O  O   . HIS B 1 31  ? -19.137 0.597   10.191  1.00 26.73 ? 30  HIS B O   1 
ATOM   1007 C  CB  . HIS B 1 31  ? -17.495 0.264   7.811   1.00 27.69 ? 30  HIS B CB  1 
ATOM   1008 C  CG  . HIS B 1 31  ? -17.650 0.204   6.324   1.00 29.33 ? 30  HIS B CG  1 
ATOM   1009 N  ND1 . HIS B 1 31  ? -16.588 0.338   5.457   1.00 30.80 ? 30  HIS B ND1 1 
ATOM   1010 C  CD2 . HIS B 1 31  ? -18.759 0.112   5.549   1.00 31.81 ? 30  HIS B CD2 1 
ATOM   1011 C  CE1 . HIS B 1 31  ? -17.031 0.286   4.212   1.00 32.69 ? 30  HIS B CE1 1 
ATOM   1012 N  NE2 . HIS B 1 31  ? -18.344 0.148   4.240   1.00 32.36 ? 30  HIS B NE2 1 
ATOM   1013 N  N   . GLY B 1 32  ? -18.347 2.704   10.497  1.00 27.59 ? 31  GLY B N   1 
ATOM   1014 C  CA  . GLY B 1 32  ? -19.092 2.945   11.734  1.00 27.53 ? 31  GLY B CA  1 
ATOM   1015 C  C   . GLY B 1 32  ? -18.472 2.357   12.985  1.00 28.33 ? 31  GLY B C   1 
ATOM   1016 O  O   . GLY B 1 32  ? -19.126 2.288   14.035  1.00 27.62 ? 31  GLY B O   1 
ATOM   1017 N  N   . ILE B 1 33  ? -17.212 1.928   12.876  1.00 28.61 ? 32  ILE B N   1 
ATOM   1018 C  CA  . ILE B 1 33  ? -16.432 1.510   14.053  1.00 29.11 ? 32  ILE B CA  1 
ATOM   1019 C  C   . ILE B 1 33  ? -15.851 2.767   14.716  1.00 29.13 ? 32  ILE B C   1 
ATOM   1020 O  O   . ILE B 1 33  ? -14.691 3.126   14.476  1.00 28.21 ? 32  ILE B O   1 
ATOM   1021 C  CB  . ILE B 1 33  ? -15.316 0.501   13.666  1.00 29.47 ? 32  ILE B CB  1 
ATOM   1022 C  CG1 . ILE B 1 33  ? -15.929 -0.679  12.911  1.00 29.99 ? 32  ILE B CG1 1 
ATOM   1023 C  CG2 . ILE B 1 33  ? -14.527 0.026   14.918  1.00 29.06 ? 32  ILE B CG2 1 
ATOM   1024 C  CD1 . ILE B 1 33  ? -14.938 -1.571  12.222  1.00 31.21 ? 32  ILE B CD1 1 
ATOM   1025 N  N   . ASP B 1 34  ? -16.693 3.393   15.552  1.00 29.48 ? 33  ASP B N   1 
ATOM   1026 C  CA  . ASP B 1 34  ? -16.536 4.752   16.112  1.00 29.68 ? 33  ASP B CA  1 
ATOM   1027 C  C   . ASP B 1 34  ? -15.454 4.870   17.145  1.00 29.17 ? 33  ASP B C   1 
ATOM   1028 O  O   . ASP B 1 34  ? -15.006 5.982   17.461  1.00 29.42 ? 33  ASP B O   1 
ATOM   1029 C  CB  . ASP B 1 34  ? -17.822 5.157   16.858  1.00 30.82 ? 33  ASP B CB  1 
ATOM   1030 C  CG  . ASP B 1 34  ? -18.946 5.548   15.946  1.00 32.47 ? 33  ASP B CG  1 
ATOM   1031 O  OD1 . ASP B 1 34  ? -18.679 6.136   14.867  1.00 34.41 ? 33  ASP B OD1 1 
ATOM   1032 O  OD2 . ASP B 1 34  ? -20.109 5.281   16.328  1.00 34.38 ? 33  ASP B OD2 1 
ATOM   1033 N  N   . SER B 1 35  ? -15.085 3.732   17.714  1.00 28.25 ? 34  SER B N   1 
ATOM   1034 C  CA  . SER B 1 35  ? -14.237 3.679   18.894  1.00 28.08 ? 34  SER B CA  1 
ATOM   1035 C  C   . SER B 1 35  ? -12.779 4.088   18.637  1.00 27.46 ? 34  SER B C   1 
ATOM   1036 O  O   . SER B 1 35  ? -12.019 4.322   19.564  1.00 27.61 ? 34  SER B O   1 
ATOM   1037 C  CB  . SER B 1 35  ? -14.307 2.283   19.519  1.00 27.92 ? 34  SER B CB  1 
ATOM   1038 O  OG  . SER B 1 35  ? -14.203 1.281   18.529  1.00 28.87 ? 34  SER B OG  1 
ATOM   1039 N  N   . ILE B 1 36  ? -12.398 4.161   17.372  1.00 26.57 ? 35  ILE B N   1 
ATOM   1040 C  CA  . ILE B 1 36  ? -11.089 4.659   17.018  1.00 26.02 ? 35  ILE B CA  1 
ATOM   1041 C  C   . ILE B 1 36  ? -11.213 6.183   17.046  1.00 25.45 ? 35  ILE B C   1 
ATOM   1042 O  O   . ILE B 1 36  ? -12.094 6.733   16.400  1.00 25.57 ? 35  ILE B O   1 
ATOM   1043 C  CB  . ILE B 1 36  ? -10.664 4.142   15.637  1.00 25.63 ? 35  ILE B CB  1 
ATOM   1044 C  CG1 . ILE B 1 36  ? -10.383 2.635   15.703  1.00 25.69 ? 35  ILE B CG1 1 
ATOM   1045 C  CG2 . ILE B 1 36  ? -9.434  4.879   15.160  1.00 26.55 ? 35  ILE B CG2 1 
ATOM   1046 C  CD1 . ILE B 1 36  ? -10.355 1.938   14.362  1.00 23.68 ? 35  ILE B CD1 1 
ATOM   1047 N  N   . VAL B 1 37  ? -10.375 6.871   17.818  1.00 24.70 ? 36  VAL B N   1 
ATOM   1048 C  CA  . VAL B 1 37  ? -10.600 8.304   17.950  1.00 24.20 ? 36  VAL B CA  1 
ATOM   1049 C  C   . VAL B 1 37  ? -9.990  9.041   16.768  1.00 24.39 ? 36  VAL B C   1 
ATOM   1050 O  O   . VAL B 1 37  ? -10.677 9.828   16.092  1.00 23.56 ? 36  VAL B O   1 
ATOM   1051 C  CB  . VAL B 1 37  ? -10.157 8.888   19.321  1.00 24.64 ? 36  VAL B CB  1 
ATOM   1052 C  CG1 . VAL B 1 37  ? -10.246 10.443  19.309  1.00 24.38 ? 36  VAL B CG1 1 
ATOM   1053 C  CG2 . VAL B 1 37  ? -11.019 8.317   20.439  1.00 22.89 ? 36  VAL B CG2 1 
ATOM   1054 N  N   . ALA B 1 38  ? -8.719  8.744   16.486  1.00 24.07 ? 37  ALA B N   1 
ATOM   1055 C  CA  . ALA B 1 38  ? -8.040  9.358   15.351  1.00 24.00 ? 37  ALA B CA  1 
ATOM   1056 C  C   . ALA B 1 38  ? -8.173  10.892  15.410  1.00 23.78 ? 37  ALA B C   1 
ATOM   1057 O  O   . ALA B 1 38  ? -8.673  11.548  14.482  1.00 22.67 ? 37  ALA B O   1 
ATOM   1058 C  CB  . ALA B 1 38  ? -8.564  8.777   14.031  1.00 23.91 ? 37  ALA B CB  1 
ATOM   1059 N  N   . GLU B 1 39  ? -7.718  11.428  16.540  1.00 24.35 ? 38  GLU B N   1 
ATOM   1060 C  CA  . GLU B 1 39  ? -7.684  12.864  16.818  1.00 24.89 ? 38  GLU B CA  1 
ATOM   1061 C  C   . GLU B 1 39  ? -7.095  13.613  15.630  1.00 24.99 ? 38  GLU B C   1 
ATOM   1062 O  O   . GLU B 1 39  ? -7.688  14.612  15.150  1.00 24.59 ? 38  GLU B O   1 
ATOM   1063 C  CB  . GLU B 1 39  ? -6.842  13.136  18.081  1.00 24.95 ? 38  GLU B CB  1 
ATOM   1064 C  CG  . GLU B 1 39  ? -6.752  14.605  18.527  1.00 26.39 ? 38  GLU B CG  1 
ATOM   1065 C  CD  . GLU B 1 39  ? -5.896  15.488  17.608  1.00 27.66 ? 38  GLU B CD  1 
ATOM   1066 O  OE1 . GLU B 1 39  ? -4.723  15.132  17.313  1.00 28.72 ? 38  GLU B OE1 1 
ATOM   1067 O  OE2 . GLU B 1 39  ? -6.396  16.558  17.193  1.00 27.19 ? 38  GLU B OE2 1 
ATOM   1068 N  N   . CYS B 1 40  ? -5.954  13.097  15.152  1.00 24.26 ? 39  CYS B N   1 
ATOM   1069 C  CA  . CYS B 1 40  ? -5.112  13.805  14.190  1.00 23.95 ? 39  CYS B CA  1 
ATOM   1070 C  C   . CYS B 1 40  ? -5.558  13.586  12.755  1.00 23.78 ? 39  CYS B C   1 
ATOM   1071 O  O   . CYS B 1 40  ? -5.022  14.217  11.833  1.00 23.45 ? 39  CYS B O   1 
ATOM   1072 C  CB  . CYS B 1 40  ? -3.621  13.477  14.407  1.00 23.38 ? 39  CYS B CB  1 
ATOM   1073 S  SG  . CYS B 1 40  ? -2.890  12.024  13.582  1.00 24.99 ? 39  CYS B SG  1 
ATOM   1074 N  N   . GLY B 1 41  ? -6.554  12.705  12.584  1.00 23.90 ? 40  GLY B N   1 
ATOM   1075 C  CA  . GLY B 1 41  ? -7.177  12.430  11.285  1.00 22.64 ? 40  GLY B CA  1 
ATOM   1076 C  C   . GLY B 1 41  ? -6.262  11.727  10.295  1.00 22.51 ? 40  GLY B C   1 
ATOM   1077 O  O   . GLY B 1 41  ? -6.308  12.007  9.090   1.00 22.03 ? 40  GLY B O   1 
ATOM   1078 N  N   . GLY B 1 42  ? -5.404  10.842  10.808  1.00 22.00 ? 41  GLY B N   1 
ATOM   1079 C  CA  . GLY B 1 42  ? -4.531  10.034  9.956   1.00 21.31 ? 41  GLY B CA  1 
ATOM   1080 C  C   . GLY B 1 42  ? -3.304  10.758  9.474   1.00 21.68 ? 41  GLY B C   1 
ATOM   1081 O  O   . GLY B 1 42  ? -2.796  10.480  8.378   1.00 21.90 ? 41  GLY B O   1 
ATOM   1082 N  N   . ASN B 1 43  ? -2.808  11.681  10.300  1.00 21.71 ? 42  ASN B N   1 
ATOM   1083 C  CA  . ASN B 1 43  ? -1.645  12.470  9.946   1.00 21.74 ? 42  ASN B CA  1 
ATOM   1084 C  C   . ASN B 1 43  ? -0.404  12.055  10.741  1.00 21.21 ? 42  ASN B C   1 
ATOM   1085 O  O   . ASN B 1 43  ? 0.558   12.817  10.838  1.00 20.85 ? 42  ASN B O   1 
ATOM   1086 C  CB  . ASN B 1 43  ? -1.942  13.962  10.118  1.00 22.93 ? 42  ASN B CB  1 
ATOM   1087 C  CG  . ASN B 1 43  ? -0.964  14.856  9.363   1.00 24.78 ? 42  ASN B CG  1 
ATOM   1088 O  OD1 . ASN B 1 43  ? -0.526  14.543  8.251   1.00 28.89 ? 42  ASN B OD1 1 
ATOM   1089 N  ND2 . ASN B 1 43  ? -0.630  15.982  9.965   1.00 24.94 ? 42  ASN B ND2 1 
ATOM   1090 N  N   . ALA B 1 44  ? -0.432  10.844  11.294  1.00 19.74 ? 43  ALA B N   1 
ATOM   1091 C  CA  . ALA B 1 44  ? 0.725   10.291  11.975  1.00 19.40 ? 43  ALA B CA  1 
ATOM   1092 C  C   . ALA B 1 44  ? 1.298   11.201  13.064  1.00 18.99 ? 43  ALA B C   1 
ATOM   1093 O  O   . ALA B 1 44  ? 2.526   11.353  13.163  1.00 19.58 ? 43  ALA B O   1 
ATOM   1094 C  CB  . ALA B 1 44  ? 1.838   9.935   10.932  1.00 19.87 ? 43  ALA B CB  1 
ATOM   1095 N  N   . VAL B 1 45  ? 0.445   11.809  13.879  1.00 17.95 ? 44  VAL B N   1 
ATOM   1096 C  CA  . VAL B 1 45  ? 0.970   12.627  14.971  1.00 18.19 ? 44  VAL B CA  1 
ATOM   1097 C  C   . VAL B 1 45  ? 0.286   12.405  16.320  1.00 18.27 ? 44  VAL B C   1 
ATOM   1098 O  O   . VAL B 1 45  ? 0.457   13.220  17.217  1.00 18.24 ? 44  VAL B O   1 
ATOM   1099 C  CB  . VAL B 1 45  ? 0.989   14.176  14.616  1.00 18.41 ? 44  VAL B CB  1 
ATOM   1100 C  CG1 . VAL B 1 45  ? 2.062   14.490  13.584  1.00 18.68 ? 44  VAL B CG1 1 
ATOM   1101 C  CG2 . VAL B 1 45  ? -0.360  14.646  14.110  1.00 16.09 ? 44  VAL B CG2 1 
ATOM   1102 N  N   . CYS B 1 46  ? -0.480  11.316  16.455  1.00 18.42 ? 45  CYS B N   1 
ATOM   1103 C  CA  . CYS B 1 46  ? -1.118  10.954  17.730  1.00 18.92 ? 45  CYS B CA  1 
ATOM   1104 C  C   . CYS B 1 46  ? -1.074  9.437   17.900  1.00 19.05 ? 45  CYS B C   1 
ATOM   1105 O  O   . CYS B 1 46  ? -0.454  8.736   17.108  1.00 19.44 ? 45  CYS B O   1 
ATOM   1106 C  CB  . CYS B 1 46  ? -2.564  11.477  17.797  1.00 18.86 ? 45  CYS B CB  1 
ATOM   1107 S  SG  . CYS B 1 46  ? -3.767  10.538  16.786  1.00 20.07 ? 45  CYS B SG  1 
ATOM   1108 N  N   . ALA B 1 47  ? -1.734  8.923   18.924  1.00 18.70 ? 46  ALA B N   1 
ATOM   1109 C  CA  . ALA B 1 47  ? -1.716  7.476   19.166  1.00 18.80 ? 46  ALA B CA  1 
ATOM   1110 C  C   . ALA B 1 47  ? -3.158  6.933   19.373  1.00 18.41 ? 46  ALA B C   1 
ATOM   1111 O  O   . ALA B 1 47  ? -3.377  5.938   20.069  1.00 17.84 ? 46  ALA B O   1 
ATOM   1112 C  CB  . ALA B 1 47  ? -0.812  7.158   20.360  1.00 18.13 ? 46  ALA B CB  1 
ATOM   1113 N  N   . THR B 1 48  ? -4.124  7.608   18.737  1.00 17.45 ? 47  THR B N   1 
ATOM   1114 C  CA  . THR B 1 48  ? -5.528  7.378   19.013  1.00 16.41 ? 47  THR B CA  1 
ATOM   1115 C  C   . THR B 1 48  ? -6.221  6.604   17.896  1.00 15.98 ? 47  THR B C   1 
ATOM   1116 O  O   . THR B 1 48  ? -7.440  6.651   17.790  1.00 16.47 ? 47  THR B O   1 
ATOM   1117 C  CB  . THR B 1 48  ? -6.267  8.712   19.312  1.00 16.34 ? 47  THR B CB  1 
ATOM   1118 O  OG1 . THR B 1 48  ? -6.420  9.470   18.104  1.00 16.13 ? 47  THR B OG1 1 
ATOM   1119 C  CG2 . THR B 1 48  ? -5.502  9.541   20.331  1.00 15.57 ? 47  THR B CG2 1 
ATOM   1120 N  N   . CYS B 1 49  ? -5.432  5.910   17.070  1.00 15.21 ? 48  CYS B N   1 
ATOM   1121 C  CA  . CYS B 1 49  ? -5.928  4.946   16.088  1.00 14.68 ? 48  CYS B CA  1 
ATOM   1122 C  C   . CYS B 1 49  ? -5.247  3.586   16.316  1.00 14.79 ? 48  CYS B C   1 
ATOM   1123 O  O   . CYS B 1 49  ? -5.104  2.767   15.375  1.00 14.64 ? 48  CYS B O   1 
ATOM   1124 C  CB  . CYS B 1 49  ? -5.685  5.438   14.660  1.00 14.16 ? 48  CYS B CB  1 
ATOM   1125 S  SG  . CYS B 1 49  ? -3.936  5.706   14.359  1.00 13.39 ? 48  CYS B SG  1 
ATOM   1126 N  N   . HIS B 1 50  ? -4.862  3.354   17.580  1.00 14.32 ? 49  HIS B N   1 
ATOM   1127 C  CA  . HIS B 1 50  ? -4.110  2.168   18.035  1.00 14.24 ? 49  HIS B CA  1 
ATOM   1128 C  C   . HIS B 1 50  ? -4.875  0.863   17.767  1.00 14.74 ? 49  HIS B C   1 
ATOM   1129 O  O   . HIS B 1 50  ? -6.035  0.731   18.144  1.00 14.03 ? 49  HIS B O   1 
ATOM   1130 C  CB  . HIS B 1 50  ? -3.828  2.334   19.548  1.00 14.43 ? 49  HIS B CB  1 
ATOM   1131 C  CG  . HIS B 1 50  ? -2.959  1.277   20.171  1.00 12.14 ? 49  HIS B CG  1 
ATOM   1132 N  ND1 . HIS B 1 50  ? -1.970  0.600   19.483  1.00 14.65 ? 49  HIS B ND1 1 
ATOM   1133 C  CD2 . HIS B 1 50  ? -2.903  0.818   21.448  1.00 9.72  ? 49  HIS B CD2 1 
ATOM   1134 C  CE1 . HIS B 1 50  ? -1.353  -0.238  20.307  1.00 12.50 ? 49  HIS B CE1 1 
ATOM   1135 N  NE2 . HIS B 1 50  ? -1.903  -0.128  21.503  1.00 11.36 ? 49  HIS B NE2 1 
ATOM   1136 N  N   . VAL B 1 51  ? -4.222  -0.082  17.089  1.00 15.17 ? 50  VAL B N   1 
ATOM   1137 C  CA  . VAL B 1 51  ? -4.746  -1.444  16.930  1.00 15.50 ? 50  VAL B CA  1 
ATOM   1138 C  C   . VAL B 1 51  ? -3.692  -2.533  17.213  1.00 15.41 ? 50  VAL B C   1 
ATOM   1139 O  O   . VAL B 1 51  ? -2.483  -2.268  17.205  1.00 14.89 ? 50  VAL B O   1 
ATOM   1140 C  CB  . VAL B 1 51  ? -5.366  -1.681  15.534  1.00 15.51 ? 50  VAL B CB  1 
ATOM   1141 C  CG1 . VAL B 1 51  ? -6.620  -0.796  15.324  1.00 15.27 ? 50  VAL B CG1 1 
ATOM   1142 C  CG2 . VAL B 1 51  ? -4.327  -1.489  14.436  1.00 16.40 ? 50  VAL B CG2 1 
ATOM   1143 N  N   . TYR B 1 52  ? -4.160  -3.754  17.454  1.00 15.76 ? 51  TYR B N   1 
ATOM   1144 C  CA  . TYR B 1 52  ? -3.266  -4.921  17.670  1.00 16.69 ? 51  TYR B CA  1 
ATOM   1145 C  C   . TYR B 1 52  ? -3.347  -5.909  16.498  1.00 17.52 ? 51  TYR B C   1 
ATOM   1146 O  O   . TYR B 1 52  ? -4.350  -6.602  16.347  1.00 18.58 ? 51  TYR B O   1 
ATOM   1147 C  CB  . TYR B 1 52  ? -3.606  -5.647  18.981  1.00 15.42 ? 51  TYR B CB  1 
ATOM   1148 C  CG  . TYR B 1 52  ? -3.558  -4.806  20.264  1.00 14.62 ? 51  TYR B CG  1 
ATOM   1149 C  CD1 . TYR B 1 52  ? -2.378  -4.158  20.680  1.00 13.00 ? 51  TYR B CD1 1 
ATOM   1150 C  CD2 . TYR B 1 52  ? -4.672  -4.732  21.099  1.00 12.06 ? 51  TYR B CD2 1 
ATOM   1151 C  CE1 . TYR B 1 52  ? -2.345  -3.413  21.873  1.00 13.11 ? 51  TYR B CE1 1 
ATOM   1152 C  CE2 . TYR B 1 52  ? -4.652  -3.994  22.270  1.00 12.77 ? 51  TYR B CE2 1 
ATOM   1153 C  CZ  . TYR B 1 52  ? -3.496  -3.339  22.663  1.00 14.17 ? 51  TYR B CZ  1 
ATOM   1154 O  OH  . TYR B 1 52  ? -3.518  -2.630  23.867  1.00 15.18 ? 51  TYR B OH  1 
ATOM   1155 N  N   . VAL B 1 53  ? -2.311  -5.969  15.666  1.00 19.01 ? 52  VAL B N   1 
ATOM   1156 C  CA  . VAL B 1 53  ? -2.371  -6.772  14.416  1.00 20.54 ? 52  VAL B CA  1 
ATOM   1157 C  C   . VAL B 1 53  ? -2.225  -8.268  14.694  1.00 22.06 ? 52  VAL B C   1 
ATOM   1158 O  O   . VAL B 1 53  ? -1.251  -8.717  15.363  1.00 21.32 ? 52  VAL B O   1 
ATOM   1159 C  CB  . VAL B 1 53  ? -1.313  -6.316  13.347  1.00 20.02 ? 52  VAL B CB  1 
ATOM   1160 C  CG1 . VAL B 1 53  ? -1.458  -7.107  12.074  1.00 20.93 ? 52  VAL B CG1 1 
ATOM   1161 C  CG2 . VAL B 1 53  ? -1.499  -4.866  13.014  1.00 20.67 ? 52  VAL B CG2 1 
ATOM   1162 N  N   . ASP B 1 54  ? -3.209  -9.030  14.205  1.00 23.01 ? 53  ASP B N   1 
ATOM   1163 C  CA  . ASP B 1 54  ? -3.193  -10.470 14.342  1.00 23.64 ? 53  ASP B CA  1 
ATOM   1164 C  C   . ASP B 1 54  ? -1.805  -10.946 13.956  1.00 24.41 ? 53  ASP B C   1 
ATOM   1165 O  O   . ASP B 1 54  ? -1.286  -10.583 12.887  1.00 24.24 ? 53  ASP B O   1 
ATOM   1166 C  CB  . ASP B 1 54  ? -4.282  -11.130 13.454  1.00 24.06 ? 53  ASP B CB  1 
ATOM   1167 C  CG  . ASP B 1 54  ? -4.526  -12.602 13.808  1.00 24.53 ? 53  ASP B CG  1 
ATOM   1168 O  OD1 . ASP B 1 54  ? -4.887  -12.925 14.968  1.00 24.45 ? 53  ASP B OD1 1 
ATOM   1169 O  OD2 . ASP B 1 54  ? -4.357  -13.451 12.915  1.00 27.94 ? 53  ASP B OD2 1 
ATOM   1170 N  N   . ASP B 1 55  ? -1.209  -11.731 14.856  1.00 25.32 ? 54  ASP B N   1 
ATOM   1171 C  CA  . ASP B 1 55  ? 0.122   -12.326 14.710  1.00 25.94 ? 54  ASP B CA  1 
ATOM   1172 C  C   . ASP B 1 55  ? 0.445   -12.819 13.299  1.00 26.01 ? 54  ASP B C   1 
ATOM   1173 O  O   . ASP B 1 55  ? 1.613   -12.795 12.899  1.00 25.48 ? 54  ASP B O   1 
ATOM   1174 C  CB  . ASP B 1 55  ? 0.273   -13.516 15.696  1.00 26.61 ? 54  ASP B CB  1 
ATOM   1175 C  CG  . ASP B 1 55  ? 0.884   -13.113 17.037  1.00 29.48 ? 54  ASP B CG  1 
ATOM   1176 O  OD1 . ASP B 1 55  ? 0.367   -12.175 17.696  1.00 32.80 ? 54  ASP B OD1 1 
ATOM   1177 O  OD2 . ASP B 1 55  ? 1.878   -13.758 17.453  1.00 31.61 ? 54  ASP B OD2 1 
ATOM   1178 N  N   . LEU B 1 56  ? -0.587  -13.278 12.574  1.00 26.27 ? 55  LEU B N   1 
ATOM   1179 C  CA  . LEU B 1 56  ? -0.458  -13.873 11.225  1.00 26.34 ? 55  LEU B CA  1 
ATOM   1180 C  C   . LEU B 1 56  ? -0.278  -12.849 10.107  1.00 26.30 ? 55  LEU B C   1 
ATOM   1181 O  O   . LEU B 1 56  ? 0.376   -13.121 9.093   1.00 26.58 ? 55  LEU B O   1 
ATOM   1182 C  CB  . LEU B 1 56  ? -1.664  -14.788 10.929  1.00 26.51 ? 55  LEU B CB  1 
ATOM   1183 C  CG  . LEU B 1 56  ? -2.161  -15.131 9.507   1.00 28.22 ? 55  LEU B CG  1 
ATOM   1184 C  CD1 . LEU B 1 56  ? -1.164  -15.968 8.674   1.00 29.46 ? 55  LEU B CD1 1 
ATOM   1185 C  CD2 . LEU B 1 56  ? -3.525  -15.848 9.582   1.00 28.97 ? 55  LEU B CD2 1 
ATOM   1186 N  N   . TRP B 1 57  ? -0.844  -11.662 10.306  1.00 25.75 ? 56  TRP B N   1 
ATOM   1187 C  CA  . TRP B 1 57  ? -0.854  -10.620 9.290   1.00 24.93 ? 56  TRP B CA  1 
ATOM   1188 C  C   . TRP B 1 57  ? 0.321   -9.662  9.391   1.00 25.02 ? 56  TRP B C   1 
ATOM   1189 O  O   . TRP B 1 57  ? 0.635   -8.924  8.457   1.00 24.46 ? 56  TRP B O   1 
ATOM   1190 C  CB  . TRP B 1 57  ? -2.188  -9.885  9.358   1.00 24.79 ? 56  TRP B CB  1 
ATOM   1191 C  CG  . TRP B 1 57  ? -3.251  -10.738 8.759   1.00 24.00 ? 56  TRP B CG  1 
ATOM   1192 C  CD1 . TRP B 1 57  ? -4.182  -11.486 9.416   1.00 21.39 ? 56  TRP B CD1 1 
ATOM   1193 C  CD2 . TRP B 1 57  ? -3.430  -10.997 7.361   1.00 22.30 ? 56  TRP B CD2 1 
ATOM   1194 N  NE1 . TRP B 1 57  ? -4.958  -12.164 8.508   1.00 22.04 ? 56  TRP B NE1 1 
ATOM   1195 C  CE2 . TRP B 1 57  ? -4.519  -11.878 7.240   1.00 21.30 ? 56  TRP B CE2 1 
ATOM   1196 C  CE3 . TRP B 1 57  ? -2.788  -10.542 6.198   1.00 22.28 ? 56  TRP B CE3 1 
ATOM   1197 C  CZ2 . TRP B 1 57  ? -4.991  -12.314 6.001   1.00 21.27 ? 56  TRP B CZ2 1 
ATOM   1198 C  CZ3 . TRP B 1 57  ? -3.258  -10.975 4.966   1.00 23.53 ? 56  TRP B CZ3 1 
ATOM   1199 C  CH2 . TRP B 1 57  ? -4.345  -11.864 4.882   1.00 22.63 ? 56  TRP B CH2 1 
ATOM   1200 N  N   . LEU B 1 58  ? 0.977   -9.722  10.539  1.00 25.90 ? 57  LEU B N   1 
ATOM   1201 C  CA  . LEU B 1 58  ? 2.152   -8.938  10.871  1.00 25.83 ? 57  LEU B CA  1 
ATOM   1202 C  C   . LEU B 1 58  ? 3.265   -9.100  9.819   1.00 25.53 ? 57  LEU B C   1 
ATOM   1203 O  O   . LEU B 1 58  ? 4.073   -8.181  9.607   1.00 25.19 ? 57  LEU B O   1 
ATOM   1204 C  CB  . LEU B 1 58  ? 2.630   -9.427  12.233  1.00 26.19 ? 57  LEU B CB  1 
ATOM   1205 C  CG  . LEU B 1 58  ? 3.023   -8.497  13.373  1.00 27.75 ? 57  LEU B CG  1 
ATOM   1206 C  CD1 . LEU B 1 58  ? 2.037   -7.333  13.539  1.00 28.22 ? 57  LEU B CD1 1 
ATOM   1207 C  CD2 . LEU B 1 58  ? 3.120   -9.355  14.659  1.00 27.14 ? 57  LEU B CD2 1 
ATOM   1208 N  N   . ALA B 1 59  ? 3.264   -10.244 9.127   1.00 25.26 ? 58  ALA B N   1 
ATOM   1209 C  CA  . ALA B 1 59  ? 4.289   -10.558 8.126   1.00 25.05 ? 58  ALA B CA  1 
ATOM   1210 C  C   . ALA B 1 59  ? 4.118   -9.793  6.835   1.00 24.65 ? 58  ALA B C   1 
ATOM   1211 O  O   . ALA B 1 59  ? 5.066   -9.651  6.069   1.00 24.64 ? 58  ALA B O   1 
ATOM   1212 C  CB  . ALA B 1 59  ? 4.321   -12.043 7.838   1.00 25.01 ? 58  ALA B CB  1 
ATOM   1213 N  N   . LYS B 1 60  ? 2.906   -9.312  6.588   1.00 24.62 ? 59  LYS B N   1 
ATOM   1214 C  CA  . LYS B 1 60  ? 2.576   -8.718  5.299   1.00 24.40 ? 59  LYS B CA  1 
ATOM   1215 C  C   . LYS B 1 60  ? 2.644   -7.205  5.352   1.00 23.73 ? 59  LYS B C   1 
ATOM   1216 O  O   . LYS B 1 60  ? 2.406   -6.525  4.354   1.00 23.46 ? 59  LYS B O   1 
ATOM   1217 C  CB  . LYS B 1 60  ? 1.191   -9.197  4.852   1.00 25.20 ? 59  LYS B CB  1 
ATOM   1218 C  CG  . LYS B 1 60  ? 1.173   -10.612 4.313   1.00 25.63 ? 59  LYS B CG  1 
ATOM   1219 C  CD  . LYS B 1 60  ? 1.662   -10.620 2.844   1.00 27.07 ? 59  LYS B CD  1 
ATOM   1220 C  CE  . LYS B 1 60  ? 2.773   -11.631 2.656   1.00 26.20 ? 59  LYS B CE  1 
ATOM   1221 N  NZ  . LYS B 1 60  ? 2.546   -12.774 3.564   1.00 26.97 ? 59  LYS B NZ  1 
ATOM   1222 N  N   . LEU B 1 61  ? 3.004   -6.695  6.529   1.00 23.32 ? 60  LEU B N   1 
ATOM   1223 C  CA  . LEU B 1 61  ? 2.999   -5.260  6.810   1.00 22.92 ? 60  LEU B CA  1 
ATOM   1224 C  C   . LEU B 1 61  ? 4.416   -4.769  6.873   1.00 22.18 ? 60  LEU B C   1 
ATOM   1225 O  O   . LEU B 1 61  ? 5.251   -5.416  7.499   1.00 21.96 ? 60  LEU B O   1 
ATOM   1226 C  CB  . LEU B 1 61  ? 2.364   -4.973  8.179   1.00 22.96 ? 60  LEU B CB  1 
ATOM   1227 C  CG  . LEU B 1 61  ? 0.879   -5.143  8.427   1.00 23.28 ? 60  LEU B CG  1 
ATOM   1228 C  CD1 . LEU B 1 61  ? 0.658   -5.011  9.912   1.00 22.81 ? 60  LEU B CD1 1 
ATOM   1229 C  CD2 . LEU B 1 61  ? 0.113   -4.079  7.671   1.00 24.07 ? 60  LEU B CD2 1 
ATOM   1230 N  N   . PRO B 1 62  ? 4.677   -3.576  6.305   1.00 21.78 ? 61  PRO B N   1 
ATOM   1231 C  CA  . PRO B 1 62  ? 6.020   -3.008  6.347   1.00 21.21 ? 61  PRO B CA  1 
ATOM   1232 C  C   . PRO B 1 62  ? 6.322   -2.620  7.776   1.00 20.78 ? 61  PRO B C   1 
ATOM   1233 O  O   . PRO B 1 62  ? 5.379   -2.338  8.523   1.00 19.83 ? 61  PRO B O   1 
ATOM   1234 C  CB  . PRO B 1 62  ? 5.898   -1.759  5.490   1.00 21.19 ? 61  PRO B CB  1 
ATOM   1235 C  CG  . PRO B 1 62  ? 4.451   -1.362  5.643   1.00 21.96 ? 61  PRO B CG  1 
ATOM   1236 C  CD  . PRO B 1 62  ? 3.673   -2.620  5.813   1.00 21.65 ? 61  PRO B CD  1 
ATOM   1237 N  N   . PRO B 1 63  ? 7.623   -2.559  8.155   1.00 20.43 ? 62  PRO B N   1 
ATOM   1238 C  CA  . PRO B 1 63  ? 7.831   -2.269  9.561   1.00 20.19 ? 62  PRO B CA  1 
ATOM   1239 C  C   . PRO B 1 63  ? 7.370   -0.851  9.898   1.00 19.95 ? 62  PRO B C   1 
ATOM   1240 O  O   . PRO B 1 63  ? 7.122   -0.015  9.004   1.00 19.92 ? 62  PRO B O   1 
ATOM   1241 C  CB  . PRO B 1 63  ? 9.364   -2.454  9.758   1.00 20.20 ? 62  PRO B CB  1 
ATOM   1242 C  CG  . PRO B 1 63  ? 9.890   -2.970  8.442   1.00 20.23 ? 62  PRO B CG  1 
ATOM   1243 C  CD  . PRO B 1 63  ? 8.895   -2.543  7.403   1.00 20.36 ? 62  PRO B CD  1 
ATOM   1244 N  N   . VAL B 1 64  ? 7.202   -0.616  11.191  1.00 19.39 ? 63  VAL B N   1 
ATOM   1245 C  CA  . VAL B 1 64  ? 6.954   0.705   11.708  1.00 19.10 ? 63  VAL B CA  1 
ATOM   1246 C  C   . VAL B 1 64  ? 8.168   1.608   11.401  1.00 18.65 ? 63  VAL B C   1 
ATOM   1247 O  O   . VAL B 1 64  ? 9.305   1.126   11.402  1.00 18.94 ? 63  VAL B O   1 
ATOM   1248 C  CB  . VAL B 1 64  ? 6.695   0.629   13.214  1.00 19.02 ? 63  VAL B CB  1 
ATOM   1249 C  CG1 . VAL B 1 64  ? 5.714   -0.498  13.504  1.00 19.82 ? 63  VAL B CG1 1 
ATOM   1250 C  CG2 . VAL B 1 64  ? 7.997   0.392   14.004  1.00 17.88 ? 63  VAL B CG2 1 
ATOM   1251 N  N   . ASP B 1 65  ? 7.926   2.887   11.118  1.00 18.16 ? 64  ASP B N   1 
ATOM   1252 C  CA  . ASP B 1 65  ? 9.022   3.880   11.008  1.00 18.01 ? 64  ASP B CA  1 
ATOM   1253 C  C   . ASP B 1 65  ? 9.265   4.477   12.391  1.00 18.26 ? 64  ASP B C   1 
ATOM   1254 O  O   . ASP B 1 65  ? 8.455   4.273   13.320  1.00 17.82 ? 64  ASP B O   1 
ATOM   1255 C  CB  . ASP B 1 65  ? 8.717   4.980   9.969   1.00 17.69 ? 64  ASP B CB  1 
ATOM   1256 C  CG  . ASP B 1 65  ? 7.465   5.797   10.303  1.00 16.71 ? 64  ASP B CG  1 
ATOM   1257 O  OD1 . ASP B 1 65  ? 7.067   5.825   11.484  1.00 15.52 ? 64  ASP B OD1 1 
ATOM   1258 O  OD2 . ASP B 1 65  ? 6.893   6.437   9.379   1.00 13.27 ? 64  ASP B OD2 1 
ATOM   1259 N  N   . ALA B 1 66  ? 10.374  5.189   12.536  1.00 17.97 ? 65  ALA B N   1 
ATOM   1260 C  CA  . ALA B 1 66  ? 10.756  5.754   13.815  1.00 18.79 ? 65  ALA B CA  1 
ATOM   1261 C  C   . ALA B 1 66  ? 9.633   6.605   14.468  1.00 18.84 ? 65  ALA B C   1 
ATOM   1262 O  O   . ALA B 1 66  ? 9.459   6.587   15.690  1.00 19.21 ? 65  ALA B O   1 
ATOM   1263 C  CB  . ALA B 1 66  ? 12.050  6.570   13.635  1.00 19.39 ? 65  ALA B CB  1 
ATOM   1264 N  N   . ASN B 1 67  ? 8.873   7.321   13.647  1.00 18.23 ? 66  ASN B N   1 
ATOM   1265 C  CA  . ASN B 1 67  ? 7.802   8.220   14.111  1.00 18.55 ? 66  ASN B CA  1 
ATOM   1266 C  C   . ASN B 1 67  ? 6.657   7.435   14.766  1.00 18.16 ? 66  ASN B C   1 
ATOM   1267 O  O   . ASN B 1 67  ? 6.318   7.643   15.949  1.00 17.73 ? 66  ASN B O   1 
ATOM   1268 C  CB  . ASN B 1 67  ? 7.276   9.027   12.913  1.00 18.61 ? 66  ASN B CB  1 
ATOM   1269 C  CG  . ASN B 1 67  ? 6.112   9.929   13.273  1.00 19.50 ? 66  ASN B CG  1 
ATOM   1270 O  OD1 . ASN B 1 67  ? 6.276   10.917  13.986  1.00 20.07 ? 66  ASN B OD1 1 
ATOM   1271 N  ND2 . ASN B 1 67  ? 4.925   9.604   12.765  1.00 20.66 ? 66  ASN B ND2 1 
ATOM   1272 N  N   . GLU B 1 68  ? 6.077   6.528   13.980  1.00 17.51 ? 67  GLU B N   1 
ATOM   1273 C  CA  . GLU B 1 68  ? 5.186   5.520   14.516  1.00 17.62 ? 67  GLU B CA  1 
ATOM   1274 C  C   . GLU B 1 68  ? 5.726   4.876   15.809  1.00 17.10 ? 67  GLU B C   1 
ATOM   1275 O  O   . GLU B 1 68  ? 5.002   4.801   16.805  1.00 17.48 ? 67  GLU B O   1 
ATOM   1276 C  CB  . GLU B 1 68  ? 4.845   4.461   13.461  1.00 17.74 ? 67  GLU B CB  1 
ATOM   1277 C  CG  . GLU B 1 68  ? 4.052   3.252   14.046  1.00 17.94 ? 67  GLU B CG  1 
ATOM   1278 C  CD  . GLU B 1 68  ? 3.109   2.562   13.046  1.00 18.01 ? 67  GLU B CD  1 
ATOM   1279 O  OE1 . GLU B 1 68  ? 3.251   2.740   11.820  1.00 17.82 ? 67  GLU B OE1 1 
ATOM   1280 O  OE2 . GLU B 1 68  ? 2.214   1.829   13.509  1.00 19.83 ? 67  GLU B OE2 1 
ATOM   1281 N  N   . ASP B 1 69  ? 6.993   4.467   15.805  1.00 16.53 ? 68  ASP B N   1 
ATOM   1282 C  CA  . ASP B 1 69  ? 7.593   3.740   16.928  1.00 16.55 ? 68  ASP B CA  1 
ATOM   1283 C  C   . ASP B 1 69  ? 7.495   4.538   18.213  1.00 17.09 ? 68  ASP B C   1 
ATOM   1284 O  O   . ASP B 1 69  ? 7.160   4.001   19.280  1.00 17.08 ? 68  ASP B O   1 
ATOM   1285 C  CB  . ASP B 1 69  ? 9.063   3.404   16.649  1.00 16.23 ? 68  ASP B CB  1 
ATOM   1286 C  CG  . ASP B 1 69  ? 9.719   2.580   17.778  1.00 17.67 ? 68  ASP B CG  1 
ATOM   1287 O  OD1 . ASP B 1 69  ? 9.268   1.450   18.072  1.00 17.91 ? 68  ASP B OD1 1 
ATOM   1288 O  OD2 . ASP B 1 69  ? 10.708  3.059   18.369  1.00 18.09 ? 68  ASP B OD2 1 
ATOM   1289 N  N   . ASP B 1 70  ? 7.786   5.825   18.102  1.00 17.20 ? 69  ASP B N   1 
ATOM   1290 C  CA  . ASP B 1 70  ? 7.761   6.703   19.253  1.00 17.98 ? 69  ASP B CA  1 
ATOM   1291 C  C   . ASP B 1 70  ? 6.344   7.068   19.646  1.00 17.28 ? 69  ASP B C   1 
ATOM   1292 O  O   . ASP B 1 70  ? 6.035   7.079   20.824  1.00 18.29 ? 69  ASP B O   1 
ATOM   1293 C  CB  . ASP B 1 70  ? 8.648   7.932   19.014  1.00 18.14 ? 69  ASP B CB  1 
ATOM   1294 C  CG  . ASP B 1 70  ? 10.106  7.552   18.796  1.00 20.46 ? 69  ASP B CG  1 
ATOM   1295 O  OD1 . ASP B 1 70  ? 10.603  6.572   19.439  1.00 23.39 ? 69  ASP B OD1 1 
ATOM   1296 O  OD2 . ASP B 1 70  ? 10.761  8.221   17.973  1.00 21.94 ? 69  ASP B OD2 1 
ATOM   1297 N  N   . LEU B 1 71  ? 5.463   7.319   18.681  1.00 16.73 ? 70  LEU B N   1 
ATOM   1298 C  CA  . LEU B 1 71  ? 4.068   7.585   19.037  1.00 16.22 ? 70  LEU B CA  1 
ATOM   1299 C  C   . LEU B 1 71  ? 3.415   6.400   19.751  1.00 16.69 ? 70  LEU B C   1 
ATOM   1300 O  O   . LEU B 1 71  ? 2.534   6.587   20.591  1.00 17.27 ? 70  LEU B O   1 
ATOM   1301 C  CB  . LEU B 1 71  ? 3.217   8.006   17.825  1.00 15.76 ? 70  LEU B CB  1 
ATOM   1302 C  CG  . LEU B 1 71  ? 3.571   9.313   17.079  1.00 13.68 ? 70  LEU B CG  1 
ATOM   1303 C  CD1 . LEU B 1 71  ? 2.923   9.330   15.699  1.00 9.52  ? 70  LEU B CD1 1 
ATOM   1304 C  CD2 . LEU B 1 71  ? 3.188   10.554  17.877  1.00 9.49  ? 70  LEU B CD2 1 
ATOM   1305 N  N   . LEU B 1 72  ? 3.841   5.181   19.424  1.00 17.63 ? 71  LEU B N   1 
ATOM   1306 C  CA  . LEU B 1 72  ? 3.259   4.002   20.068  1.00 17.67 ? 71  LEU B CA  1 
ATOM   1307 C  C   . LEU B 1 72  ? 3.600   3.889   21.573  1.00 17.80 ? 71  LEU B C   1 
ATOM   1308 O  O   . LEU B 1 72  ? 2.917   3.175   22.294  1.00 18.50 ? 71  LEU B O   1 
ATOM   1309 C  CB  . LEU B 1 72  ? 3.535   2.705   19.273  1.00 16.43 ? 71  LEU B CB  1 
ATOM   1310 C  CG  . LEU B 1 72  ? 2.808   2.493   17.927  1.00 13.83 ? 71  LEU B CG  1 
ATOM   1311 C  CD1 . LEU B 1 72  ? 3.486   1.386   17.138  1.00 8.58  ? 71  LEU B CD1 1 
ATOM   1312 C  CD2 . LEU B 1 72  ? 1.312   2.196   18.057  1.00 12.86 ? 71  LEU B CD2 1 
ATOM   1313 N  N   . ASP B 1 73  ? 4.613   4.620   22.040  1.00 18.70 ? 72  ASP B N   1 
ATOM   1314 C  CA  . ASP B 1 73  ? 4.949   4.684   23.499  1.00 19.24 ? 72  ASP B CA  1 
ATOM   1315 C  C   . ASP B 1 73  ? 4.026   5.607   24.310  1.00 19.23 ? 72  ASP B C   1 
ATOM   1316 O  O   . ASP B 1 73  ? 4.190   5.770   25.520  1.00 19.75 ? 72  ASP B O   1 
ATOM   1317 C  CB  . ASP B 1 73  ? 6.397   5.126   23.730  1.00 19.36 ? 72  ASP B CB  1 
ATOM   1318 C  CG  . ASP B 1 73  ? 7.406   4.163   23.171  1.00 20.14 ? 72  ASP B CG  1 
ATOM   1319 O  OD1 . ASP B 1 73  ? 7.166   2.939   23.173  1.00 20.81 ? 72  ASP B OD1 1 
ATOM   1320 O  OD2 . ASP B 1 73  ? 8.462   4.640   22.740  1.00 20.65 ? 72  ASP B OD2 1 
ATOM   1321 N  N   . GLY B 1 74  ? 3.063   6.218   23.644  1.00 19.46 ? 73  GLY B N   1 
ATOM   1322 C  CA  . GLY B 1 74  ? 2.123   7.108   24.302  1.00 19.99 ? 73  GLY B CA  1 
ATOM   1323 C  C   . GLY B 1 74  ? 0.673   6.648   24.209  1.00 20.31 ? 73  GLY B C   1 
ATOM   1324 O  O   . GLY B 1 74  ? -0.229  7.420   24.493  1.00 19.77 ? 73  GLY B O   1 
ATOM   1325 N  N   . THR B 1 75  ? 0.449   5.390   23.818  1.00 20.69 ? 74  THR B N   1 
ATOM   1326 C  CA  . THR B 1 75  ? -0.910  4.837   23.701  1.00 20.72 ? 74  THR B CA  1 
ATOM   1327 C  C   . THR B 1 75  ? -1.579  4.736   25.078  1.00 20.93 ? 74  THR B C   1 
ATOM   1328 O  O   . THR B 1 75  ? -0.895  4.582   26.103  1.00 21.02 ? 74  THR B O   1 
ATOM   1329 C  CB  . THR B 1 75  ? -0.897  3.434   23.073  1.00 20.62 ? 74  THR B CB  1 
ATOM   1330 O  OG1 . THR B 1 75  ? -0.189  2.549   23.941  1.00 21.22 ? 74  THR B OG1 1 
ATOM   1331 C  CG2 . THR B 1 75  ? -0.228  3.452   21.694  1.00 18.77 ? 74  THR B CG2 1 
ATOM   1332 N  N   . ALA B 1 76  ? -2.906  4.806   25.104  1.00 20.87 ? 75  ALA B N   1 
ATOM   1333 C  CA  . ALA B 1 76  ? -3.633  4.700   26.379  1.00 21.43 ? 75  ALA B CA  1 
ATOM   1334 C  C   . ALA B 1 76  ? -3.605  3.271   26.923  1.00 21.47 ? 75  ALA B C   1 
ATOM   1335 O  O   . ALA B 1 76  ? -3.285  3.075   28.098  1.00 21.89 ? 75  ALA B O   1 
ATOM   1336 C  CB  . ALA B 1 76  ? -5.083  5.250   26.267  1.00 20.42 ? 75  ALA B CB  1 
ATOM   1337 N  N   . SER B 1 77  ? -3.929  2.297   26.070  1.00 21.07 ? 76  SER B N   1 
ATOM   1338 C  CA  . SER B 1 77  ? -3.843  0.881   26.408  1.00 21.42 ? 76  SER B CA  1 
ATOM   1339 C  C   . SER B 1 77  ? -2.440  0.334   26.138  1.00 21.83 ? 76  SER B C   1 
ATOM   1340 O  O   . SER B 1 77  ? -1.713  0.859   25.286  1.00 21.41 ? 76  SER B O   1 
ATOM   1341 C  CB  . SER B 1 77  ? -4.845  0.070   25.561  1.00 21.88 ? 76  SER B CB  1 
ATOM   1342 O  OG  . SER B 1 77  ? -6.178  0.522   25.723  1.00 21.00 ? 76  SER B OG  1 
ATOM   1343 N  N   . ASP B 1 78  ? -2.076  -0.752  26.824  1.00 22.11 ? 77  ASP B N   1 
ATOM   1344 C  CA  . ASP B 1 78  ? -0.741  -1.337  26.677  1.00 22.41 ? 77  ASP B CA  1 
ATOM   1345 C  C   . ASP B 1 78  ? -0.246  -1.423  25.231  1.00 22.02 ? 77  ASP B C   1 
ATOM   1346 O  O   . ASP B 1 78  ? -0.978  -1.804  24.296  1.00 21.86 ? 77  ASP B O   1 
ATOM   1347 C  CB  . ASP B 1 78  ? -0.669  -2.749  27.267  1.00 23.56 ? 77  ASP B CB  1 
ATOM   1348 C  CG  . ASP B 1 78  ? -0.939  -2.792  28.767  1.00 25.28 ? 77  ASP B CG  1 
ATOM   1349 O  OD1 . ASP B 1 78  ? -1.242  -1.741  29.374  1.00 27.99 ? 77  ASP B OD1 1 
ATOM   1350 O  OD2 . ASP B 1 78  ? -0.868  -3.917  29.328  1.00 28.53 ? 77  ASP B OD2 1 
ATOM   1351 N  N   . ARG B 1 79  ? 1.014   -1.056  25.064  1.00 21.08 ? 78  ARG B N   1 
ATOM   1352 C  CA  . ARG B 1 79  ? 1.716   -1.318  23.853  1.00 20.38 ? 78  ARG B CA  1 
ATOM   1353 C  C   . ARG B 1 79  ? 2.061   -2.792  23.916  1.00 19.88 ? 78  ARG B C   1 
ATOM   1354 O  O   . ARG B 1 79  ? 2.647   -3.264  24.916  1.00 18.80 ? 78  ARG B O   1 
ATOM   1355 C  CB  . ARG B 1 79  ? 3.000   -0.501  23.752  1.00 20.77 ? 78  ARG B CB  1 
ATOM   1356 C  CG  . ARG B 1 79  ? 3.662   -0.730  22.399  1.00 21.81 ? 78  ARG B CG  1 
ATOM   1357 C  CD  . ARG B 1 79  ? 4.992   -0.051  22.226  1.00 22.79 ? 78  ARG B CD  1 
ATOM   1358 N  NE  . ARG B 1 79  ? 5.496   -0.193  20.845  1.00 22.64 ? 78  ARG B NE  1 
ATOM   1359 C  CZ  . ARG B 1 79  ? 6.313   0.679   20.249  1.00 22.99 ? 78  ARG B CZ  1 
ATOM   1360 N  NH1 . ARG B 1 79  ? 6.703   1.788   20.894  1.00 19.30 ? 78  ARG B NH1 1 
ATOM   1361 N  NH2 . ARG B 1 79  ? 6.727   0.453   18.999  1.00 23.15 ? 78  ARG B NH2 1 
ATOM   1362 N  N   . LEU B 1 80  ? 1.667   -3.502  22.858  1.00 18.28 ? 79  LEU B N   1 
ATOM   1363 C  CA  . LEU B 1 80  ? 2.055   -4.887  22.663  1.00 17.95 ? 79  LEU B CA  1 
ATOM   1364 C  C   . LEU B 1 80  ? 2.971   -4.995  21.425  1.00 17.18 ? 79  LEU B C   1 
ATOM   1365 O  O   . LEU B 1 80  ? 3.010   -4.065  20.624  1.00 18.01 ? 79  LEU B O   1 
ATOM   1366 C  CB  . LEU B 1 80  ? 0.803   -5.766  22.518  1.00 17.81 ? 79  LEU B CB  1 
ATOM   1367 C  CG  . LEU B 1 80  ? -0.226  -5.688  23.642  1.00 17.45 ? 79  LEU B CG  1 
ATOM   1368 C  CD1 . LEU B 1 80  ? -1.389  -6.675  23.408  1.00 19.27 ? 79  LEU B CD1 1 
ATOM   1369 C  CD2 . LEU B 1 80  ? 0.413   -5.917  24.978  1.00 18.94 ? 79  LEU B CD2 1 
ATOM   1370 N  N   . PRO B 1 81  ? 3.702   -6.121  21.265  1.00 16.19 ? 80  PRO B N   1 
ATOM   1371 C  CA  . PRO B 1 81  ? 4.610   -6.245  20.120  1.00 15.48 ? 80  PRO B CA  1 
ATOM   1372 C  C   . PRO B 1 81  ? 3.911   -6.083  18.754  1.00 15.28 ? 80  PRO B C   1 
ATOM   1373 O  O   . PRO B 1 81  ? 4.527   -5.636  17.806  1.00 15.87 ? 80  PRO B O   1 
ATOM   1374 C  CB  . PRO B 1 81  ? 5.222   -7.660  20.268  1.00 15.13 ? 80  PRO B CB  1 
ATOM   1375 C  CG  . PRO B 1 81  ? 4.886   -8.125  21.696  1.00 14.22 ? 80  PRO B CG  1 
ATOM   1376 C  CD  . PRO B 1 81  ? 3.643   -7.361  22.083  1.00 16.58 ? 80  PRO B CD  1 
ATOM   1377 N  N   . ASN B 1 82  ? 2.636   -6.409  18.669  1.00 15.28 ? 81  ASN B N   1 
ATOM   1378 C  CA  . ASN B 1 82  ? 1.885   -6.264  17.429  1.00 14.85 ? 81  ASN B CA  1 
ATOM   1379 C  C   . ASN B 1 82  ? 0.991   -5.004  17.386  1.00 14.02 ? 81  ASN B C   1 
ATOM   1380 O  O   . ASN B 1 82  ? 0.023   -4.926  16.628  1.00 13.41 ? 81  ASN B O   1 
ATOM   1381 C  CB  . ASN B 1 82  ? 1.069   -7.530  17.177  1.00 15.66 ? 81  ASN B CB  1 
ATOM   1382 C  CG  . ASN B 1 82  ? 0.015   -7.766  18.229  1.00 17.00 ? 81  ASN B CG  1 
ATOM   1383 O  OD1 . ASN B 1 82  ? 0.144   -7.333  19.366  1.00 19.43 ? 81  ASN B OD1 1 
ATOM   1384 N  ND2 . ASN B 1 82  ? -1.047  -8.475  17.846  1.00 21.19 ? 81  ASN B ND2 1 
ATOM   1385 N  N   . SER B 1 83  ? 1.342   -4.019  18.202  1.00 13.11 ? 82  SER B N   1 
ATOM   1386 C  CA  . SER B 1 83  ? 0.680   -2.719  18.177  1.00 12.17 ? 82  SER B CA  1 
ATOM   1387 C  C   . SER B 1 83  ? 1.082   -1.909  16.935  1.00 11.36 ? 82  SER B C   1 
ATOM   1388 O  O   . SER B 1 83  ? 2.253   -1.883  16.532  1.00 9.54  ? 82  SER B O   1 
ATOM   1389 C  CB  . SER B 1 83  ? 1.067   -1.917  19.409  1.00 11.61 ? 82  SER B CB  1 
ATOM   1390 O  OG  . SER B 1 83  ? 0.314   -2.319  20.518  1.00 12.66 ? 82  SER B OG  1 
ATOM   1391 N  N   . ARG B 1 84  ? 0.108   -1.192  16.391  1.00 11.15 ? 83  ARG B N   1 
ATOM   1392 C  CA  . ARG B 1 84  ? 0.307   -0.441  15.197  1.00 12.73 ? 83  ARG B CA  1 
ATOM   1393 C  C   . ARG B 1 84  ? -0.670  0.714   15.197  1.00 13.47 ? 83  ARG B C   1 
ATOM   1394 O  O   . ARG B 1 84  ? -1.700  0.673   15.888  1.00 13.83 ? 83  ARG B O   1 
ATOM   1395 C  CB  . ARG B 1 84  ? 0.076   -1.327  13.951  1.00 12.58 ? 83  ARG B CB  1 
ATOM   1396 C  CG  . ARG B 1 84  ? 1.056   -2.523  13.765  1.00 14.15 ? 83  ARG B CG  1 
ATOM   1397 C  CD  . ARG B 1 84  ? 2.454   -2.049  13.339  1.00 18.27 ? 83  ARG B CD  1 
ATOM   1398 N  NE  . ARG B 1 84  ? 2.346   -0.960  12.363  1.00 22.02 ? 83  ARG B NE  1 
ATOM   1399 C  CZ  . ARG B 1 84  ? 2.909   -0.934  11.158  1.00 25.07 ? 83  ARG B CZ  1 
ATOM   1400 N  NH1 . ARG B 1 84  ? 3.670   -1.943  10.748  1.00 25.51 ? 83  ARG B NH1 1 
ATOM   1401 N  NH2 . ARG B 1 84  ? 2.733   0.137   10.375  1.00 26.67 ? 83  ARG B NH2 1 
ATOM   1402 N  N   . LEU B 1 85  ? -0.340  1.743   14.415  1.00 13.52 ? 84  LEU B N   1 
ATOM   1403 C  CA  . LEU B 1 85  ? -1.257  2.827   14.170  1.00 13.83 ? 84  LEU B CA  1 
ATOM   1404 C  C   . LEU B 1 85  ? -1.974  2.502   12.882  1.00 13.94 ? 84  LEU B C   1 
ATOM   1405 O  O   . LEU B 1 85  ? -1.333  2.310   11.844  1.00 13.60 ? 84  LEU B O   1 
ATOM   1406 C  CB  . LEU B 1 85  ? -0.541  4.189   14.099  1.00 13.09 ? 84  LEU B CB  1 
ATOM   1407 C  CG  . LEU B 1 85  ? 0.199   4.704   15.346  1.00 13.22 ? 84  LEU B CG  1 
ATOM   1408 C  CD1 . LEU B 1 85  ? 1.138   5.919   15.038  1.00 11.64 ? 84  LEU B CD1 1 
ATOM   1409 C  CD2 . LEU B 1 85  ? -0.783  5.041   16.465  1.00 11.57 ? 84  LEU B CD2 1 
ATOM   1410 N  N   . SER B 1 86  ? -3.303  2.440   12.966  1.00 14.73 ? 85  SER B N   1 
ATOM   1411 C  CA  . SER B 1 86  ? -4.133  1.932   11.878  1.00 15.83 ? 85  SER B CA  1 
ATOM   1412 C  C   . SER B 1 86  ? -4.215  2.903   10.708  1.00 16.45 ? 85  SER B C   1 
ATOM   1413 O  O   . SER B 1 86  ? -4.477  2.480   9.568   1.00 15.74 ? 85  SER B O   1 
ATOM   1414 C  CB  . SER B 1 86  ? -5.543  1.549   12.362  1.00 16.50 ? 85  SER B CB  1 
ATOM   1415 O  OG  . SER B 1 86  ? -6.271  2.667   12.869  1.00 15.86 ? 85  SER B OG  1 
ATOM   1416 N  N   . CYS B 1 87  ? -3.973  4.187   10.974  1.00 16.77 ? 86  CYS B N   1 
ATOM   1417 C  CA  . CYS B 1 87  ? -3.954  5.176   9.882   1.00 17.75 ? 86  CYS B CA  1 
ATOM   1418 C  C   . CYS B 1 87  ? -2.713  4.995   9.020   1.00 17.84 ? 86  CYS B C   1 
ATOM   1419 O  O   . CYS B 1 87  ? -2.692  5.470   7.879   1.00 19.48 ? 86  CYS B O   1 
ATOM   1420 C  CB  . CYS B 1 87  ? -4.057  6.614   10.393  1.00 17.72 ? 86  CYS B CB  1 
ATOM   1421 S  SG  . CYS B 1 87  ? -2.546  7.268   11.222  1.00 19.78 ? 86  CYS B SG  1 
ATOM   1422 N  N   . GLN B 1 88  ? -1.701  4.289   9.544   1.00 17.15 ? 87  GLN B N   1 
ATOM   1423 C  CA  . GLN B 1 88  ? -0.450  4.000   8.805   1.00 16.63 ? 87  GLN B CA  1 
ATOM   1424 C  C   . GLN B 1 88  ? -0.448  2.654   8.053   1.00 16.54 ? 87  GLN B C   1 
ATOM   1425 O  O   . GLN B 1 88  ? 0.500   2.317   7.353   1.00 15.79 ? 87  GLN B O   1 
ATOM   1426 C  CB  . GLN B 1 88  ? 0.769   4.107   9.715   1.00 15.81 ? 87  GLN B CB  1 
ATOM   1427 C  CG  . GLN B 1 88  ? 0.989   5.531   10.270  1.00 17.68 ? 87  GLN B CG  1 
ATOM   1428 C  CD  . GLN B 1 88  ? 1.122   6.581   9.166   1.00 17.49 ? 87  GLN B CD  1 
ATOM   1429 O  OE1 . GLN B 1 88  ? 2.126   6.622   8.461   1.00 19.95 ? 87  GLN B OE1 1 
ATOM   1430 N  NE2 . GLN B 1 88  ? 0.101   7.421   9.008   1.00 17.36 ? 87  GLN B NE2 1 
ATOM   1431 N  N   . ILE B 1 89  ? -1.515  1.889   8.222   1.00 17.35 ? 88  ILE B N   1 
ATOM   1432 C  CA  . ILE B 1 89  ? -1.671  0.599   7.566   1.00 17.45 ? 88  ILE B CA  1 
ATOM   1433 C  C   . ILE B 1 89  ? -2.558  0.851   6.375   1.00 18.55 ? 88  ILE B C   1 
ATOM   1434 O  O   . ILE B 1 89  ? -3.745  1.211   6.543   1.00 18.29 ? 88  ILE B O   1 
ATOM   1435 C  CB  . ILE B 1 89  ? -2.317  -0.424  8.523   1.00 17.32 ? 88  ILE B CB  1 
ATOM   1436 C  CG1 . ILE B 1 89  ? -1.393  -0.659  9.723   1.00 16.23 ? 88  ILE B CG1 1 
ATOM   1437 C  CG2 . ILE B 1 89  ? -2.700  -1.744  7.776   1.00 17.60 ? 88  ILE B CG2 1 
ATOM   1438 C  CD1 . ILE B 1 89  ? -1.998  -1.528  10.843  1.00 15.78 ? 88  ILE B CD1 1 
ATOM   1439 N  N   . LYS B 1 90  ? -1.980  0.703   5.181   1.00 19.27 ? 89  LYS B N   1 
ATOM   1440 C  CA  . LYS B 1 90  ? -2.720  0.922   3.938   1.00 21.25 ? 89  LYS B CA  1 
ATOM   1441 C  C   . LYS B 1 90  ? -3.090  -0.406  3.264   1.00 22.00 ? 89  LYS B C   1 
ATOM   1442 O  O   . LYS B 1 90  ? -2.337  -1.378  3.324   1.00 23.07 ? 89  LYS B O   1 
ATOM   1443 C  CB  . LYS B 1 90  ? -1.961  1.865   2.991   1.00 21.32 ? 89  LYS B CB  1 
ATOM   1444 C  CG  . LYS B 1 90  ? -1.258  3.065   3.703   1.00 22.29 ? 89  LYS B CG  1 
ATOM   1445 C  CD  . LYS B 1 90  ? -2.188  4.237   3.959   1.00 20.39 ? 89  LYS B CD  1 
ATOM   1446 C  CE  . LYS B 1 90  ? -1.401  5.462   4.453   1.00 20.70 ? 89  LYS B CE  1 
ATOM   1447 N  NZ  . LYS B 1 90  ? -1.761  6.707   3.683   1.00 23.14 ? 89  LYS B NZ  1 
ATOM   1448 N  N   . ILE B 1 91  ? -4.260  -0.469  2.651   1.00 23.25 ? 90  ILE B N   1 
ATOM   1449 C  CA  . ILE B 1 91  ? -4.785  -1.777  2.212   1.00 24.10 ? 90  ILE B CA  1 
ATOM   1450 C  C   . ILE B 1 91  ? -4.296  -2.125  0.813   1.00 24.30 ? 90  ILE B C   1 
ATOM   1451 O  O   . ILE B 1 91  ? -4.754  -1.556  -0.186  1.00 24.02 ? 90  ILE B O   1 
ATOM   1452 C  CB  . ILE B 1 91  ? -6.324  -1.907  2.373   1.00 23.94 ? 90  ILE B CB  1 
ATOM   1453 C  CG1 . ILE B 1 91  ? -6.688  -1.872  3.854   1.00 25.52 ? 90  ILE B CG1 1 
ATOM   1454 C  CG2 . ILE B 1 91  ? -6.842  -3.237  1.847   1.00 24.38 ? 90  ILE B CG2 1 
ATOM   1455 C  CD1 . ILE B 1 91  ? -7.047  -0.512  4.329   1.00 27.58 ? 90  ILE B CD1 1 
ATOM   1456 N  N   . ALA B 1 92  ? -3.323  -3.035  0.793   1.00 23.92 ? 91  ALA B N   1 
ATOM   1457 C  CA  . ALA B 1 92  ? -2.720  -3.549  -0.415  1.00 23.83 ? 91  ALA B CA  1 
ATOM   1458 C  C   . ALA B 1 92  ? -3.488  -4.821  -0.700  1.00 24.19 ? 91  ALA B C   1 
ATOM   1459 O  O   . ALA B 1 92  ? -4.247  -5.272  0.154   1.00 24.25 ? 91  ALA B O   1 
ATOM   1460 C  CB  . ALA B 1 92  ? -1.255  -3.839  -0.169  1.00 23.65 ? 91  ALA B CB  1 
ATOM   1461 N  N   . PRO B 1 93  ? -3.325  -5.394  -1.902  1.00 24.63 ? 92  PRO B N   1 
ATOM   1462 C  CA  . PRO B 1 93  ? -4.010  -6.643  -2.185  1.00 24.93 ? 92  PRO B CA  1 
ATOM   1463 C  C   . PRO B 1 93  ? -3.549  -7.793  -1.285  1.00 25.31 ? 92  PRO B C   1 
ATOM   1464 O  O   . PRO B 1 93  ? -4.366  -8.624  -0.888  1.00 26.61 ? 92  PRO B O   1 
ATOM   1465 C  CB  . PRO B 1 93  ? -3.658  -6.918  -3.659  1.00 25.27 ? 92  PRO B CB  1 
ATOM   1466 C  CG  . PRO B 1 93  ? -2.524  -6.049  -3.983  1.00 23.87 ? 92  PRO B CG  1 
ATOM   1467 C  CD  . PRO B 1 93  ? -2.710  -4.834  -3.119  1.00 25.23 ? 92  PRO B CD  1 
ATOM   1468 N  N   . GLU B 1 94  ? -2.265  -7.829  -0.941  1.00 25.13 ? 93  GLU B N   1 
ATOM   1469 C  CA  . GLU B 1 94  ? -1.752  -8.883  -0.059  1.00 24.83 ? 93  GLU B CA  1 
ATOM   1470 C  C   . GLU B 1 94  ? -2.338  -8.846  1.373   1.00 24.43 ? 93  GLU B C   1 
ATOM   1471 O  O   . GLU B 1 94  ? -2.157  -9.784  2.129   1.00 24.24 ? 93  GLU B O   1 
ATOM   1472 C  CB  . GLU B 1 94  ? -0.212  -8.876  -0.020  1.00 24.27 ? 93  GLU B CB  1 
ATOM   1473 C  CG  . GLU B 1 94  ? 0.404   -7.708  0.737   1.00 24.86 ? 93  GLU B CG  1 
ATOM   1474 C  CD  . GLU B 1 94  ? 0.933   -6.601  -0.177  1.00 26.66 ? 93  GLU B CD  1 
ATOM   1475 O  OE1 . GLU B 1 94  ? 0.548   -6.562  -1.370  1.00 23.70 ? 93  GLU B OE1 1 
ATOM   1476 O  OE2 . GLU B 1 94  ? 1.716   -5.749  0.315   1.00 26.88 ? 93  GLU B OE2 1 
ATOM   1477 N  N   . LEU B 1 95  ? -3.037  -7.762  1.723   1.00 24.26 ? 94  LEU B N   1 
ATOM   1478 C  CA  . LEU B 1 95  ? -3.658  -7.601  3.051   1.00 23.16 ? 94  LEU B CA  1 
ATOM   1479 C  C   . LEU B 1 95  ? -5.172  -7.775  3.041   1.00 23.15 ? 94  LEU B C   1 
ATOM   1480 O  O   . LEU B 1 95  ? -5.850  -7.382  3.994   1.00 22.54 ? 94  LEU B O   1 
ATOM   1481 C  CB  . LEU B 1 95  ? -3.299  -6.237  3.680   1.00 22.86 ? 94  LEU B CB  1 
ATOM   1482 C  CG  . LEU B 1 95  ? -1.859  -6.036  4.160   1.00 21.33 ? 94  LEU B CG  1 
ATOM   1483 C  CD1 . LEU B 1 95  ? -1.689  -4.646  4.749   1.00 18.91 ? 94  LEU B CD1 1 
ATOM   1484 C  CD2 . LEU B 1 95  ? -1.433  -7.093  5.184   1.00 19.00 ? 94  LEU B CD2 1 
ATOM   1485 N  N   . ASP B 1 96  ? -5.712  -8.363  1.969   1.00 23.58 ? 95  ASP B N   1 
ATOM   1486 C  CA  . ASP B 1 96  ? -7.142  -8.703  1.933   1.00 23.37 ? 95  ASP B CA  1 
ATOM   1487 C  C   . ASP B 1 96  ? -7.366  -9.867  2.892   1.00 23.15 ? 95  ASP B C   1 
ATOM   1488 O  O   . ASP B 1 96  ? -6.663  -10.876 2.826   1.00 22.52 ? 95  ASP B O   1 
ATOM   1489 C  CB  . ASP B 1 96  ? -7.594  -9.074  0.515   1.00 24.15 ? 95  ASP B CB  1 
ATOM   1490 C  CG  . ASP B 1 96  ? -9.076  -9.437  0.446   1.00 24.70 ? 95  ASP B CG  1 
ATOM   1491 O  OD1 . ASP B 1 96  ? -9.864  -8.943  1.274   1.00 24.14 ? 95  ASP B OD1 1 
ATOM   1492 O  OD2 . ASP B 1 96  ? -9.456  -10.228 -0.436  1.00 28.09 ? 95  ASP B OD2 1 
ATOM   1493 N  N   . GLY B 1 97  ? -8.321  -9.706  3.805   1.00 23.02 ? 96  GLY B N   1 
ATOM   1494 C  CA  . GLY B 1 97  ? -8.491  -10.653 4.902   1.00 22.40 ? 96  GLY B CA  1 
ATOM   1495 C  C   . GLY B 1 97  ? -7.932  -10.132 6.223   1.00 22.15 ? 96  GLY B C   1 
ATOM   1496 O  O   . GLY B 1 97  ? -8.386  -10.558 7.287   1.00 22.29 ? 96  GLY B O   1 
ATOM   1497 N  N   . LEU B 1 98  ? -6.955  -9.213  6.167   1.00 20.59 ? 97  LEU B N   1 
ATOM   1498 C  CA  . LEU B 1 98  ? -6.380  -8.598  7.392   1.00 18.81 ? 97  LEU B CA  1 
ATOM   1499 C  C   . LEU B 1 98  ? -7.314  -8.590  8.626   1.00 18.79 ? 97  LEU B C   1 
ATOM   1500 O  O   . LEU B 1 98  ? -8.451  -8.135  8.552   1.00 18.45 ? 97  LEU B O   1 
ATOM   1501 C  CB  . LEU B 1 98  ? -5.912  -7.162  7.104   1.00 17.55 ? 97  LEU B CB  1 
ATOM   1502 C  CG  . LEU B 1 98  ? -5.323  -6.303  8.247   1.00 15.43 ? 97  LEU B CG  1 
ATOM   1503 C  CD1 . LEU B 1 98  ? -3.963  -6.777  8.743   1.00 2.00  ? 97  LEU B CD1 1 
ATOM   1504 C  CD2 . LEU B 1 98  ? -5.284  -4.753  7.846   1.00 12.13 ? 97  LEU B CD2 1 
ATOM   1505 N  N   . VAL B 1 99  ? -6.802  -9.053  9.772   1.00 18.52 ? 98  VAL B N   1 
ATOM   1506 C  CA  . VAL B 1 99  ? -7.569  -9.071  11.017  1.00 17.06 ? 98  VAL B CA  1 
ATOM   1507 C  C   . VAL B 1 99  ? -6.936  -8.142  12.081  1.00 17.64 ? 98  VAL B C   1 
ATOM   1508 O  O   . VAL B 1 99  ? -5.740  -8.244  12.378  1.00 17.34 ? 98  VAL B O   1 
ATOM   1509 C  CB  . VAL B 1 99  ? -7.694  -10.525 11.533  1.00 17.27 ? 98  VAL B CB  1 
ATOM   1510 C  CG1 . VAL B 1 99  ? -8.343  -10.586 12.908  1.00 15.64 ? 98  VAL B CG1 1 
ATOM   1511 C  CG2 . VAL B 1 99  ? -8.459  -11.422 10.506  1.00 16.11 ? 98  VAL B CG2 1 
ATOM   1512 N  N   . LEU B 1 100 ? -7.752  -7.242  12.635  1.00 17.80 ? 99  LEU B N   1 
ATOM   1513 C  CA  . LEU B 1 100 ? -7.332  -6.268  13.653  1.00 17.97 ? 99  LEU B CA  1 
ATOM   1514 C  C   . LEU B 1 100 ? -8.181  -6.350  14.927  1.00 18.20 ? 99  LEU B C   1 
ATOM   1515 O  O   . LEU B 1 100 ? -9.414  -6.470  14.870  1.00 18.06 ? 99  LEU B O   1 
ATOM   1516 C  CB  . LEU B 1 100 ? -7.432  -4.844  13.119  1.00 16.91 ? 99  LEU B CB  1 
ATOM   1517 C  CG  . LEU B 1 100 ? -6.679  -4.486  11.842  1.00 17.67 ? 99  LEU B CG  1 
ATOM   1518 C  CD1 . LEU B 1 100 ? -7.119  -3.125  11.354  1.00 12.77 ? 99  LEU B CD1 1 
ATOM   1519 C  CD2 . LEU B 1 100 ? -5.167  -4.586  12.011  1.00 17.10 ? 99  LEU B CD2 1 
ATOM   1520 N  N   . ARG B 1 101 ? -7.509  -6.290  16.070  1.00 18.08 ? 100 ARG B N   1 
ATOM   1521 C  CA  . ARG B 1 101 ? -8.187  -6.174  17.344  1.00 18.40 ? 100 ARG B CA  1 
ATOM   1522 C  C   . ARG B 1 101 ? -8.004  -4.760  17.897  1.00 18.01 ? 100 ARG B C   1 
ATOM   1523 O  O   . ARG B 1 101 ? -6.885  -4.243  17.968  1.00 16.77 ? 100 ARG B O   1 
ATOM   1524 C  CB  . ARG B 1 101 ? -7.687  -7.222  18.351  1.00 18.70 ? 100 ARG B CB  1 
ATOM   1525 C  CG  . ARG B 1 101 ? -8.039  -8.667  17.953  1.00 22.98 ? 100 ARG B CG  1 
ATOM   1526 C  CD  . ARG B 1 101 ? -7.227  -9.723  18.752  1.00 26.98 ? 100 ARG B CD  1 
ATOM   1527 N  NE  . ARG B 1 101 ? -7.700  -11.059 18.412  1.00 29.04 ? 100 ARG B NE  1 
ATOM   1528 C  CZ  . ARG B 1 101 ? -7.289  -11.778 17.366  1.00 30.39 ? 100 ARG B CZ  1 
ATOM   1529 N  NH1 . ARG B 1 101 ? -6.338  -11.319 16.540  1.00 30.35 ? 100 ARG B NH1 1 
ATOM   1530 N  NH2 . ARG B 1 101 ? -7.841  -12.971 17.144  1.00 29.15 ? 100 ARG B NH2 1 
ATOM   1531 N  N   . ILE B 1 102 ? -9.130  -4.169  18.284  1.00 18.43 ? 101 ILE B N   1 
ATOM   1532 C  CA  . ILE B 1 102 ? -9.224  -2.844  18.869  1.00 19.44 ? 101 ILE B CA  1 
ATOM   1533 C  C   . ILE B 1 102 ? -8.777  -2.900  20.346  1.00 19.72 ? 101 ILE B C   1 
ATOM   1534 O  O   . ILE B 1 102 ? -8.990  -3.935  21.023  1.00 19.35 ? 101 ILE B O   1 
ATOM   1535 C  CB  . ILE B 1 102 ? -10.700 -2.308  18.692  1.00 19.42 ? 101 ILE B CB  1 
ATOM   1536 C  CG1 . ILE B 1 102 ? -10.962 -1.858  17.258  1.00 19.45 ? 101 ILE B CG1 1 
ATOM   1537 C  CG2 . ILE B 1 102 ? -10.987 -1.106  19.534  1.00 22.83 ? 101 ILE B CG2 1 
ATOM   1538 C  CD1 . ILE B 1 102 ? -12.402 -2.138  16.821  1.00 21.02 ? 101 ILE B CD1 1 
ATOM   1539 N  N   . PRO B 1 103 ? -8.127  -1.813  20.852  1.00 20.13 ? 102 PRO B N   1 
ATOM   1540 C  CA  . PRO B 1 103 ? -7.848  -1.730  22.292  1.00 20.78 ? 102 PRO B CA  1 
ATOM   1541 C  C   . PRO B 1 103 ? -9.077  -1.257  23.072  1.00 22.40 ? 102 PRO B C   1 
ATOM   1542 O  O   . PRO B 1 103 ? -10.000 -0.681  22.497  1.00 22.79 ? 102 PRO B O   1 
ATOM   1543 C  CB  . PRO B 1 103 ? -6.727  -0.699  22.374  1.00 20.11 ? 102 PRO B CB  1 
ATOM   1544 C  CG  . PRO B 1 103 ? -6.935  0.163   21.214  1.00 19.64 ? 102 PRO B CG  1 
ATOM   1545 C  CD  . PRO B 1 103 ? -7.513  -0.689  20.124  1.00 19.96 ? 102 PRO B CD  1 
ATOM   1546 N  N   . GLU B 1 104 ? -9.105  -1.524  24.371  1.00 24.04 ? 103 GLU B N   1 
ATOM   1547 C  CA  . GLU B 1 104 ? -10.208 -1.071  25.203  1.00 25.31 ? 103 GLU B CA  1 
ATOM   1548 C  C   . GLU B 1 104 ? -10.285 0.444   25.194  1.00 25.67 ? 103 GLU B C   1 
ATOM   1549 O  O   . GLU B 1 104 ? -11.386 1.022   25.345  1.00 26.59 ? 103 GLU B O   1 
ATOM   1550 C  CB  . GLU B 1 104 ? -10.027 -1.566  26.630  1.00 25.47 ? 103 GLU B CB  1 
ATOM   1551 C  CG  . GLU B 1 104 ? -10.571 -2.960  26.881  1.00 28.64 ? 103 GLU B CG  1 
ATOM   1552 C  CD  . GLU B 1 104 ? -9.745  -3.740  27.891  1.00 32.72 ? 103 GLU B CD  1 
ATOM   1553 O  OE1 . GLU B 1 104 ? -9.864  -4.985  27.882  1.00 32.86 ? 103 GLU B OE1 1 
ATOM   1554 O  OE2 . GLU B 1 104 ? -8.969  -3.121  28.682  1.00 33.58 ? 103 GLU B OE2 1 
ATOM   1555 N  N   . ARG B 1 105 ? -9.115  1.077   25.043  1.00 25.53 ? 104 ARG B N   1 
ATOM   1556 C  CA  . ARG B 1 105 ? -8.991  2.542   25.076  1.00 25.14 ? 104 ARG B CA  1 
ATOM   1557 C  C   . ARG B 1 105 ? -8.114  3.122   23.956  1.00 24.49 ? 104 ARG B C   1 
ATOM   1558 O  O   . ARG B 1 105 ? -7.142  2.497   23.536  1.00 23.87 ? 104 ARG B O   1 
ATOM   1559 C  CB  . ARG B 1 105 ? -8.455  2.994   26.442  1.00 25.31 ? 104 ARG B CB  1 
ATOM   1560 C  CG  . ARG B 1 105 ? -9.385  2.627   27.604  1.00 26.89 ? 104 ARG B CG  1 
ATOM   1561 C  CD  . ARG B 1 105 ? -9.363  3.673   28.712  1.00 30.22 ? 104 ARG B CD  1 
ATOM   1562 N  NE  . ARG B 1 105 ? -10.726 4.085   29.075  1.00 31.70 ? 104 ARG B NE  1 
ATOM   1563 C  CZ  . ARG B 1 105 ? -11.021 5.035   29.963  1.00 32.49 ? 104 ARG B CZ  1 
ATOM   1564 N  NH1 . ARG B 1 105 ? -10.056 5.685   30.614  1.00 33.06 ? 104 ARG B NH1 1 
ATOM   1565 N  NH2 . ARG B 1 105 ? -12.291 5.330   30.214  1.00 33.24 ? 104 ARG B NH2 1 
ATOM   1566 N  N   . GLN B 1 106 ? -8.484  4.310   23.480  1.00 24.50 ? 105 GLN B N   1 
ATOM   1567 C  CA  . GLN B 1 106 ? -7.689  5.094   22.535  1.00 24.95 ? 105 GLN B CA  1 
ATOM   1568 C  C   . GLN B 1 106 ? -7.109  6.350   23.184  1.00 26.00 ? 105 GLN B C   1 
ATOM   1569 O  O   . GLN B 1 106 ? -5.947  6.673   22.980  1.00 25.04 ? 105 GLN B O   1 
ATOM   1570 C  CB  . GLN B 1 106 ? -8.519  5.513   21.327  1.00 24.23 ? 105 GLN B CB  1 
ATOM   1571 C  CG  . GLN B 1 106 ? -8.887  4.368   20.370  1.00 23.69 ? 105 GLN B CG  1 
ATOM   1572 C  CD  . GLN B 1 106 ? -7.680  3.651   19.791  1.00 21.05 ? 105 GLN B CD  1 
ATOM   1573 O  OE1 . GLN B 1 106 ? -6.535  4.040   20.026  1.00 20.28 ? 105 GLN B OE1 1 
ATOM   1574 N  NE2 . GLN B 1 106 ? -7.935  2.596   19.026  1.00 21.50 ? 105 GLN B NE2 1 
ATOM   1575 N  N   . THR B 1 107 ? -7.945  7.060   23.938  1.00 27.74 ? 106 THR B N   1 
ATOM   1576 C  CA  . THR B 1 107 ? -7.526  8.236   24.696  1.00 29.76 ? 106 THR B CA  1 
ATOM   1577 C  C   . THR B 1 107 ? -7.805  7.962   26.167  1.00 30.54 ? 106 THR B C   1 
ATOM   1578 O  O   . THR B 1 107 ? -8.655  7.107   26.453  1.00 31.09 ? 106 THR B O   1 
ATOM   1579 C  CB  . THR B 1 107 ? -8.320  9.494   24.284  1.00 30.24 ? 106 THR B CB  1 
ATOM   1580 O  OG1 . THR B 1 107 ? -9.730  9.276   24.483  1.00 31.45 ? 106 THR B OG1 1 
ATOM   1581 C  CG2 . THR B 1 107 ? -8.069  9.857   22.822  1.00 30.57 ? 106 THR B CG2 1 
ATOM   1582 O  OXT . THR B 1 107 ? -7.222  8.568   27.081  1.00 31.02 ? 106 THR B OXT 1 
HETATM 1583 FE FE1 . FES C 2 .   ? 7.255   10.909  -14.491 1.00 17.72 ? 201 FES A FE1 1 
HETATM 1584 FE FE2 . FES C 2 .   ? 7.706   8.011   -14.220 1.00 16.41 ? 201 FES A FE2 1 
HETATM 1585 S  S1  . FES C 2 .   ? 8.227   9.735   -12.955 1.00 19.16 ? 201 FES A S1  1 
HETATM 1586 S  S2  . FES C 2 .   ? 6.662   9.173   -15.721 1.00 15.65 ? 201 FES A S2  1 
HETATM 1587 FE FE1 . FES D 2 .   ? -3.406  10.156  14.742  1.00 21.05 ? 201 FES B FE1 1 
HETATM 1588 FE FE2 . FES D 2 .   ? -3.314  7.604   13.310  1.00 21.50 ? 201 FES B FE2 1 
HETATM 1589 S  S1  . FES D 2 .   ? -1.744  8.803   14.254  1.00 15.94 ? 201 FES B S1  1 
HETATM 1590 S  S2  . FES D 2 .   ? -4.931  9.035   13.626  1.00 20.97 ? 201 FES B S2  1 
HETATM 1591 O  O   . HOH E 3 .   ? 15.854  1.686   -8.938  1.00 16.97 ? 301 HOH A O   1 
HETATM 1592 O  O   . HOH E 3 .   ? -5.883  1.156   -19.750 1.00 17.60 ? 302 HOH A O   1 
HETATM 1593 O  O   . HOH E 3 .   ? -5.586  1.911   -6.173  1.00 22.93 ? 303 HOH A O   1 
HETATM 1594 O  O   . HOH E 3 .   ? 0.112   9.213   -8.931  1.00 20.71 ? 304 HOH A O   1 
HETATM 1595 O  O   . HOH E 3 .   ? 2.014   -2.937  -1.289  1.00 26.77 ? 305 HOH A O   1 
HETATM 1596 O  O   . HOH E 3 .   ? 4.991   1.545   -30.371 1.00 30.88 ? 306 HOH A O   1 
HETATM 1597 O  O   . HOH E 3 .   ? -5.769  7.434   -1.599  1.00 25.86 ? 307 HOH A O   1 
HETATM 1598 O  O   . HOH E 3 .   ? -5.471  9.526   -13.281 1.00 21.66 ? 308 HOH A O   1 
HETATM 1599 O  O   . HOH E 3 .   ? 12.910  13.013  -22.606 1.00 22.27 ? 309 HOH A O   1 
HETATM 1600 O  O   . HOH E 3 .   ? -2.989  3.460   -13.457 1.00 18.20 ? 310 HOH A O   1 
HETATM 1601 O  O   . HOH E 3 .   ? 4.399   -11.735 -18.144 1.00 23.69 ? 311 HOH A O   1 
HETATM 1602 O  O   . HOH E 3 .   ? 4.856   -13.715 0.638   1.00 34.78 ? 312 HOH A O   1 
HETATM 1603 O  O   . HOH E 3 .   ? 17.754  -4.543  -17.255 1.00 17.19 ? 313 HOH A O   1 
HETATM 1604 O  O   . HOH E 3 .   ? 0.162   -5.543  -6.202  1.00 27.40 ? 314 HOH A O   1 
HETATM 1605 O  O   . HOH E 3 .   ? 3.313   -13.704 -14.497 1.00 17.32 ? 315 HOH A O   1 
HETATM 1606 O  O   . HOH E 3 .   ? -0.063  10.596  -1.604  1.00 24.69 ? 316 HOH A O   1 
HETATM 1607 O  O   . HOH E 3 .   ? 15.099  -1.427  -12.353 1.00 14.98 ? 317 HOH A O   1 
HETATM 1608 O  O   . HOH E 3 .   ? 12.464  3.808   -21.407 1.00 12.93 ? 318 HOH A O   1 
HETATM 1609 O  O   . HOH E 3 .   ? 14.761  3.881   -8.105  1.00 19.96 ? 319 HOH A O   1 
HETATM 1610 O  O   . HOH E 3 .   ? -0.237  12.983  -0.920  1.00 22.88 ? 320 HOH A O   1 
HETATM 1611 O  O   . HOH F 3 .   ? -10.916 1.421   21.672  1.00 21.83 ? 301 HOH B O   1 
HETATM 1612 O  O   . HOH F 3 .   ? -4.782  2.507   23.092  1.00 18.31 ? 302 HOH B O   1 
HETATM 1613 O  O   . HOH F 3 .   ? 0.888   0.363   4.797   1.00 19.10 ? 303 HOH B O   1 
HETATM 1614 O  O   . HOH F 3 .   ? -14.351 6.772   31.097  1.00 18.79 ? 304 HOH B O   1 
HETATM 1615 O  O   . HOH F 3 .   ? 2.158   0.015   7.249   1.00 16.82 ? 305 HOH B O   1 
HETATM 1616 O  O   . HOH F 3 .   ? 5.356   2.112   25.975  1.00 29.94 ? 306 HOH B O   1 
HETATM 1617 O  O   . HOH F 3 .   ? -19.466 5.349   8.703   1.00 16.62 ? 307 HOH B O   1 
HETATM 1618 O  O   . HOH F 3 .   ? 5.131   3.217   10.156  1.00 15.93 ? 308 HOH B O   1 
HETATM 1619 O  O   . HOH F 3 .   ? 1.317   -4.255  2.679   1.00 18.06 ? 309 HOH B O   1 
HETATM 1620 O  O   . HOH F 3 .   ? 2.490   2.633   25.355  1.00 29.77 ? 310 HOH B O   1 
HETATM 1621 O  O   . HOH F 3 .   ? 6.225   -5.608  10.268  1.00 18.83 ? 311 HOH B O   1 
HETATM 1622 O  O   . HOH F 3 .   ? -10.241 15.671  16.187  1.00 32.51 ? 312 HOH B O   1 
HETATM 1623 O  O   . HOH F 3 .   ? 1.839   6.786   5.831   1.00 20.85 ? 313 HOH B O   1 
HETATM 1624 O  O   . HOH F 3 .   ? -7.390  17.034  13.846  1.00 23.07 ? 314 HOH B O   1 
HETATM 1625 O  O   . HOH F 3 .   ? -6.293  7.911   6.844   1.00 28.47 ? 315 HOH B O   1 
HETATM 1626 O  O   . HOH F 3 .   ? -20.496 7.776   14.263  1.00 25.66 ? 316 HOH B O   1 
HETATM 1627 O  O   . HOH F 3 .   ? -2.886  8.022   7.193   1.00 18.94 ? 317 HOH B O   1 
HETATM 1628 O  O   . HOH F 3 .   ? -13.553 -13.195 18.265  1.00 24.94 ? 318 HOH B O   1 
HETATM 1629 O  O   . HOH F 3 .   ? 6.733   -6.785  5.350   1.00 36.75 ? 319 HOH B O   1 
HETATM 1630 O  O   . HOH F 3 .   ? 4.071   13.206  11.255  1.00 19.06 ? 320 HOH B O   1 
HETATM 1631 O  O   . HOH F 3 .   ? 5.590   -7.639  16.473  1.00 38.51 ? 321 HOH B O   1 
HETATM 1632 O  O   . HOH F 3 .   ? -20.262 -2.465  15.521  1.00 39.61 ? 322 HOH B O   1 
HETATM 1633 O  O   . HOH F 3 .   ? 5.853   -4.934  3.759   1.00 15.60 ? 323 HOH B O   1 
HETATM 1634 O  O   . HOH F 3 .   ? -3.942  5.282   22.323  1.00 6.54  ? 324 HOH B O   1 
HETATM 1635 O  O   . HOH F 3 .   ? -10.767 1.714   19.275  1.00 22.82 ? 325 HOH B O   1 
HETATM 1636 O  O   . HOH F 3 .   ? -16.929 5.822   12.054  1.00 17.92 ? 326 HOH B O   1 
# 
loop_
_pdbx_poly_seq_scheme.asym_id 
_pdbx_poly_seq_scheme.entity_id 
_pdbx_poly_seq_scheme.seq_id 
_pdbx_poly_seq_scheme.mon_id 
_pdbx_poly_seq_scheme.ndb_seq_num 
_pdbx_poly_seq_scheme.pdb_seq_num 
_pdbx_poly_seq_scheme.auth_seq_num 
_pdbx_poly_seq_scheme.pdb_mon_id 
_pdbx_poly_seq_scheme.auth_mon_id 
_pdbx_poly_seq_scheme.pdb_strand_id 
_pdbx_poly_seq_scheme.pdb_ins_code 
_pdbx_poly_seq_scheme.hetero 
A 1 1   MET 1   0   ?   ?   ?   A . n 
A 1 2   PRO 2   1   1   PRO PRO A . n 
A 1 3   SER 3   2   2   SER SER A . n 
A 1 4   ILE 4   3   3   ILE ILE A . n 
A 1 5   THR 5   4   4   THR THR A . n 
A 1 6   PHE 6   5   5   PHE PHE A . n 
A 1 7   ILE 7   6   6   ILE ILE A . n 
A 1 8   HIS 8   7   7   HIS HIS A . n 
A 1 9   PRO 9   8   8   PRO PRO A . n 
A 1 10  ASP 10  9   9   ASP ASP A . n 
A 1 11  GLY 11  10  10  GLY GLY A . n 
A 1 12  ARG 12  11  11  ARG ARG A . n 
A 1 13  SER 13  12  12  SER SER A . n 
A 1 14  GLU 14  13  13  GLU GLU A . n 
A 1 15  ILE 15  14  14  ILE ILE A . n 
A 1 16  VAL 16  15  15  VAL VAL A . n 
A 1 17  ASP 17  16  16  ASP ASP A . n 
A 1 18  ALA 18  17  17  ALA ALA A . n 
A 1 19  ALA 19  18  18  ALA ALA A . n 
A 1 20  ILE 20  19  19  ILE ILE A . n 
A 1 21  GLY 21  20  20  GLY GLY A . n 
A 1 22  ASP 22  21  21  ASP ASP A . n 
A 1 23  SER 23  22  22  SER SER A . n 
A 1 24  ALA 24  23  23  ALA ALA A . n 
A 1 25  MET 25  24  24  MET MET A . n 
A 1 26  PHE 26  25  25  PHE PHE A . n 
A 1 27  ALA 27  26  26  ALA ALA A . n 
A 1 28  ALA 28  27  27  ALA ALA A . n 
A 1 29  LEU 29  28  28  LEU LEU A . n 
A 1 30  ASN 30  29  29  ASN ASN A . n 
A 1 31  HIS 31  30  30  HIS HIS A . n 
A 1 32  GLY 32  31  31  GLY GLY A . n 
A 1 33  ILE 33  32  32  ILE ILE A . n 
A 1 34  ASP 34  33  33  ASP ASP A . n 
A 1 35  SER 35  34  34  SER SER A . n 
A 1 36  ILE 36  35  35  ILE ILE A . n 
A 1 37  VAL 37  36  36  VAL VAL A . n 
A 1 38  ALA 38  37  37  ALA ALA A . n 
A 1 39  GLU 39  38  38  GLU GLU A . n 
A 1 40  CYS 40  39  39  CYS CYS A . n 
A 1 41  GLY 41  40  40  GLY GLY A . n 
A 1 42  GLY 42  41  41  GLY GLY A . n 
A 1 43  ASN 43  42  42  ASN ASN A . n 
A 1 44  ALA 44  43  43  ALA ALA A . n 
A 1 45  VAL 45  44  44  VAL VAL A . n 
A 1 46  CYS 46  45  45  CYS CYS A . n 
A 1 47  ALA 47  46  46  ALA ALA A . n 
A 1 48  THR 48  47  47  THR THR A . n 
A 1 49  CYS 49  48  48  CYS CYS A . n 
A 1 50  HIS 50  49  49  HIS HIS A . n 
A 1 51  VAL 51  50  50  VAL VAL A . n 
A 1 52  TYR 52  51  51  TYR TYR A . n 
A 1 53  VAL 53  52  52  VAL VAL A . n 
A 1 54  ASP 54  53  53  ASP ASP A . n 
A 1 55  ASP 55  54  54  ASP ASP A . n 
A 1 56  LEU 56  55  55  LEU LEU A . n 
A 1 57  TRP 57  56  56  TRP TRP A . n 
A 1 58  LEU 58  57  57  LEU LEU A . n 
A 1 59  ALA 59  58  58  ALA ALA A . n 
A 1 60  LYS 60  59  59  LYS LYS A . n 
A 1 61  LEU 61  60  60  LEU LEU A . n 
A 1 62  PRO 62  61  61  PRO PRO A . n 
A 1 63  PRO 63  62  62  PRO PRO A . n 
A 1 64  VAL 64  63  63  VAL VAL A . n 
A 1 65  ASP 65  64  64  ASP ASP A . n 
A 1 66  ALA 66  65  65  ALA ALA A . n 
A 1 67  ASN 67  66  66  ASN ASN A . n 
A 1 68  GLU 68  67  67  GLU GLU A . n 
A 1 69  ASP 69  68  68  ASP ASP A . n 
A 1 70  ASP 70  69  69  ASP ASP A . n 
A 1 71  LEU 71  70  70  LEU LEU A . n 
A 1 72  LEU 72  71  71  LEU LEU A . n 
A 1 73  ASP 73  72  72  ASP ASP A . n 
A 1 74  GLY 74  73  73  GLY GLY A . n 
A 1 75  THR 75  74  74  THR THR A . n 
A 1 76  ALA 76  75  75  ALA ALA A . n 
A 1 77  SER 77  76  76  SER SER A . n 
A 1 78  ASP 78  77  77  ASP ASP A . n 
A 1 79  ARG 79  78  78  ARG ARG A . n 
A 1 80  LEU 80  79  79  LEU LEU A . n 
A 1 81  PRO 81  80  80  PRO PRO A . n 
A 1 82  ASN 82  81  81  ASN ASN A . n 
A 1 83  SER 83  82  82  SER SER A . n 
A 1 84  ARG 84  83  83  ARG ARG A . n 
A 1 85  LEU 85  84  84  LEU LEU A . n 
A 1 86  SER 86  85  85  SER SER A . n 
A 1 87  CYS 87  86  86  CYS CYS A . n 
A 1 88  GLN 88  87  87  GLN GLN A . n 
A 1 89  ILE 89  88  88  ILE ILE A . n 
A 1 90  LYS 90  89  89  LYS LYS A . n 
A 1 91  ILE 91  90  90  ILE ILE A . n 
A 1 92  ALA 92  91  91  ALA ALA A . n 
A 1 93  PRO 93  92  92  PRO PRO A . n 
A 1 94  GLU 94  93  93  GLU GLU A . n 
A 1 95  LEU 95  94  94  LEU LEU A . n 
A 1 96  ASP 96  95  95  ASP ASP A . n 
A 1 97  GLY 97  96  96  GLY GLY A . n 
A 1 98  LEU 98  97  97  LEU LEU A . n 
A 1 99  VAL 99  98  98  VAL VAL A . n 
A 1 100 LEU 100 99  99  LEU LEU A . n 
A 1 101 ARG 101 100 100 ARG ARG A . n 
A 1 102 ILE 102 101 101 ILE ILE A . n 
A 1 103 PRO 103 102 102 PRO PRO A . n 
A 1 104 GLU 104 103 103 GLU GLU A . n 
A 1 105 ARG 105 104 104 ARG ARG A . n 
A 1 106 GLN 106 105 105 GLN GLN A . n 
A 1 107 THR 107 106 106 THR THR A . n 
B 1 1   MET 1   0   ?   ?   ?   B . n 
B 1 2   PRO 2   1   1   PRO PRO B . n 
B 1 3   SER 3   2   2   SER SER B . n 
B 1 4   ILE 4   3   3   ILE ILE B . n 
B 1 5   THR 5   4   4   THR THR B . n 
B 1 6   PHE 6   5   5   PHE PHE B . n 
B 1 7   ILE 7   6   6   ILE ILE B . n 
B 1 8   HIS 8   7   7   HIS HIS B . n 
B 1 9   PRO 9   8   8   PRO PRO B . n 
B 1 10  ASP 10  9   9   ASP ASP B . n 
B 1 11  GLY 11  10  10  GLY GLY B . n 
B 1 12  ARG 12  11  11  ARG ARG B . n 
B 1 13  SER 13  12  12  SER SER B . n 
B 1 14  GLU 14  13  13  GLU GLU B . n 
B 1 15  ILE 15  14  14  ILE ILE B . n 
B 1 16  VAL 16  15  15  VAL VAL B . n 
B 1 17  ASP 17  16  16  ASP ASP B . n 
B 1 18  ALA 18  17  17  ALA ALA B . n 
B 1 19  ALA 19  18  18  ALA ALA B . n 
B 1 20  ILE 20  19  19  ILE ILE B . n 
B 1 21  GLY 21  20  20  GLY GLY B . n 
B 1 22  ASP 22  21  21  ASP ASP B . n 
B 1 23  SER 23  22  22  SER SER B . n 
B 1 24  ALA 24  23  23  ALA ALA B . n 
B 1 25  MET 25  24  24  MET MET B . n 
B 1 26  PHE 26  25  25  PHE PHE B . n 
B 1 27  ALA 27  26  26  ALA ALA B . n 
B 1 28  ALA 28  27  27  ALA ALA B . n 
B 1 29  LEU 29  28  28  LEU LEU B . n 
B 1 30  ASN 30  29  29  ASN ASN B . n 
B 1 31  HIS 31  30  30  HIS HIS B . n 
B 1 32  GLY 32  31  31  GLY GLY B . n 
B 1 33  ILE 33  32  32  ILE ILE B . n 
B 1 34  ASP 34  33  33  ASP ASP B . n 
B 1 35  SER 35  34  34  SER SER B . n 
B 1 36  ILE 36  35  35  ILE ILE B . n 
B 1 37  VAL 37  36  36  VAL VAL B . n 
B 1 38  ALA 38  37  37  ALA ALA B . n 
B 1 39  GLU 39  38  38  GLU GLU B . n 
B 1 40  CYS 40  39  39  CYS CYS B . n 
B 1 41  GLY 41  40  40  GLY GLY B . n 
B 1 42  GLY 42  41  41  GLY GLY B . n 
B 1 43  ASN 43  42  42  ASN ASN B . n 
B 1 44  ALA 44  43  43  ALA ALA B . n 
B 1 45  VAL 45  44  44  VAL VAL B . n 
B 1 46  CYS 46  45  45  CYS CYS B . n 
B 1 47  ALA 47  46  46  ALA ALA B . n 
B 1 48  THR 48  47  47  THR THR B . n 
B 1 49  CYS 49  48  48  CYS CYS B . n 
B 1 50  HIS 50  49  49  HIS HIS B . n 
B 1 51  VAL 51  50  50  VAL VAL B . n 
B 1 52  TYR 52  51  51  TYR TYR B . n 
B 1 53  VAL 53  52  52  VAL VAL B . n 
B 1 54  ASP 54  53  53  ASP ASP B . n 
B 1 55  ASP 55  54  54  ASP ASP B . n 
B 1 56  LEU 56  55  55  LEU LEU B . n 
B 1 57  TRP 57  56  56  TRP TRP B . n 
B 1 58  LEU 58  57  57  LEU LEU B . n 
B 1 59  ALA 59  58  58  ALA ALA B . n 
B 1 60  LYS 60  59  59  LYS LYS B . n 
B 1 61  LEU 61  60  60  LEU LEU B . n 
B 1 62  PRO 62  61  61  PRO PRO B . n 
B 1 63  PRO 63  62  62  PRO PRO B . n 
B 1 64  VAL 64  63  63  VAL VAL B . n 
B 1 65  ASP 65  64  64  ASP ASP B . n 
B 1 66  ALA 66  65  65  ALA ALA B . n 
B 1 67  ASN 67  66  66  ASN ASN B . n 
B 1 68  GLU 68  67  67  GLU GLU B . n 
B 1 69  ASP 69  68  68  ASP ASP B . n 
B 1 70  ASP 70  69  69  ASP ASP B . n 
B 1 71  LEU 71  70  70  LEU LEU B . n 
B 1 72  LEU 72  71  71  LEU LEU B . n 
B 1 73  ASP 73  72  72  ASP ASP B . n 
B 1 74  GLY 74  73  73  GLY GLY B . n 
B 1 75  THR 75  74  74  THR THR B . n 
B 1 76  ALA 76  75  75  ALA ALA B . n 
B 1 77  SER 77  76  76  SER SER B . n 
B 1 78  ASP 78  77  77  ASP ASP B . n 
B 1 79  ARG 79  78  78  ARG ARG B . n 
B 1 80  LEU 80  79  79  LEU LEU B . n 
B 1 81  PRO 81  80  80  PRO PRO B . n 
B 1 82  ASN 82  81  81  ASN ASN B . n 
B 1 83  SER 83  82  82  SER SER B . n 
B 1 84  ARG 84  83  83  ARG ARG B . n 
B 1 85  LEU 85  84  84  LEU LEU B . n 
B 1 86  SER 86  85  85  SER SER B . n 
B 1 87  CYS 87  86  86  CYS CYS B . n 
B 1 88  GLN 88  87  87  GLN GLN B . n 
B 1 89  ILE 89  88  88  ILE ILE B . n 
B 1 90  LYS 90  89  89  LYS LYS B . n 
B 1 91  ILE 91  90  90  ILE ILE B . n 
B 1 92  ALA 92  91  91  ALA ALA B . n 
B 1 93  PRO 93  92  92  PRO PRO B . n 
B 1 94  GLU 94  93  93  GLU GLU B . n 
B 1 95  LEU 95  94  94  LEU LEU B . n 
B 1 96  ASP 96  95  95  ASP ASP B . n 
B 1 97  GLY 97  96  96  GLY GLY B . n 
B 1 98  LEU 98  97  97  LEU LEU B . n 
B 1 99  VAL 99  98  98  VAL VAL B . n 
B 1 100 LEU 100 99  99  LEU LEU B . n 
B 1 101 ARG 101 100 100 ARG ARG B . n 
B 1 102 ILE 102 101 101 ILE ILE B . n 
B 1 103 PRO 103 102 102 PRO PRO B . n 
B 1 104 GLU 104 103 103 GLU GLU B . n 
B 1 105 ARG 105 104 104 ARG ARG B . n 
B 1 106 GLN 106 105 105 GLN GLN B . n 
B 1 107 THR 107 106 106 THR THR B . n 
# 
loop_
_pdbx_nonpoly_scheme.asym_id 
_pdbx_nonpoly_scheme.entity_id 
_pdbx_nonpoly_scheme.mon_id 
_pdbx_nonpoly_scheme.ndb_seq_num 
_pdbx_nonpoly_scheme.pdb_seq_num 
_pdbx_nonpoly_scheme.auth_seq_num 
_pdbx_nonpoly_scheme.pdb_mon_id 
_pdbx_nonpoly_scheme.auth_mon_id 
_pdbx_nonpoly_scheme.pdb_strand_id 
_pdbx_nonpoly_scheme.pdb_ins_code 
C 2 FES 1  201 117 FES FES A . 
D 2 FES 1  201 117 FES FES B . 
E 3 HOH 1  301 1   HOH HOH A . 
E 3 HOH 2  302 5   HOH HOH A . 
E 3 HOH 3  303 7   HOH HOH A . 
E 3 HOH 4  304 8   HOH HOH A . 
E 3 HOH 5  305 9   HOH HOH A . 
E 3 HOH 6  306 11  HOH HOH A . 
E 3 HOH 7  307 13  HOH HOH A . 
E 3 HOH 8  308 15  HOH HOH A . 
E 3 HOH 9  309 17  HOH HOH A . 
E 3 HOH 10 310 18  HOH HOH A . 
E 3 HOH 11 311 22  HOH HOH A . 
E 3 HOH 12 312 27  HOH HOH A . 
E 3 HOH 13 313 31  HOH HOH A . 
E 3 HOH 14 314 35  HOH HOH A . 
E 3 HOH 15 315 36  HOH HOH A . 
E 3 HOH 16 316 37  HOH HOH A . 
E 3 HOH 17 317 39  HOH HOH A . 
E 3 HOH 18 318 42  HOH HOH A . 
E 3 HOH 19 319 43  HOH HOH A . 
E 3 HOH 20 320 46  HOH HOH A . 
F 3 HOH 1  301 2   HOH HOH B . 
F 3 HOH 2  302 3   HOH HOH B . 
F 3 HOH 3  303 4   HOH HOH B . 
F 3 HOH 4  304 6   HOH HOH B . 
F 3 HOH 5  305 10  HOH HOH B . 
F 3 HOH 6  306 12  HOH HOH B . 
F 3 HOH 7  307 14  HOH HOH B . 
F 3 HOH 8  308 16  HOH HOH B . 
F 3 HOH 9  309 19  HOH HOH B . 
F 3 HOH 10 310 20  HOH HOH B . 
F 3 HOH 11 311 21  HOH HOH B . 
F 3 HOH 12 312 23  HOH HOH B . 
F 3 HOH 13 313 24  HOH HOH B . 
F 3 HOH 14 314 25  HOH HOH B . 
F 3 HOH 15 315 26  HOH HOH B . 
F 3 HOH 16 316 28  HOH HOH B . 
F 3 HOH 17 317 29  HOH HOH B . 
F 3 HOH 18 318 30  HOH HOH B . 
F 3 HOH 19 319 32  HOH HOH B . 
F 3 HOH 20 320 33  HOH HOH B . 
F 3 HOH 21 321 34  HOH HOH B . 
F 3 HOH 22 322 38  HOH HOH B . 
F 3 HOH 23 323 40  HOH HOH B . 
F 3 HOH 24 324 41  HOH HOH B . 
F 3 HOH 25 325 44  HOH HOH B . 
F 3 HOH 26 326 45  HOH HOH B . 
# 
loop_
_pdbx_struct_assembly.id 
_pdbx_struct_assembly.details 
_pdbx_struct_assembly.method_details 
_pdbx_struct_assembly.oligomeric_details 
_pdbx_struct_assembly.oligomeric_count 
1 author_and_software_defined_assembly PISA monomeric 1 
2 author_and_software_defined_assembly PISA monomeric 1 
# 
loop_
_pdbx_struct_assembly_gen.assembly_id 
_pdbx_struct_assembly_gen.oper_expression 
_pdbx_struct_assembly_gen.asym_id_list 
1 1 A,C,E 
2 1 B,D,F 
# 
_pdbx_struct_oper_list.id                   1 
_pdbx_struct_oper_list.type                 'identity operation' 
_pdbx_struct_oper_list.name                 1_555 
_pdbx_struct_oper_list.symmetry_operation   x,y,z 
_pdbx_struct_oper_list.matrix[1][1]         1.0000000000 
_pdbx_struct_oper_list.matrix[1][2]         0.0000000000 
_pdbx_struct_oper_list.matrix[1][3]         0.0000000000 
_pdbx_struct_oper_list.vector[1]            0.0000000000 
_pdbx_struct_oper_list.matrix[2][1]         0.0000000000 
_pdbx_struct_oper_list.matrix[2][2]         1.0000000000 
_pdbx_struct_oper_list.matrix[2][3]         0.0000000000 
_pdbx_struct_oper_list.vector[2]            0.0000000000 
_pdbx_struct_oper_list.matrix[3][1]         0.0000000000 
_pdbx_struct_oper_list.matrix[3][2]         0.0000000000 
_pdbx_struct_oper_list.matrix[3][3]         1.0000000000 
_pdbx_struct_oper_list.vector[3]            0.0000000000 
# 
loop_
_pdbx_struct_conn_angle.id 
_pdbx_struct_conn_angle.ptnr1_label_atom_id 
_pdbx_struct_conn_angle.ptnr1_label_alt_id 
_pdbx_struct_conn_angle.ptnr1_label_asym_id 
_pdbx_struct_conn_angle.ptnr1_label_comp_id 
_pdbx_struct_conn_angle.ptnr1_label_seq_id 
_pdbx_struct_conn_angle.ptnr1_auth_atom_id 
_pdbx_struct_conn_angle.ptnr1_auth_asym_id 
_pdbx_struct_conn_angle.ptnr1_auth_comp_id 
_pdbx_struct_conn_angle.ptnr1_auth_seq_id 
_pdbx_struct_conn_angle.ptnr1_PDB_ins_code 
_pdbx_struct_conn_angle.ptnr1_symmetry 
_pdbx_struct_conn_angle.ptnr2_label_atom_id 
_pdbx_struct_conn_angle.ptnr2_label_alt_id 
_pdbx_struct_conn_angle.ptnr2_label_asym_id 
_pdbx_struct_conn_angle.ptnr2_label_comp_id 
_pdbx_struct_conn_angle.ptnr2_label_seq_id 
_pdbx_struct_conn_angle.ptnr2_auth_atom_id 
_pdbx_struct_conn_angle.ptnr2_auth_asym_id 
_pdbx_struct_conn_angle.ptnr2_auth_comp_id 
_pdbx_struct_conn_angle.ptnr2_auth_seq_id 
_pdbx_struct_conn_angle.ptnr2_PDB_ins_code 
_pdbx_struct_conn_angle.ptnr2_symmetry 
_pdbx_struct_conn_angle.ptnr3_label_atom_id 
_pdbx_struct_conn_angle.ptnr3_label_alt_id 
_pdbx_struct_conn_angle.ptnr3_label_asym_id 
_pdbx_struct_conn_angle.ptnr3_label_comp_id 
_pdbx_struct_conn_angle.ptnr3_label_seq_id 
_pdbx_struct_conn_angle.ptnr3_auth_atom_id 
_pdbx_struct_conn_angle.ptnr3_auth_asym_id 
_pdbx_struct_conn_angle.ptnr3_auth_comp_id 
_pdbx_struct_conn_angle.ptnr3_auth_seq_id 
_pdbx_struct_conn_angle.ptnr3_PDB_ins_code 
_pdbx_struct_conn_angle.ptnr3_symmetry 
_pdbx_struct_conn_angle.value 
_pdbx_struct_conn_angle.value_esd 
1  SG ? A CYS 40 ? A CYS 39  ? 1_555 FE1 ? C FES . ? A FES 201 ? 1_555 S1 ? C FES .  ? A FES 201 ? 1_555 114.5 ? 
2  SG ? A CYS 40 ? A CYS 39  ? 1_555 FE1 ? C FES . ? A FES 201 ? 1_555 S2 ? C FES .  ? A FES 201 ? 1_555 115.9 ? 
3  S1 ? C FES .  ? A FES 201 ? 1_555 FE1 ? C FES . ? A FES 201 ? 1_555 S2 ? C FES .  ? A FES 201 ? 1_555 95.1  ? 
4  SG ? A CYS 40 ? A CYS 39  ? 1_555 FE1 ? C FES . ? A FES 201 ? 1_555 SG ? A CYS 46 ? A CYS 45  ? 1_555 111.2 ? 
5  S1 ? C FES .  ? A FES 201 ? 1_555 FE1 ? C FES . ? A FES 201 ? 1_555 SG ? A CYS 46 ? A CYS 45  ? 1_555 111.2 ? 
6  S2 ? C FES .  ? A FES 201 ? 1_555 FE1 ? C FES . ? A FES 201 ? 1_555 SG ? A CYS 46 ? A CYS 45  ? 1_555 107.7 ? 
7  SG ? A CYS 49 ? A CYS 48  ? 1_555 FE2 ? C FES . ? A FES 201 ? 1_555 S1 ? C FES .  ? A FES 201 ? 1_555 116.7 ? 
8  SG ? A CYS 49 ? A CYS 48  ? 1_555 FE2 ? C FES . ? A FES 201 ? 1_555 S2 ? C FES .  ? A FES 201 ? 1_555 109.0 ? 
9  S1 ? C FES .  ? A FES 201 ? 1_555 FE2 ? C FES . ? A FES 201 ? 1_555 S2 ? C FES .  ? A FES 201 ? 1_555 95.3  ? 
10 SG ? A CYS 49 ? A CYS 48  ? 1_555 FE2 ? C FES . ? A FES 201 ? 1_555 SG ? A CYS 87 ? A CYS 86  ? 1_555 107.6 ? 
11 S1 ? C FES .  ? A FES 201 ? 1_555 FE2 ? C FES . ? A FES 201 ? 1_555 SG ? A CYS 87 ? A CYS 86  ? 1_555 105.0 ? 
12 S2 ? C FES .  ? A FES 201 ? 1_555 FE2 ? C FES . ? A FES 201 ? 1_555 SG ? A CYS 87 ? A CYS 86  ? 1_555 123.4 ? 
13 SG ? B CYS 40 ? B CYS 39  ? 1_555 FE1 ? D FES . ? B FES 201 ? 1_555 S1 ? D FES .  ? B FES 201 ? 1_555 102.8 ? 
14 SG ? B CYS 40 ? B CYS 39  ? 1_555 FE1 ? D FES . ? B FES 201 ? 1_555 S2 ? D FES .  ? B FES 201 ? 1_555 108.6 ? 
15 S1 ? D FES .  ? B FES 201 ? 1_555 FE1 ? D FES . ? B FES 201 ? 1_555 S2 ? D FES .  ? B FES 201 ? 1_555 95.6  ? 
16 SG ? B CYS 40 ? B CYS 39  ? 1_555 FE1 ? D FES . ? B FES 201 ? 1_555 SG ? B CYS 46 ? B CYS 45  ? 1_555 112.8 ? 
17 S1 ? D FES .  ? B FES 201 ? 1_555 FE1 ? D FES . ? B FES 201 ? 1_555 SG ? B CYS 46 ? B CYS 45  ? 1_555 117.1 ? 
18 S2 ? D FES .  ? B FES 201 ? 1_555 FE1 ? D FES . ? B FES 201 ? 1_555 SG ? B CYS 46 ? B CYS 45  ? 1_555 117.7 ? 
19 SG ? B CYS 49 ? B CYS 48  ? 1_555 FE2 ? D FES . ? B FES 201 ? 1_555 S1 ? D FES .  ? B FES 201 ? 1_555 117.3 ? 
20 SG ? B CYS 49 ? B CYS 48  ? 1_555 FE2 ? D FES . ? B FES 201 ? 1_555 S2 ? D FES .  ? B FES 201 ? 1_555 106.3 ? 
21 S1 ? D FES .  ? B FES 201 ? 1_555 FE2 ? D FES . ? B FES 201 ? 1_555 S2 ? D FES .  ? B FES 201 ? 1_555 96.3  ? 
22 SG ? B CYS 49 ? B CYS 48  ? 1_555 FE2 ? D FES . ? B FES 201 ? 1_555 SG ? B CYS 87 ? B CYS 86  ? 1_555 113.6 ? 
23 S1 ? D FES .  ? B FES 201 ? 1_555 FE2 ? D FES . ? B FES 201 ? 1_555 SG ? B CYS 87 ? B CYS 86  ? 1_555 103.7 ? 
24 S2 ? D FES .  ? B FES 201 ? 1_555 FE2 ? D FES . ? B FES 201 ? 1_555 SG ? B CYS 87 ? B CYS 86  ? 1_555 119.0 ? 
# 
loop_
_pdbx_audit_revision_history.ordinal 
_pdbx_audit_revision_history.data_content_type 
_pdbx_audit_revision_history.major_revision 
_pdbx_audit_revision_history.minor_revision 
_pdbx_audit_revision_history.revision_date 
1 'Structure model' 1 0 2014-10-15 
2 'Structure model' 1 1 2023-11-08 
# 
_pdbx_audit_revision_details.ordinal             1 
_pdbx_audit_revision_details.revision_ordinal    1 
_pdbx_audit_revision_details.data_content_type   'Structure model' 
_pdbx_audit_revision_details.provider            repository 
_pdbx_audit_revision_details.type                'Initial release' 
_pdbx_audit_revision_details.description         ? 
_pdbx_audit_revision_details.details             ? 
# 
loop_
_pdbx_audit_revision_group.ordinal 
_pdbx_audit_revision_group.revision_ordinal 
_pdbx_audit_revision_group.data_content_type 
_pdbx_audit_revision_group.group 
1 2 'Structure model' 'Data collection'        
2 2 'Structure model' 'Database references'    
3 2 'Structure model' 'Derived calculations'   
4 2 'Structure model' 'Refinement description' 
# 
loop_
_pdbx_audit_revision_category.ordinal 
_pdbx_audit_revision_category.revision_ordinal 
_pdbx_audit_revision_category.data_content_type 
_pdbx_audit_revision_category.category 
1 2 'Structure model' chem_comp_atom                
2 2 'Structure model' chem_comp_bond                
3 2 'Structure model' database_2                    
4 2 'Structure model' pdbx_initial_refinement_model 
5 2 'Structure model' pdbx_struct_conn_angle        
6 2 'Structure model' struct_conn                   
7 2 'Structure model' struct_ref_seq_dif            
8 2 'Structure model' struct_site                   
# 
loop_
_pdbx_audit_revision_item.ordinal 
_pdbx_audit_revision_item.revision_ordinal 
_pdbx_audit_revision_item.data_content_type 
_pdbx_audit_revision_item.item 
1  2 'Structure model' '_database_2.pdbx_DOI'                        
2  2 'Structure model' '_database_2.pdbx_database_accession'         
3  2 'Structure model' '_pdbx_struct_conn_angle.ptnr1_auth_asym_id'  
4  2 'Structure model' '_pdbx_struct_conn_angle.ptnr1_auth_seq_id'   
5  2 'Structure model' '_pdbx_struct_conn_angle.ptnr1_label_asym_id' 
6  2 'Structure model' '_pdbx_struct_conn_angle.ptnr1_label_seq_id'  
7  2 'Structure model' '_pdbx_struct_conn_angle.ptnr2_auth_asym_id'  
8  2 'Structure model' '_pdbx_struct_conn_angle.ptnr2_label_asym_id' 
9  2 'Structure model' '_pdbx_struct_conn_angle.ptnr3_auth_asym_id'  
10 2 'Structure model' '_pdbx_struct_conn_angle.ptnr3_auth_seq_id'   
11 2 'Structure model' '_pdbx_struct_conn_angle.ptnr3_label_asym_id' 
12 2 'Structure model' '_pdbx_struct_conn_angle.ptnr3_label_seq_id'  
13 2 'Structure model' '_pdbx_struct_conn_angle.value'               
14 2 'Structure model' '_struct_conn.pdbx_dist_value'                
15 2 'Structure model' '_struct_conn.ptnr1_auth_asym_id'             
16 2 'Structure model' '_struct_conn.ptnr1_auth_seq_id'              
17 2 'Structure model' '_struct_conn.ptnr1_label_asym_id'            
18 2 'Structure model' '_struct_conn.ptnr1_label_seq_id'             
19 2 'Structure model' '_struct_conn.ptnr2_auth_asym_id'             
20 2 'Structure model' '_struct_conn.ptnr2_label_asym_id'            
21 2 'Structure model' '_struct_conn.ptnr2_label_atom_id'            
22 2 'Structure model' '_struct_ref_seq_dif.details'                 
23 2 'Structure model' '_struct_site.pdbx_auth_asym_id'              
24 2 'Structure model' '_struct_site.pdbx_auth_comp_id'              
25 2 'Structure model' '_struct_site.pdbx_auth_seq_id'               
# 
loop_
_software.name 
_software.classification 
_software.version 
_software.citation_id 
_software.pdbx_ordinal 
HKL-2000 'data collection' .        ? 1 
PHASER   phasing           .        ? 2 
REFMAC   refinement        5.5.0109 ? 3 
HKL-2000 'data reduction'  .        ? 4 
HKL-2000 'data scaling'    .        ? 5 
# 
loop_
_pdbx_validate_torsion.id 
_pdbx_validate_torsion.PDB_model_num 
_pdbx_validate_torsion.auth_comp_id 
_pdbx_validate_torsion.auth_asym_id 
_pdbx_validate_torsion.auth_seq_id 
_pdbx_validate_torsion.PDB_ins_code 
_pdbx_validate_torsion.label_alt_id 
_pdbx_validate_torsion.phi 
_pdbx_validate_torsion.psi 
1 1 VAL A 44 ? ? -144.74 10.92  
2 1 ASP B 54 ? ? -38.95  -31.97 
3 1 LEU B 97 ? ? -25.09  129.97 
# 
loop_
_pdbx_unobs_or_zero_occ_residues.id 
_pdbx_unobs_or_zero_occ_residues.PDB_model_num 
_pdbx_unobs_or_zero_occ_residues.polymer_flag 
_pdbx_unobs_or_zero_occ_residues.occupancy_flag 
_pdbx_unobs_or_zero_occ_residues.auth_asym_id 
_pdbx_unobs_or_zero_occ_residues.auth_comp_id 
_pdbx_unobs_or_zero_occ_residues.auth_seq_id 
_pdbx_unobs_or_zero_occ_residues.PDB_ins_code 
_pdbx_unobs_or_zero_occ_residues.label_asym_id 
_pdbx_unobs_or_zero_occ_residues.label_comp_id 
_pdbx_unobs_or_zero_occ_residues.label_seq_id 
1 1 Y 1 A MET 0 ? A MET 1 
2 1 Y 1 B MET 0 ? B MET 1 
# 
loop_
_chem_comp_atom.comp_id 
_chem_comp_atom.atom_id 
_chem_comp_atom.type_symbol 
_chem_comp_atom.pdbx_aromatic_flag 
_chem_comp_atom.pdbx_stereo_config 
_chem_comp_atom.pdbx_ordinal 
ALA N    N  N N 1   
ALA CA   C  N S 2   
ALA C    C  N N 3   
ALA O    O  N N 4   
ALA CB   C  N N 5   
ALA OXT  O  N N 6   
ALA H    H  N N 7   
ALA H2   H  N N 8   
ALA HA   H  N N 9   
ALA HB1  H  N N 10  
ALA HB2  H  N N 11  
ALA HB3  H  N N 12  
ALA HXT  H  N N 13  
ARG N    N  N N 14  
ARG CA   C  N S 15  
ARG C    C  N N 16  
ARG O    O  N N 17  
ARG CB   C  N N 18  
ARG CG   C  N N 19  
ARG CD   C  N N 20  
ARG NE   N  N N 21  
ARG CZ   C  N N 22  
ARG NH1  N  N N 23  
ARG NH2  N  N N 24  
ARG OXT  O  N N 25  
ARG H    H  N N 26  
ARG H2   H  N N 27  
ARG HA   H  N N 28  
ARG HB2  H  N N 29  
ARG HB3  H  N N 30  
ARG HG2  H  N N 31  
ARG HG3  H  N N 32  
ARG HD2  H  N N 33  
ARG HD3  H  N N 34  
ARG HE   H  N N 35  
ARG HH11 H  N N 36  
ARG HH12 H  N N 37  
ARG HH21 H  N N 38  
ARG HH22 H  N N 39  
ARG HXT  H  N N 40  
ASN N    N  N N 41  
ASN CA   C  N S 42  
ASN C    C  N N 43  
ASN O    O  N N 44  
ASN CB   C  N N 45  
ASN CG   C  N N 46  
ASN OD1  O  N N 47  
ASN ND2  N  N N 48  
ASN OXT  O  N N 49  
ASN H    H  N N 50  
ASN H2   H  N N 51  
ASN HA   H  N N 52  
ASN HB2  H  N N 53  
ASN HB3  H  N N 54  
ASN HD21 H  N N 55  
ASN HD22 H  N N 56  
ASN HXT  H  N N 57  
ASP N    N  N N 58  
ASP CA   C  N S 59  
ASP C    C  N N 60  
ASP O    O  N N 61  
ASP CB   C  N N 62  
ASP CG   C  N N 63  
ASP OD1  O  N N 64  
ASP OD2  O  N N 65  
ASP OXT  O  N N 66  
ASP H    H  N N 67  
ASP H2   H  N N 68  
ASP HA   H  N N 69  
ASP HB2  H  N N 70  
ASP HB3  H  N N 71  
ASP HD2  H  N N 72  
ASP HXT  H  N N 73  
CYS N    N  N N 74  
CYS CA   C  N R 75  
CYS C    C  N N 76  
CYS O    O  N N 77  
CYS CB   C  N N 78  
CYS SG   S  N N 79  
CYS OXT  O  N N 80  
CYS H    H  N N 81  
CYS H2   H  N N 82  
CYS HA   H  N N 83  
CYS HB2  H  N N 84  
CYS HB3  H  N N 85  
CYS HG   H  N N 86  
CYS HXT  H  N N 87  
FES FE1  FE N N 88  
FES FE2  FE N N 89  
FES S1   S  N N 90  
FES S2   S  N N 91  
GLN N    N  N N 92  
GLN CA   C  N S 93  
GLN C    C  N N 94  
GLN O    O  N N 95  
GLN CB   C  N N 96  
GLN CG   C  N N 97  
GLN CD   C  N N 98  
GLN OE1  O  N N 99  
GLN NE2  N  N N 100 
GLN OXT  O  N N 101 
GLN H    H  N N 102 
GLN H2   H  N N 103 
GLN HA   H  N N 104 
GLN HB2  H  N N 105 
GLN HB3  H  N N 106 
GLN HG2  H  N N 107 
GLN HG3  H  N N 108 
GLN HE21 H  N N 109 
GLN HE22 H  N N 110 
GLN HXT  H  N N 111 
GLU N    N  N N 112 
GLU CA   C  N S 113 
GLU C    C  N N 114 
GLU O    O  N N 115 
GLU CB   C  N N 116 
GLU CG   C  N N 117 
GLU CD   C  N N 118 
GLU OE1  O  N N 119 
GLU OE2  O  N N 120 
GLU OXT  O  N N 121 
GLU H    H  N N 122 
GLU H2   H  N N 123 
GLU HA   H  N N 124 
GLU HB2  H  N N 125 
GLU HB3  H  N N 126 
GLU HG2  H  N N 127 
GLU HG3  H  N N 128 
GLU HE2  H  N N 129 
GLU HXT  H  N N 130 
GLY N    N  N N 131 
GLY CA   C  N N 132 
GLY C    C  N N 133 
GLY O    O  N N 134 
GLY OXT  O  N N 135 
GLY H    H  N N 136 
GLY H2   H  N N 137 
GLY HA2  H  N N 138 
GLY HA3  H  N N 139 
GLY HXT  H  N N 140 
HIS N    N  N N 141 
HIS CA   C  N S 142 
HIS C    C  N N 143 
HIS O    O  N N 144 
HIS CB   C  N N 145 
HIS CG   C  Y N 146 
HIS ND1  N  Y N 147 
HIS CD2  C  Y N 148 
HIS CE1  C  Y N 149 
HIS NE2  N  Y N 150 
HIS OXT  O  N N 151 
HIS H    H  N N 152 
HIS H2   H  N N 153 
HIS HA   H  N N 154 
HIS HB2  H  N N 155 
HIS HB3  H  N N 156 
HIS HD1  H  N N 157 
HIS HD2  H  N N 158 
HIS HE1  H  N N 159 
HIS HE2  H  N N 160 
HIS HXT  H  N N 161 
HOH O    O  N N 162 
HOH H1   H  N N 163 
HOH H2   H  N N 164 
ILE N    N  N N 165 
ILE CA   C  N S 166 
ILE C    C  N N 167 
ILE O    O  N N 168 
ILE CB   C  N S 169 
ILE CG1  C  N N 170 
ILE CG2  C  N N 171 
ILE CD1  C  N N 172 
ILE OXT  O  N N 173 
ILE H    H  N N 174 
ILE H2   H  N N 175 
ILE HA   H  N N 176 
ILE HB   H  N N 177 
ILE HG12 H  N N 178 
ILE HG13 H  N N 179 
ILE HG21 H  N N 180 
ILE HG22 H  N N 181 
ILE HG23 H  N N 182 
ILE HD11 H  N N 183 
ILE HD12 H  N N 184 
ILE HD13 H  N N 185 
ILE HXT  H  N N 186 
LEU N    N  N N 187 
LEU CA   C  N S 188 
LEU C    C  N N 189 
LEU O    O  N N 190 
LEU CB   C  N N 191 
LEU CG   C  N N 192 
LEU CD1  C  N N 193 
LEU CD2  C  N N 194 
LEU OXT  O  N N 195 
LEU H    H  N N 196 
LEU H2   H  N N 197 
LEU HA   H  N N 198 
LEU HB2  H  N N 199 
LEU HB3  H  N N 200 
LEU HG   H  N N 201 
LEU HD11 H  N N 202 
LEU HD12 H  N N 203 
LEU HD13 H  N N 204 
LEU HD21 H  N N 205 
LEU HD22 H  N N 206 
LEU HD23 H  N N 207 
LEU HXT  H  N N 208 
LYS N    N  N N 209 
LYS CA   C  N S 210 
LYS C    C  N N 211 
LYS O    O  N N 212 
LYS CB   C  N N 213 
LYS CG   C  N N 214 
LYS CD   C  N N 215 
LYS CE   C  N N 216 
LYS NZ   N  N N 217 
LYS OXT  O  N N 218 
LYS H    H  N N 219 
LYS H2   H  N N 220 
LYS HA   H  N N 221 
LYS HB2  H  N N 222 
LYS HB3  H  N N 223 
LYS HG2  H  N N 224 
LYS HG3  H  N N 225 
LYS HD2  H  N N 226 
LYS HD3  H  N N 227 
LYS HE2  H  N N 228 
LYS HE3  H  N N 229 
LYS HZ1  H  N N 230 
LYS HZ2  H  N N 231 
LYS HZ3  H  N N 232 
LYS HXT  H  N N 233 
MET N    N  N N 234 
MET CA   C  N S 235 
MET C    C  N N 236 
MET O    O  N N 237 
MET CB   C  N N 238 
MET CG   C  N N 239 
MET SD   S  N N 240 
MET CE   C  N N 241 
MET OXT  O  N N 242 
MET H    H  N N 243 
MET H2   H  N N 244 
MET HA   H  N N 245 
MET HB2  H  N N 246 
MET HB3  H  N N 247 
MET HG2  H  N N 248 
MET HG3  H  N N 249 
MET HE1  H  N N 250 
MET HE2  H  N N 251 
MET HE3  H  N N 252 
MET HXT  H  N N 253 
PHE N    N  N N 254 
PHE CA   C  N S 255 
PHE C    C  N N 256 
PHE O    O  N N 257 
PHE CB   C  N N 258 
PHE CG   C  Y N 259 
PHE CD1  C  Y N 260 
PHE CD2  C  Y N 261 
PHE CE1  C  Y N 262 
PHE CE2  C  Y N 263 
PHE CZ   C  Y N 264 
PHE OXT  O  N N 265 
PHE H    H  N N 266 
PHE H2   H  N N 267 
PHE HA   H  N N 268 
PHE HB2  H  N N 269 
PHE HB3  H  N N 270 
PHE HD1  H  N N 271 
PHE HD2  H  N N 272 
PHE HE1  H  N N 273 
PHE HE2  H  N N 274 
PHE HZ   H  N N 275 
PHE HXT  H  N N 276 
PRO N    N  N N 277 
PRO CA   C  N S 278 
PRO C    C  N N 279 
PRO O    O  N N 280 
PRO CB   C  N N 281 
PRO CG   C  N N 282 
PRO CD   C  N N 283 
PRO OXT  O  N N 284 
PRO H    H  N N 285 
PRO HA   H  N N 286 
PRO HB2  H  N N 287 
PRO HB3  H  N N 288 
PRO HG2  H  N N 289 
PRO HG3  H  N N 290 
PRO HD2  H  N N 291 
PRO HD3  H  N N 292 
PRO HXT  H  N N 293 
SER N    N  N N 294 
SER CA   C  N S 295 
SER C    C  N N 296 
SER O    O  N N 297 
SER CB   C  N N 298 
SER OG   O  N N 299 
SER OXT  O  N N 300 
SER H    H  N N 301 
SER H2   H  N N 302 
SER HA   H  N N 303 
SER HB2  H  N N 304 
SER HB3  H  N N 305 
SER HG   H  N N 306 
SER HXT  H  N N 307 
THR N    N  N N 308 
THR CA   C  N S 309 
THR C    C  N N 310 
THR O    O  N N 311 
THR CB   C  N R 312 
THR OG1  O  N N 313 
THR CG2  C  N N 314 
THR OXT  O  N N 315 
THR H    H  N N 316 
THR H2   H  N N 317 
THR HA   H  N N 318 
THR HB   H  N N 319 
THR HG1  H  N N 320 
THR HG21 H  N N 321 
THR HG22 H  N N 322 
THR HG23 H  N N 323 
THR HXT  H  N N 324 
TRP N    N  N N 325 
TRP CA   C  N S 326 
TRP C    C  N N 327 
TRP O    O  N N 328 
TRP CB   C  N N 329 
TRP CG   C  Y N 330 
TRP CD1  C  Y N 331 
TRP CD2  C  Y N 332 
TRP NE1  N  Y N 333 
TRP CE2  C  Y N 334 
TRP CE3  C  Y N 335 
TRP CZ2  C  Y N 336 
TRP CZ3  C  Y N 337 
TRP CH2  C  Y N 338 
TRP OXT  O  N N 339 
TRP H    H  N N 340 
TRP H2   H  N N 341 
TRP HA   H  N N 342 
TRP HB2  H  N N 343 
TRP HB3  H  N N 344 
TRP HD1  H  N N 345 
TRP HE1  H  N N 346 
TRP HE3  H  N N 347 
TRP HZ2  H  N N 348 
TRP HZ3  H  N N 349 
TRP HH2  H  N N 350 
TRP HXT  H  N N 351 
TYR N    N  N N 352 
TYR CA   C  N S 353 
TYR C    C  N N 354 
TYR O    O  N N 355 
TYR CB   C  N N 356 
TYR CG   C  Y N 357 
TYR CD1  C  Y N 358 
TYR CD2  C  Y N 359 
TYR CE1  C  Y N 360 
TYR CE2  C  Y N 361 
TYR CZ   C  Y N 362 
TYR OH   O  N N 363 
TYR OXT  O  N N 364 
TYR H    H  N N 365 
TYR H2   H  N N 366 
TYR HA   H  N N 367 
TYR HB2  H  N N 368 
TYR HB3  H  N N 369 
TYR HD1  H  N N 370 
TYR HD2  H  N N 371 
TYR HE1  H  N N 372 
TYR HE2  H  N N 373 
TYR HH   H  N N 374 
TYR HXT  H  N N 375 
VAL N    N  N N 376 
VAL CA   C  N S 377 
VAL C    C  N N 378 
VAL O    O  N N 379 
VAL CB   C  N N 380 
VAL CG1  C  N N 381 
VAL CG2  C  N N 382 
VAL OXT  O  N N 383 
VAL H    H  N N 384 
VAL H2   H  N N 385 
VAL HA   H  N N 386 
VAL HB   H  N N 387 
VAL HG11 H  N N 388 
VAL HG12 H  N N 389 
VAL HG13 H  N N 390 
VAL HG21 H  N N 391 
VAL HG22 H  N N 392 
VAL HG23 H  N N 393 
VAL HXT  H  N N 394 
# 
loop_
_chem_comp_bond.comp_id 
_chem_comp_bond.atom_id_1 
_chem_comp_bond.atom_id_2 
_chem_comp_bond.value_order 
_chem_comp_bond.pdbx_aromatic_flag 
_chem_comp_bond.pdbx_stereo_config 
_chem_comp_bond.pdbx_ordinal 
ALA N   CA   sing N N 1   
ALA N   H    sing N N 2   
ALA N   H2   sing N N 3   
ALA CA  C    sing N N 4   
ALA CA  CB   sing N N 5   
ALA CA  HA   sing N N 6   
ALA C   O    doub N N 7   
ALA C   OXT  sing N N 8   
ALA CB  HB1  sing N N 9   
ALA CB  HB2  sing N N 10  
ALA CB  HB3  sing N N 11  
ALA OXT HXT  sing N N 12  
ARG N   CA   sing N N 13  
ARG N   H    sing N N 14  
ARG N   H2   sing N N 15  
ARG CA  C    sing N N 16  
ARG CA  CB   sing N N 17  
ARG CA  HA   sing N N 18  
ARG C   O    doub N N 19  
ARG C   OXT  sing N N 20  
ARG CB  CG   sing N N 21  
ARG CB  HB2  sing N N 22  
ARG CB  HB3  sing N N 23  
ARG CG  CD   sing N N 24  
ARG CG  HG2  sing N N 25  
ARG CG  HG3  sing N N 26  
ARG CD  NE   sing N N 27  
ARG CD  HD2  sing N N 28  
ARG CD  HD3  sing N N 29  
ARG NE  CZ   sing N N 30  
ARG NE  HE   sing N N 31  
ARG CZ  NH1  sing N N 32  
ARG CZ  NH2  doub N N 33  
ARG NH1 HH11 sing N N 34  
ARG NH1 HH12 sing N N 35  
ARG NH2 HH21 sing N N 36  
ARG NH2 HH22 sing N N 37  
ARG OXT HXT  sing N N 38  
ASN N   CA   sing N N 39  
ASN N   H    sing N N 40  
ASN N   H2   sing N N 41  
ASN CA  C    sing N N 42  
ASN CA  CB   sing N N 43  
ASN CA  HA   sing N N 44  
ASN C   O    doub N N 45  
ASN C   OXT  sing N N 46  
ASN CB  CG   sing N N 47  
ASN CB  HB2  sing N N 48  
ASN CB  HB3  sing N N 49  
ASN CG  OD1  doub N N 50  
ASN CG  ND2  sing N N 51  
ASN ND2 HD21 sing N N 52  
ASN ND2 HD22 sing N N 53  
ASN OXT HXT  sing N N 54  
ASP N   CA   sing N N 55  
ASP N   H    sing N N 56  
ASP N   H2   sing N N 57  
ASP CA  C    sing N N 58  
ASP CA  CB   sing N N 59  
ASP CA  HA   sing N N 60  
ASP C   O    doub N N 61  
ASP C   OXT  sing N N 62  
ASP CB  CG   sing N N 63  
ASP CB  HB2  sing N N 64  
ASP CB  HB3  sing N N 65  
ASP CG  OD1  doub N N 66  
ASP CG  OD2  sing N N 67  
ASP OD2 HD2  sing N N 68  
ASP OXT HXT  sing N N 69  
CYS N   CA   sing N N 70  
CYS N   H    sing N N 71  
CYS N   H2   sing N N 72  
CYS CA  C    sing N N 73  
CYS CA  CB   sing N N 74  
CYS CA  HA   sing N N 75  
CYS C   O    doub N N 76  
CYS C   OXT  sing N N 77  
CYS CB  SG   sing N N 78  
CYS CB  HB2  sing N N 79  
CYS CB  HB3  sing N N 80  
CYS SG  HG   sing N N 81  
CYS OXT HXT  sing N N 82  
FES FE1 S1   sing N N 83  
FES FE1 S2   sing N N 84  
FES FE2 S1   sing N N 85  
FES FE2 S2   sing N N 86  
GLN N   CA   sing N N 87  
GLN N   H    sing N N 88  
GLN N   H2   sing N N 89  
GLN CA  C    sing N N 90  
GLN CA  CB   sing N N 91  
GLN CA  HA   sing N N 92  
GLN C   O    doub N N 93  
GLN C   OXT  sing N N 94  
GLN CB  CG   sing N N 95  
GLN CB  HB2  sing N N 96  
GLN CB  HB3  sing N N 97  
GLN CG  CD   sing N N 98  
GLN CG  HG2  sing N N 99  
GLN CG  HG3  sing N N 100 
GLN CD  OE1  doub N N 101 
GLN CD  NE2  sing N N 102 
GLN NE2 HE21 sing N N 103 
GLN NE2 HE22 sing N N 104 
GLN OXT HXT  sing N N 105 
GLU N   CA   sing N N 106 
GLU N   H    sing N N 107 
GLU N   H2   sing N N 108 
GLU CA  C    sing N N 109 
GLU CA  CB   sing N N 110 
GLU CA  HA   sing N N 111 
GLU C   O    doub N N 112 
GLU C   OXT  sing N N 113 
GLU CB  CG   sing N N 114 
GLU CB  HB2  sing N N 115 
GLU CB  HB3  sing N N 116 
GLU CG  CD   sing N N 117 
GLU CG  HG2  sing N N 118 
GLU CG  HG3  sing N N 119 
GLU CD  OE1  doub N N 120 
GLU CD  OE2  sing N N 121 
GLU OE2 HE2  sing N N 122 
GLU OXT HXT  sing N N 123 
GLY N   CA   sing N N 124 
GLY N   H    sing N N 125 
GLY N   H2   sing N N 126 
GLY CA  C    sing N N 127 
GLY CA  HA2  sing N N 128 
GLY CA  HA3  sing N N 129 
GLY C   O    doub N N 130 
GLY C   OXT  sing N N 131 
GLY OXT HXT  sing N N 132 
HIS N   CA   sing N N 133 
HIS N   H    sing N N 134 
HIS N   H2   sing N N 135 
HIS CA  C    sing N N 136 
HIS CA  CB   sing N N 137 
HIS CA  HA   sing N N 138 
HIS C   O    doub N N 139 
HIS C   OXT  sing N N 140 
HIS CB  CG   sing N N 141 
HIS CB  HB2  sing N N 142 
HIS CB  HB3  sing N N 143 
HIS CG  ND1  sing Y N 144 
HIS CG  CD2  doub Y N 145 
HIS ND1 CE1  doub Y N 146 
HIS ND1 HD1  sing N N 147 
HIS CD2 NE2  sing Y N 148 
HIS CD2 HD2  sing N N 149 
HIS CE1 NE2  sing Y N 150 
HIS CE1 HE1  sing N N 151 
HIS NE2 HE2  sing N N 152 
HIS OXT HXT  sing N N 153 
HOH O   H1   sing N N 154 
HOH O   H2   sing N N 155 
ILE N   CA   sing N N 156 
ILE N   H    sing N N 157 
ILE N   H2   sing N N 158 
ILE CA  C    sing N N 159 
ILE CA  CB   sing N N 160 
ILE CA  HA   sing N N 161 
ILE C   O    doub N N 162 
ILE C   OXT  sing N N 163 
ILE CB  CG1  sing N N 164 
ILE CB  CG2  sing N N 165 
ILE CB  HB   sing N N 166 
ILE CG1 CD1  sing N N 167 
ILE CG1 HG12 sing N N 168 
ILE CG1 HG13 sing N N 169 
ILE CG2 HG21 sing N N 170 
ILE CG2 HG22 sing N N 171 
ILE CG2 HG23 sing N N 172 
ILE CD1 HD11 sing N N 173 
ILE CD1 HD12 sing N N 174 
ILE CD1 HD13 sing N N 175 
ILE OXT HXT  sing N N 176 
LEU N   CA   sing N N 177 
LEU N   H    sing N N 178 
LEU N   H2   sing N N 179 
LEU CA  C    sing N N 180 
LEU CA  CB   sing N N 181 
LEU CA  HA   sing N N 182 
LEU C   O    doub N N 183 
LEU C   OXT  sing N N 184 
LEU CB  CG   sing N N 185 
LEU CB  HB2  sing N N 186 
LEU CB  HB3  sing N N 187 
LEU CG  CD1  sing N N 188 
LEU CG  CD2  sing N N 189 
LEU CG  HG   sing N N 190 
LEU CD1 HD11 sing N N 191 
LEU CD1 HD12 sing N N 192 
LEU CD1 HD13 sing N N 193 
LEU CD2 HD21 sing N N 194 
LEU CD2 HD22 sing N N 195 
LEU CD2 HD23 sing N N 196 
LEU OXT HXT  sing N N 197 
LYS N   CA   sing N N 198 
LYS N   H    sing N N 199 
LYS N   H2   sing N N 200 
LYS CA  C    sing N N 201 
LYS CA  CB   sing N N 202 
LYS CA  HA   sing N N 203 
LYS C   O    doub N N 204 
LYS C   OXT  sing N N 205 
LYS CB  CG   sing N N 206 
LYS CB  HB2  sing N N 207 
LYS CB  HB3  sing N N 208 
LYS CG  CD   sing N N 209 
LYS CG  HG2  sing N N 210 
LYS CG  HG3  sing N N 211 
LYS CD  CE   sing N N 212 
LYS CD  HD2  sing N N 213 
LYS CD  HD3  sing N N 214 
LYS CE  NZ   sing N N 215 
LYS CE  HE2  sing N N 216 
LYS CE  HE3  sing N N 217 
LYS NZ  HZ1  sing N N 218 
LYS NZ  HZ2  sing N N 219 
LYS NZ  HZ3  sing N N 220 
LYS OXT HXT  sing N N 221 
MET N   CA   sing N N 222 
MET N   H    sing N N 223 
MET N   H2   sing N N 224 
MET CA  C    sing N N 225 
MET CA  CB   sing N N 226 
MET CA  HA   sing N N 227 
MET C   O    doub N N 228 
MET C   OXT  sing N N 229 
MET CB  CG   sing N N 230 
MET CB  HB2  sing N N 231 
MET CB  HB3  sing N N 232 
MET CG  SD   sing N N 233 
MET CG  HG2  sing N N 234 
MET CG  HG3  sing N N 235 
MET SD  CE   sing N N 236 
MET CE  HE1  sing N N 237 
MET CE  HE2  sing N N 238 
MET CE  HE3  sing N N 239 
MET OXT HXT  sing N N 240 
PHE N   CA   sing N N 241 
PHE N   H    sing N N 242 
PHE N   H2   sing N N 243 
PHE CA  C    sing N N 244 
PHE CA  CB   sing N N 245 
PHE CA  HA   sing N N 246 
PHE C   O    doub N N 247 
PHE C   OXT  sing N N 248 
PHE CB  CG   sing N N 249 
PHE CB  HB2  sing N N 250 
PHE CB  HB3  sing N N 251 
PHE CG  CD1  doub Y N 252 
PHE CG  CD2  sing Y N 253 
PHE CD1 CE1  sing Y N 254 
PHE CD1 HD1  sing N N 255 
PHE CD2 CE2  doub Y N 256 
PHE CD2 HD2  sing N N 257 
PHE CE1 CZ   doub Y N 258 
PHE CE1 HE1  sing N N 259 
PHE CE2 CZ   sing Y N 260 
PHE CE2 HE2  sing N N 261 
PHE CZ  HZ   sing N N 262 
PHE OXT HXT  sing N N 263 
PRO N   CA   sing N N 264 
PRO N   CD   sing N N 265 
PRO N   H    sing N N 266 
PRO CA  C    sing N N 267 
PRO CA  CB   sing N N 268 
PRO CA  HA   sing N N 269 
PRO C   O    doub N N 270 
PRO C   OXT  sing N N 271 
PRO CB  CG   sing N N 272 
PRO CB  HB2  sing N N 273 
PRO CB  HB3  sing N N 274 
PRO CG  CD   sing N N 275 
PRO CG  HG2  sing N N 276 
PRO CG  HG3  sing N N 277 
PRO CD  HD2  sing N N 278 
PRO CD  HD3  sing N N 279 
PRO OXT HXT  sing N N 280 
SER N   CA   sing N N 281 
SER N   H    sing N N 282 
SER N   H2   sing N N 283 
SER CA  C    sing N N 284 
SER CA  CB   sing N N 285 
SER CA  HA   sing N N 286 
SER C   O    doub N N 287 
SER C   OXT  sing N N 288 
SER CB  OG   sing N N 289 
SER CB  HB2  sing N N 290 
SER CB  HB3  sing N N 291 
SER OG  HG   sing N N 292 
SER OXT HXT  sing N N 293 
THR N   CA   sing N N 294 
THR N   H    sing N N 295 
THR N   H2   sing N N 296 
THR CA  C    sing N N 297 
THR CA  CB   sing N N 298 
THR CA  HA   sing N N 299 
THR C   O    doub N N 300 
THR C   OXT  sing N N 301 
THR CB  OG1  sing N N 302 
THR CB  CG2  sing N N 303 
THR CB  HB   sing N N 304 
THR OG1 HG1  sing N N 305 
THR CG2 HG21 sing N N 306 
THR CG2 HG22 sing N N 307 
THR CG2 HG23 sing N N 308 
THR OXT HXT  sing N N 309 
TRP N   CA   sing N N 310 
TRP N   H    sing N N 311 
TRP N   H2   sing N N 312 
TRP CA  C    sing N N 313 
TRP CA  CB   sing N N 314 
TRP CA  HA   sing N N 315 
TRP C   O    doub N N 316 
TRP C   OXT  sing N N 317 
TRP CB  CG   sing N N 318 
TRP CB  HB2  sing N N 319 
TRP CB  HB3  sing N N 320 
TRP CG  CD1  doub Y N 321 
TRP CG  CD2  sing Y N 322 
TRP CD1 NE1  sing Y N 323 
TRP CD1 HD1  sing N N 324 
TRP CD2 CE2  doub Y N 325 
TRP CD2 CE3  sing Y N 326 
TRP NE1 CE2  sing Y N 327 
TRP NE1 HE1  sing N N 328 
TRP CE2 CZ2  sing Y N 329 
TRP CE3 CZ3  doub Y N 330 
TRP CE3 HE3  sing N N 331 
TRP CZ2 CH2  doub Y N 332 
TRP CZ2 HZ2  sing N N 333 
TRP CZ3 CH2  sing Y N 334 
TRP CZ3 HZ3  sing N N 335 
TRP CH2 HH2  sing N N 336 
TRP OXT HXT  sing N N 337 
TYR N   CA   sing N N 338 
TYR N   H    sing N N 339 
TYR N   H2   sing N N 340 
TYR CA  C    sing N N 341 
TYR CA  CB   sing N N 342 
TYR CA  HA   sing N N 343 
TYR C   O    doub N N 344 
TYR C   OXT  sing N N 345 
TYR CB  CG   sing N N 346 
TYR CB  HB2  sing N N 347 
TYR CB  HB3  sing N N 348 
TYR CG  CD1  doub Y N 349 
TYR CG  CD2  sing Y N 350 
TYR CD1 CE1  sing Y N 351 
TYR CD1 HD1  sing N N 352 
TYR CD2 CE2  doub Y N 353 
TYR CD2 HD2  sing N N 354 
TYR CE1 CZ   doub Y N 355 
TYR CE1 HE1  sing N N 356 
TYR CE2 CZ   sing Y N 357 
TYR CE2 HE2  sing N N 358 
TYR CZ  OH   sing N N 359 
TYR OH  HH   sing N N 360 
TYR OXT HXT  sing N N 361 
VAL N   CA   sing N N 362 
VAL N   H    sing N N 363 
VAL N   H2   sing N N 364 
VAL CA  C    sing N N 365 
VAL CA  CB   sing N N 366 
VAL CA  HA   sing N N 367 
VAL C   O    doub N N 368 
VAL C   OXT  sing N N 369 
VAL CB  CG1  sing N N 370 
VAL CB  CG2  sing N N 371 
VAL CB  HB   sing N N 372 
VAL CG1 HG11 sing N N 373 
VAL CG1 HG12 sing N N 374 
VAL CG1 HG13 sing N N 375 
VAL CG2 HG21 sing N N 376 
VAL CG2 HG22 sing N N 377 
VAL CG2 HG23 sing N N 378 
VAL OXT HXT  sing N N 379 
# 
loop_
_pdbx_entity_nonpoly.entity_id 
_pdbx_entity_nonpoly.name 
_pdbx_entity_nonpoly.comp_id 
2 'FE2/S2 (INORGANIC) CLUSTER' FES 
3 water                        HOH 
# 
_pdbx_initial_refinement_model.id               1 
_pdbx_initial_refinement_model.entity_id_list   ? 
_pdbx_initial_refinement_model.type             'experimental model' 
_pdbx_initial_refinement_model.source_name      PDB 
_pdbx_initial_refinement_model.accession_code   1R7S 
_pdbx_initial_refinement_model.details          ? 
# 
